data_4UIM
#
_entry.id   4UIM
#
_cell.length_a   67.320
_cell.length_b   145.240
_cell.length_c   101.490
_cell.angle_alpha   90.00
_cell.angle_beta   90.88
_cell.angle_gamma   90.00
#
_symmetry.space_group_name_H-M   'P 1 21 1'
#
loop_
_entity.id
_entity.type
_entity.pdbx_description
1 polymer 'FAB 314.3'
2 polymer 'FAB 314.3'
3 non-polymer 'SULFATE ION'
4 water water
#
loop_
_entity_poly.entity_id
_entity_poly.type
_entity_poly.pdbx_seq_one_letter_code
_entity_poly.pdbx_strand_id
1 'polypeptide(L)'
;EVQLQQSGTVLARPGASVKMSCEASGYTFTSYWMHWLKKRPGQGLEWIGTIYPGNSDSSYNQRFKGKAKLTAVTSTSTAY
MELSSLTNEDSAVYYCTRERGLYYGGRSFDYWGQGTTLTVSSAKTTPPSVYPLAPGSAAQTNSMVTLGCLVKGYFPEPVT
VTWNSGSLSSGVHTFPAVLESDLYTLSSSVTVPSSPRPSETVTCNVAHPASSTKVDKKIVPRDCG
;
A,C,E,H
2 'polypeptide(L)'
;DIQMTQTTSSLSASLGDRVTISCRASQDISNYLTWYQQKPDGTVKLLIYYTSKLHSGVPSRFSGSGSGTDYSLTISNLEQ
EDVANYFCQQGNSLPPTFGGGTKLEIKRADAAPTVSIFPPSSEQLTSGGASVVCFLNNFYPKDINVKWKIDGSERQNGVL
NSWTDQDSKDSTYSMSSTLTLTKDEYERHNSYTCEATHKTSTSPIVKSFNRNEC
;
B,D,F,L
#
loop_
_chem_comp.id
_chem_comp.type
_chem_comp.name
_chem_comp.formula
SO4 non-polymer 'SULFATE ION' 'O4 S -2'
#
# COMPACT_ATOMS: atom_id res chain seq x y z
N GLU A 1 22.39 6.53 44.34
CA GLU A 1 21.88 7.43 43.28
C GLU A 1 20.36 7.57 43.43
N VAL A 2 19.66 7.70 42.31
CA VAL A 2 18.21 7.75 42.31
C VAL A 2 17.63 6.36 42.05
N GLN A 3 18.48 5.45 41.59
CA GLN A 3 18.09 4.10 41.17
C GLN A 3 17.04 3.39 42.01
N LEU A 4 16.13 2.73 41.30
CA LEU A 4 15.11 1.86 41.87
C LEU A 4 15.35 0.42 41.42
N GLN A 5 15.06 -0.54 42.31
CA GLN A 5 15.38 -1.95 42.09
C GLN A 5 14.15 -2.84 42.01
N GLN A 6 13.95 -3.44 40.84
CA GLN A 6 12.79 -4.28 40.60
C GLN A 6 13.04 -5.70 41.11
N SER A 7 11.99 -6.52 41.15
CA SER A 7 12.08 -7.88 41.70
C SER A 7 12.71 -8.82 40.68
N GLY A 8 13.05 -10.02 41.13
CA GLY A 8 13.67 -11.01 40.27
C GLY A 8 12.64 -11.60 39.33
N THR A 9 13.08 -12.47 38.42
CA THR A 9 12.21 -13.10 37.44
C THR A 9 11.16 -13.99 38.12
N VAL A 10 9.97 -14.05 37.52
CA VAL A 10 8.85 -14.77 38.12
C VAL A 10 8.15 -15.72 37.15
N LEU A 11 7.85 -16.91 37.63
CA LEU A 11 7.09 -17.90 36.86
C LEU A 11 5.65 -17.90 37.36
N ALA A 12 4.69 -17.97 36.44
CA ALA A 12 3.28 -17.99 36.80
C ALA A 12 2.49 -18.88 35.84
N ARG A 13 1.37 -19.45 36.30
CA ARG A 13 0.54 -20.29 35.45
C ARG A 13 -0.51 -19.45 34.73
N PRO A 14 -0.97 -19.93 33.57
CA PRO A 14 -2.06 -19.23 32.87
C PRO A 14 -3.32 -19.18 33.73
N GLY A 15 -3.97 -18.03 33.78
CA GLY A 15 -5.18 -17.87 34.57
C GLY A 15 -4.85 -17.37 35.96
N ALA A 16 -3.58 -17.47 36.34
CA ALA A 16 -3.11 -17.03 37.65
C ALA A 16 -2.84 -15.53 37.67
N SER A 17 -2.33 -15.06 38.80
CA SER A 17 -1.98 -13.65 38.98
C SER A 17 -0.59 -13.53 39.58
N VAL A 18 0.08 -12.43 39.29
CA VAL A 18 1.43 -12.18 39.81
C VAL A 18 1.50 -10.76 40.34
N LYS A 19 2.50 -10.50 41.17
CA LYS A 19 2.68 -9.20 41.81
C LYS A 19 4.16 -8.85 41.74
N MET A 20 4.45 -7.76 41.03
CA MET A 20 5.82 -7.33 40.77
C MET A 20 6.15 -6.08 41.56
N SER A 21 7.41 -5.93 41.96
CA SER A 21 7.78 -4.83 42.85
C SER A 21 8.90 -3.98 42.31
N CYS A 22 9.03 -2.77 42.86
CA CYS A 22 10.07 -1.83 42.48
C CYS A 22 10.48 -1.03 43.72
N GLU A 23 11.70 -1.24 44.19
CA GLU A 23 12.20 -0.55 45.38
C GLU A 23 12.90 0.76 45.03
N ALA A 24 12.40 1.85 45.60
CA ALA A 24 12.92 3.18 45.29
C ALA A 24 13.96 3.64 46.32
N SER A 25 14.92 4.43 45.86
CA SER A 25 15.93 5.00 46.74
C SER A 25 16.54 6.25 46.12
N GLY A 26 17.03 7.15 46.96
CA GLY A 26 17.75 8.33 46.50
C GLY A 26 16.90 9.56 46.28
N TYR A 27 15.59 9.44 46.46
CA TYR A 27 14.69 10.57 46.26
C TYR A 27 13.41 10.44 47.07
N THR A 28 12.52 11.41 46.93
CA THR A 28 11.26 11.41 47.65
C THR A 28 10.20 10.62 46.89
N PHE A 29 9.94 9.40 47.35
CA PHE A 29 9.07 8.47 46.67
C PHE A 29 7.66 9.03 46.46
N THR A 30 7.17 9.78 47.44
CA THR A 30 5.79 10.27 47.43
C THR A 30 5.59 11.47 46.49
N SER A 31 6.65 11.88 45.80
CA SER A 31 6.63 13.13 45.03
C SER A 31 6.47 12.92 43.54
N TYR A 32 7.25 12.01 42.97
CA TYR A 32 7.25 11.76 41.53
C TYR A 32 6.35 10.59 41.14
N TRP A 33 5.72 10.69 39.97
CA TRP A 33 4.88 9.62 39.44
C TRP A 33 5.74 8.44 38.97
N MET A 34 5.30 7.23 39.29
CA MET A 34 5.99 6.03 38.84
C MET A 34 5.20 5.38 37.70
N HIS A 35 5.92 4.81 36.74
CA HIS A 35 5.28 4.21 35.56
C HIS A 35 5.75 2.79 35.32
N TRP A 36 4.85 1.98 34.78
CA TRP A 36 5.14 0.60 34.43
C TRP A 36 4.99 0.39 32.94
N LEU A 37 5.95 -0.31 32.35
CA LEU A 37 5.97 -0.53 30.90
C LEU A 37 6.15 -2.02 30.60
N LYS A 38 5.69 -2.43 29.43
CA LYS A 38 5.73 -3.82 29.03
C LYS A 38 6.47 -4.01 27.73
N LYS A 39 7.56 -4.76 27.80
CA LYS A 39 8.38 -5.03 26.62
C LYS A 39 8.31 -6.49 26.18
N ARG A 40 7.83 -6.69 24.97
CA ARG A 40 7.74 -8.00 24.34
C ARG A 40 8.90 -8.12 23.34
N PRO A 41 9.22 -9.34 22.90
CA PRO A 41 10.53 -9.69 22.34
C PRO A 41 10.97 -8.90 21.11
N GLY A 42 10.08 -8.72 20.14
CA GLY A 42 10.40 -8.02 18.91
C GLY A 42 9.80 -6.63 18.86
N GLN A 43 8.93 -6.33 19.82
CA GLN A 43 8.09 -5.15 19.75
C GLN A 43 8.58 -4.02 20.64
N GLY A 44 8.01 -2.84 20.41
CA GLY A 44 8.38 -1.67 21.18
C GLY A 44 7.77 -1.64 22.55
N LEU A 45 8.28 -0.74 23.38
CA LEU A 45 7.86 -0.59 24.75
C LEU A 45 6.40 -0.12 24.78
N GLU A 46 5.60 -0.73 25.65
CA GLU A 46 4.18 -0.41 25.70
C GLU A 46 3.83 0.14 27.09
N TRP A 47 3.03 1.20 27.11
CA TRP A 47 2.68 1.85 28.36
C TRP A 47 1.48 1.18 29.01
N ILE A 48 1.64 0.84 30.29
CA ILE A 48 0.59 0.19 31.04
C ILE A 48 -0.21 1.22 31.83
N GLY A 49 0.48 1.94 32.71
CA GLY A 49 -0.17 2.96 33.51
C GLY A 49 0.82 3.66 34.43
N THR A 50 0.30 4.48 35.32
CA THR A 50 1.12 5.24 36.25
C THR A 50 0.33 5.45 37.55
N ILE A 51 1.06 5.58 38.64
CA ILE A 51 0.44 5.81 39.94
C ILE A 51 1.20 6.85 40.73
N TYR A 52 0.46 7.65 41.49
CA TYR A 52 1.03 8.70 42.32
C TYR A 52 0.95 8.27 43.78
N PRO A 53 2.10 7.88 44.37
CA PRO A 53 2.20 7.35 45.73
C PRO A 53 1.64 8.28 46.82
N GLY A 54 1.42 9.55 46.50
CA GLY A 54 0.91 10.48 47.50
C GLY A 54 -0.58 10.34 47.75
N ASN A 55 -1.36 10.25 46.68
CA ASN A 55 -2.81 10.06 46.79
C ASN A 55 -3.24 8.77 46.10
N SER A 56 -2.27 8.03 45.59
CA SER A 56 -2.52 6.76 44.92
C SER A 56 -3.48 6.97 43.74
N ASP A 57 -3.50 8.20 43.23
CA ASP A 57 -4.29 8.54 42.05
C ASP A 57 -3.62 7.84 40.87
N SER A 58 -4.43 7.36 39.92
CA SER A 58 -3.93 6.48 38.88
C SER A 58 -4.39 6.86 37.47
N SER A 59 -3.64 6.38 36.48
CA SER A 59 -4.03 6.48 35.08
C SER A 59 -3.60 5.22 34.35
N TYR A 60 -4.52 4.66 33.56
CA TYR A 60 -4.27 3.40 32.88
C TYR A 60 -4.48 3.50 31.38
N ASN A 61 -3.69 2.75 30.62
CA ASN A 61 -3.97 2.50 29.22
C ASN A 61 -5.25 1.68 29.09
N GLN A 62 -6.05 1.99 28.08
CA GLN A 62 -7.34 1.34 27.89
C GLN A 62 -7.16 -0.16 27.67
N ARG A 63 -5.98 -0.56 27.20
CA ARG A 63 -5.72 -1.95 26.85
C ARG A 63 -5.44 -2.81 28.10
N PHE A 64 -4.79 -2.21 29.10
CA PHE A 64 -4.45 -2.93 30.33
C PHE A 64 -5.46 -2.64 31.43
N LYS A 65 -6.53 -1.96 31.07
CA LYS A 65 -7.58 -1.62 32.01
C LYS A 65 -8.40 -2.87 32.36
N GLY A 66 -8.35 -3.25 33.63
CA GLY A 66 -9.01 -4.47 34.08
C GLY A 66 -8.05 -5.63 34.23
N LYS A 67 -6.86 -5.49 33.66
CA LYS A 67 -5.84 -6.53 33.72
C LYS A 67 -4.79 -6.23 34.76
N ALA A 68 -4.27 -5.00 34.75
CA ALA A 68 -3.23 -4.59 35.68
C ALA A 68 -3.75 -3.62 36.74
N LYS A 69 -3.46 -3.93 38.00
CA LYS A 69 -3.77 -3.03 39.11
C LYS A 69 -2.48 -2.49 39.72
N LEU A 70 -2.42 -1.18 39.94
CA LEU A 70 -1.21 -0.55 40.47
C LEU A 70 -1.45 -0.06 41.89
N THR A 71 -0.39 -0.13 42.71
CA THR A 71 -0.47 0.27 44.10
C THR A 71 0.91 0.73 44.58
N ALA A 72 0.93 1.45 45.70
CA ALA A 72 2.20 1.95 46.23
C ALA A 72 2.24 1.90 47.76
N VAL A 73 3.36 1.41 48.28
CA VAL A 73 3.59 1.38 49.73
C VAL A 73 4.74 2.34 50.07
N THR A 74 4.38 3.43 50.73
CA THR A 74 5.32 4.49 51.07
C THR A 74 6.36 4.08 52.11
N SER A 75 5.94 3.30 53.10
CA SER A 75 6.83 2.90 54.20
C SER A 75 8.14 2.30 53.69
N THR A 76 8.04 1.44 52.68
CA THR A 76 9.20 0.73 52.14
C THR A 76 9.65 1.33 50.81
N SER A 77 9.02 2.42 50.40
CA SER A 77 9.34 3.06 49.13
C SER A 77 9.29 2.04 48.00
N THR A 78 8.20 1.30 47.93
CA THR A 78 8.05 0.25 46.93
C THR A 78 6.73 0.38 46.19
N ALA A 79 6.79 0.28 44.87
CA ALA A 79 5.60 0.28 44.04
C ALA A 79 5.33 -1.16 43.59
N TYR A 80 4.06 -1.48 43.35
CA TYR A 80 3.67 -2.81 42.92
C TYR A 80 2.76 -2.77 41.70
N MET A 81 2.89 -3.77 40.85
CA MET A 81 1.93 -3.98 39.75
C MET A 81 1.42 -5.40 39.82
N GLU A 82 0.11 -5.55 39.72
CA GLU A 82 -0.51 -6.86 39.77
C GLU A 82 -1.12 -7.19 38.42
N LEU A 83 -0.77 -8.36 37.89
CA LEU A 83 -1.35 -8.83 36.64
C LEU A 83 -2.23 -10.04 36.90
N SER A 84 -3.47 -9.95 36.42
CA SER A 84 -4.49 -10.97 36.67
C SER A 84 -4.88 -11.69 35.39
N SER A 85 -5.62 -12.78 35.53
CA SER A 85 -6.05 -13.60 34.39
C SER A 85 -4.93 -13.69 33.36
N LEU A 86 -3.83 -14.34 33.74
CA LEU A 86 -2.63 -14.41 32.92
C LEU A 86 -2.80 -15.28 31.69
N THR A 87 -2.16 -14.86 30.60
CA THR A 87 -2.05 -15.66 29.39
C THR A 87 -0.60 -15.58 28.92
N ASN A 88 -0.26 -16.32 27.88
CA ASN A 88 1.09 -16.31 27.36
C ASN A 88 1.49 -14.95 26.77
N GLU A 89 0.51 -14.20 26.28
CA GLU A 89 0.77 -12.88 25.70
C GLU A 89 1.18 -11.88 26.77
N ASP A 90 0.99 -12.24 28.04
CA ASP A 90 1.40 -11.38 29.15
C ASP A 90 2.86 -11.65 29.52
N SER A 91 3.43 -12.75 28.99
CA SER A 91 4.84 -13.07 29.19
C SER A 91 5.71 -12.03 28.52
N ALA A 92 6.55 -11.34 29.30
CA ALA A 92 7.35 -10.26 28.76
C ALA A 92 8.31 -9.69 29.80
N VAL A 93 8.99 -8.61 29.44
CA VAL A 93 9.82 -7.87 30.39
C VAL A 93 9.12 -6.59 30.81
N TYR A 94 8.91 -6.44 32.12
CA TYR A 94 8.21 -5.27 32.63
C TYR A 94 9.18 -4.33 33.33
N TYR A 95 9.10 -3.04 32.98
CA TYR A 95 9.97 -2.02 33.52
C TYR A 95 9.20 -1.07 34.41
N CYS A 96 9.81 -0.66 35.53
CA CYS A 96 9.26 0.44 36.33
C CYS A 96 10.17 1.63 36.18
N THR A 97 9.58 2.81 36.02
CA THR A 97 10.37 4.02 35.82
C THR A 97 9.64 5.25 36.37
N ARG A 98 10.40 6.33 36.56
CA ARG A 98 9.85 7.57 37.10
C ARG A 98 9.62 8.64 36.03
N GLU A 99 8.48 9.33 36.14
CA GLU A 99 8.17 10.42 35.23
C GLU A 99 8.70 11.73 35.76
N ARG A 100 9.22 12.55 34.85
CA ARG A 100 9.70 13.87 35.24
C ARG A 100 9.69 14.85 34.08
N GLY A 101 9.15 16.05 34.33
CA GLY A 101 9.20 17.13 33.37
C GLY A 101 10.60 17.76 33.40
N LEU A 102 11.39 17.49 32.38
CA LEU A 102 12.73 18.06 32.29
C LEU A 102 12.66 19.36 31.50
N TYR A 103 11.54 19.54 30.82
CA TYR A 103 11.25 20.74 30.06
C TYR A 103 9.77 20.98 30.21
N TYR A 104 9.38 22.25 30.38
CA TYR A 104 7.99 22.51 30.69
C TYR A 104 7.21 22.11 29.45
N GLY A 105 6.59 20.95 29.55
CA GLY A 105 5.85 20.36 28.45
C GLY A 105 5.43 18.96 28.88
N GLY A 106 6.36 18.25 29.52
CA GLY A 106 6.04 16.96 30.10
C GLY A 106 6.61 15.65 29.61
N ARG A 107 6.45 14.67 30.51
CA ARG A 107 6.74 13.26 30.30
C ARG A 107 8.02 12.83 29.58
N SER A 108 9.05 12.60 30.39
CA SER A 108 10.22 11.84 29.99
C SER A 108 10.47 10.93 31.19
N PHE A 109 11.26 9.88 31.03
CA PHE A 109 11.54 8.98 32.14
C PHE A 109 13.03 8.95 32.40
N ASP A 110 13.44 9.55 33.51
CA ASP A 110 14.85 9.85 33.72
C ASP A 110 15.61 8.71 34.41
N TYR A 111 14.93 7.87 35.16
CA TYR A 111 15.58 6.74 35.81
C TYR A 111 14.73 5.49 35.73
N TRP A 112 15.40 4.36 35.48
CA TRP A 112 14.71 3.11 35.19
C TRP A 112 15.14 1.98 36.10
N GLY A 113 14.27 1.00 36.25
CA GLY A 113 14.64 -0.23 36.91
C GLY A 113 15.36 -1.13 35.92
N GLN A 114 15.88 -2.25 36.40
CA GLN A 114 16.64 -3.16 35.57
C GLN A 114 15.73 -4.08 34.77
N GLY A 115 14.44 -4.04 35.10
CA GLY A 115 13.45 -4.84 34.41
C GLY A 115 13.20 -6.15 35.12
N THR A 116 11.97 -6.64 35.04
CA THR A 116 11.60 -7.94 35.59
C THR A 116 10.92 -8.76 34.51
N THR A 117 11.45 -9.95 34.25
CA THR A 117 10.91 -10.80 33.20
C THR A 117 9.88 -11.75 33.81
N LEU A 118 8.71 -11.82 33.17
CA LEU A 118 7.63 -12.70 33.59
C LEU A 118 7.47 -13.80 32.57
N THR A 119 7.50 -15.05 33.03
CA THR A 119 7.33 -16.20 32.15
C THR A 119 6.05 -16.94 32.52
N VAL A 120 5.12 -16.99 31.59
CA VAL A 120 3.84 -17.67 31.81
C VAL A 120 3.75 -19.03 31.11
N SER A 121 3.61 -20.10 31.87
CA SER A 121 3.44 -21.43 31.31
C SER A 121 2.89 -22.40 32.34
N SER A 122 2.30 -23.49 31.84
CA SER A 122 1.75 -24.54 32.68
C SER A 122 2.78 -25.66 32.86
N ALA A 123 3.92 -25.51 32.18
CA ALA A 123 5.01 -26.48 32.26
C ALA A 123 5.52 -26.67 33.68
N LYS A 124 5.94 -27.90 33.97
CA LYS A 124 6.50 -28.25 35.28
C LYS A 124 8.02 -28.30 35.21
N THR A 125 8.68 -28.13 36.34
CA THR A 125 10.14 -28.17 36.40
C THR A 125 10.64 -29.50 35.85
N THR A 126 11.45 -29.42 34.80
CA THR A 126 11.92 -30.60 34.09
C THR A 126 13.43 -30.57 33.81
N PRO A 127 14.14 -31.65 34.17
CA PRO A 127 15.58 -31.72 33.90
C PRO A 127 15.84 -31.80 32.39
N PRO A 128 17.00 -31.33 31.93
CA PRO A 128 17.37 -31.35 30.52
C PRO A 128 17.86 -32.72 30.07
N SER A 129 17.57 -33.08 28.83
CA SER A 129 18.19 -34.24 28.21
C SER A 129 19.39 -33.74 27.42
N VAL A 130 20.53 -34.37 27.61
CA VAL A 130 21.76 -33.90 26.99
C VAL A 130 22.27 -34.91 25.98
N TYR A 131 22.39 -34.47 24.73
CA TYR A 131 22.78 -35.37 23.65
C TYR A 131 24.05 -34.87 22.98
N PRO A 132 25.02 -35.77 22.80
CA PRO A 132 26.30 -35.45 22.16
C PRO A 132 26.14 -35.29 20.65
N LEU A 133 26.84 -34.33 20.07
CA LEU A 133 26.85 -34.14 18.61
C LEU A 133 28.21 -34.49 18.04
N ALA A 134 28.32 -35.67 17.46
CA ALA A 134 29.54 -36.10 16.78
C ALA A 134 29.25 -36.13 15.27
N PRO A 135 30.27 -35.81 14.45
CA PRO A 135 30.05 -35.85 13.00
C PRO A 135 29.69 -37.26 12.56
N GLY A 136 29.26 -37.45 11.32
CA GLY A 136 28.89 -38.77 10.86
C GLY A 136 30.16 -39.53 10.53
N SER A 137 30.19 -40.80 10.92
CA SER A 137 31.38 -41.63 10.80
C SER A 137 32.01 -41.61 9.41
N ALA A 138 31.21 -41.87 8.38
CA ALA A 138 31.64 -41.64 7.00
C ALA A 138 31.46 -40.16 6.62
N ALA A 139 32.45 -39.34 6.95
CA ALA A 139 32.35 -37.89 6.72
C ALA A 139 33.63 -37.44 6.05
N GLN A 140 33.66 -36.21 5.54
CA GLN A 140 34.89 -35.65 5.00
C GLN A 140 35.68 -34.91 6.09
N THR A 141 36.81 -35.47 6.48
CA THR A 141 37.65 -34.89 7.53
C THR A 141 38.44 -33.68 7.03
N ASN A 142 38.33 -32.56 7.74
CA ASN A 142 39.21 -31.41 7.50
C ASN A 142 40.11 -31.19 8.71
N SER A 143 41.06 -30.26 8.59
CA SER A 143 42.02 -30.00 9.66
C SER A 143 41.33 -29.60 10.97
N MET A 144 40.17 -28.96 10.86
CA MET A 144 39.44 -28.53 12.05
C MET A 144 38.19 -29.39 12.14
N VAL A 145 37.68 -29.59 13.36
CA VAL A 145 36.48 -30.40 13.54
C VAL A 145 35.53 -29.76 14.54
N THR A 146 34.25 -29.80 14.24
CA THR A 146 33.26 -29.18 15.09
C THR A 146 32.41 -30.24 15.78
N LEU A 147 32.26 -30.09 17.09
CA LEU A 147 31.42 -30.96 17.90
C LEU A 147 30.39 -30.09 18.62
N GLY A 148 29.55 -30.70 19.43
CA GLY A 148 28.56 -29.97 20.19
C GLY A 148 27.68 -30.88 21.00
N CYS A 149 26.83 -30.31 21.86
CA CYS A 149 25.85 -31.11 22.58
C CYS A 149 24.52 -30.38 22.63
N LEU A 150 23.46 -31.12 22.34
CA LEU A 150 22.10 -30.61 22.31
C LEU A 150 21.44 -30.79 23.67
N VAL A 151 20.94 -29.70 24.25
CA VAL A 151 20.28 -29.77 25.55
C VAL A 151 18.78 -29.55 25.38
N LYS A 152 17.98 -30.58 25.66
CA LYS A 152 16.58 -30.58 25.24
C LYS A 152 15.56 -30.86 26.34
N GLY A 153 14.40 -30.23 26.23
CA GLY A 153 13.25 -30.53 27.06
C GLY A 153 13.43 -30.23 28.53
N TYR A 154 13.97 -29.04 28.82
CA TYR A 154 14.19 -28.63 30.20
C TYR A 154 13.31 -27.43 30.53
N PHE A 155 13.09 -27.22 31.82
CA PHE A 155 12.32 -26.07 32.29
C PHE A 155 12.53 -25.87 33.79
N PRO A 156 12.67 -24.62 34.22
CA PRO A 156 12.67 -23.43 33.36
C PRO A 156 14.09 -23.05 32.94
N GLU A 157 14.24 -21.86 32.37
CA GLU A 157 15.57 -21.30 32.17
C GLU A 157 16.10 -20.84 33.53
N PRO A 158 17.42 -20.66 33.65
CA PRO A 158 18.43 -20.86 32.62
C PRO A 158 19.11 -22.22 32.73
N VAL A 159 19.99 -22.50 31.77
CA VAL A 159 20.88 -23.64 31.85
C VAL A 159 22.28 -23.15 31.50
N THR A 160 23.30 -23.78 32.07
CA THR A 160 24.69 -23.35 31.86
C THR A 160 25.46 -24.40 31.09
N VAL A 161 26.22 -23.97 30.09
CA VAL A 161 27.00 -24.89 29.27
C VAL A 161 28.48 -24.49 29.20
N THR A 162 29.35 -25.45 29.48
CA THR A 162 30.78 -25.23 29.37
C THR A 162 31.43 -26.41 28.64
N TRP A 163 32.70 -26.27 28.29
CA TRP A 163 33.42 -27.35 27.61
C TRP A 163 34.74 -27.70 28.31
N ASN A 164 34.89 -28.97 28.66
CA ASN A 164 36.04 -29.41 29.44
C ASN A 164 36.21 -28.53 30.67
N SER A 165 35.11 -28.25 31.35
CA SER A 165 35.11 -27.50 32.60
C SER A 165 35.62 -26.07 32.40
N GLY A 166 35.47 -25.55 31.19
CA GLY A 166 35.84 -24.19 30.90
C GLY A 166 37.20 -24.08 30.22
N SER A 167 37.90 -25.20 30.13
CA SER A 167 39.23 -25.23 29.52
C SER A 167 39.16 -24.89 28.03
N LEU A 168 37.96 -25.02 27.46
CA LEU A 168 37.72 -24.65 26.08
C LEU A 168 36.71 -23.51 25.98
N SER A 169 37.21 -22.27 26.03
CA SER A 169 36.35 -21.11 25.85
C SER A 169 36.39 -20.65 24.39
N SER A 170 37.42 -21.09 23.67
CA SER A 170 37.64 -20.63 22.30
C SER A 170 36.97 -21.55 21.27
N GLY A 171 36.40 -20.95 20.24
CA GLY A 171 35.73 -21.70 19.19
C GLY A 171 34.40 -22.25 19.66
N VAL A 172 33.84 -21.62 20.69
CA VAL A 172 32.59 -22.09 21.29
C VAL A 172 31.42 -21.17 20.97
N HIS A 173 30.29 -21.77 20.63
CA HIS A 173 29.06 -21.03 20.42
C HIS A 173 27.93 -21.70 21.16
N THR A 174 27.36 -21.01 22.13
CA THR A 174 26.21 -21.52 22.85
C THR A 174 25.01 -20.70 22.42
N PHE A 175 23.99 -21.37 21.89
CA PHE A 175 22.88 -20.68 21.26
C PHE A 175 21.72 -20.42 22.23
N PRO A 176 21.00 -19.30 22.02
CA PRO A 176 19.84 -18.94 22.83
C PRO A 176 18.83 -20.08 22.85
N ALA A 177 18.18 -20.29 23.99
CA ALA A 177 17.18 -21.34 24.09
C ALA A 177 15.96 -20.94 23.27
N VAL A 178 15.23 -21.93 22.80
CA VAL A 178 13.98 -21.70 22.09
C VAL A 178 12.88 -22.53 22.74
N LEU A 179 11.65 -22.06 22.61
CA LEU A 179 10.53 -22.72 23.27
C LEU A 179 9.89 -23.68 22.28
N GLU A 180 9.89 -24.96 22.64
CA GLU A 180 9.23 -26.01 21.86
C GLU A 180 8.43 -26.95 22.74
N SER A 181 7.14 -27.02 22.48
CA SER A 181 6.22 -27.85 23.24
C SER A 181 6.34 -27.55 24.73
N ASP A 182 6.34 -26.26 25.07
CA ASP A 182 6.29 -25.83 26.46
C ASP A 182 7.58 -26.16 27.22
N LEU A 183 8.59 -26.60 26.48
CA LEU A 183 9.90 -26.96 27.04
C LEU A 183 11.02 -26.23 26.30
N TYR A 184 12.10 -25.90 27.00
CA TYR A 184 13.19 -25.17 26.37
C TYR A 184 14.22 -26.10 25.77
N THR A 185 14.87 -25.61 24.72
CA THR A 185 15.90 -26.37 24.02
C THR A 185 16.95 -25.43 23.45
N LEU A 186 18.21 -25.82 23.60
CA LEU A 186 19.30 -25.06 23.01
C LEU A 186 20.43 -26.02 22.63
N SER A 187 21.43 -25.50 21.94
CA SER A 187 22.57 -26.32 21.57
C SER A 187 23.85 -25.52 21.71
N SER A 188 24.98 -26.22 21.82
CA SER A 188 26.28 -25.56 21.89
C SER A 188 27.26 -26.25 20.96
N SER A 189 28.00 -25.45 20.20
CA SER A 189 29.02 -25.96 19.29
C SER A 189 30.39 -25.66 19.85
N VAL A 190 31.36 -26.51 19.52
CA VAL A 190 32.74 -26.26 19.89
C VAL A 190 33.66 -26.76 18.77
N THR A 191 34.56 -25.89 18.33
CA THR A 191 35.48 -26.21 17.24
C THR A 191 36.91 -26.30 17.73
N VAL A 192 37.58 -27.40 17.38
CA VAL A 192 38.97 -27.63 17.78
C VAL A 192 39.80 -28.12 16.60
N PRO A 193 41.13 -27.93 16.66
CA PRO A 193 41.90 -28.63 15.61
C PRO A 193 41.68 -30.12 15.76
N SER A 194 41.96 -30.89 14.70
CA SER A 194 41.60 -32.31 14.66
C SER A 194 42.63 -33.31 15.21
N SER A 195 43.80 -32.86 15.65
CA SER A 195 44.77 -33.78 16.25
C SER A 195 44.23 -34.42 17.55
N PRO A 196 43.68 -33.59 18.46
CA PRO A 196 43.30 -34.11 19.77
C PRO A 196 41.86 -34.59 19.81
N ARG A 197 41.27 -34.78 18.63
CA ARG A 197 39.91 -35.29 18.60
C ARG A 197 39.86 -36.58 17.76
N PRO A 198 39.68 -37.74 18.41
CA PRO A 198 39.78 -37.86 19.88
C PRO A 198 40.97 -38.66 20.38
N SER A 199 42.16 -38.06 20.38
CA SER A 199 43.23 -38.55 21.23
C SER A 199 43.18 -37.77 22.55
N GLU A 200 42.40 -36.70 22.56
CA GLU A 200 42.10 -35.97 23.80
C GLU A 200 40.60 -35.78 23.99
N THR A 201 40.18 -35.66 25.24
CA THR A 201 38.77 -35.66 25.59
C THR A 201 38.10 -34.33 25.29
N VAL A 202 36.88 -34.41 24.76
CA VAL A 202 36.03 -33.24 24.64
C VAL A 202 34.70 -33.54 25.31
N THR A 203 34.35 -32.74 26.32
CA THR A 203 33.16 -32.99 27.12
C THR A 203 32.37 -31.70 27.34
N CYS A 204 31.06 -31.75 27.10
CA CYS A 204 30.23 -30.60 27.43
C CYS A 204 29.63 -30.80 28.83
N ASN A 205 29.64 -29.72 29.61
CA ASN A 205 29.13 -29.77 30.99
C ASN A 205 27.85 -28.94 31.09
N VAL A 206 26.74 -29.61 31.37
CA VAL A 206 25.45 -28.94 31.46
C VAL A 206 24.96 -28.85 32.90
N ALA A 207 24.51 -27.66 33.30
CA ALA A 207 23.94 -27.46 34.64
C ALA A 207 22.54 -26.86 34.54
N HIS A 208 21.61 -27.42 35.32
CA HIS A 208 20.25 -26.89 35.41
C HIS A 208 19.86 -26.76 36.88
N PRO A 209 20.25 -25.64 37.51
CA PRO A 209 20.08 -25.41 38.95
C PRO A 209 18.64 -25.61 39.40
N ALA A 210 17.70 -25.22 38.56
CA ALA A 210 16.28 -25.32 38.88
C ALA A 210 15.89 -26.74 39.29
N SER A 211 16.47 -27.72 38.60
CA SER A 211 16.25 -29.14 38.91
C SER A 211 17.43 -29.71 39.69
N SER A 212 18.39 -28.86 40.03
CA SER A 212 19.59 -29.27 40.76
C SER A 212 20.28 -30.39 40.00
N THR A 213 20.48 -30.16 38.69
CA THR A 213 21.06 -31.17 37.82
C THR A 213 22.37 -30.71 37.19
N LYS A 214 23.33 -31.61 37.16
CA LYS A 214 24.60 -31.39 36.47
C LYS A 214 24.93 -32.61 35.64
N VAL A 215 25.28 -32.39 34.38
CA VAL A 215 25.54 -33.48 33.44
C VAL A 215 26.80 -33.27 32.62
N ASP A 216 27.59 -34.32 32.46
CA ASP A 216 28.80 -34.29 31.64
C ASP A 216 28.72 -35.38 30.58
N LYS A 217 28.63 -34.99 29.32
CA LYS A 217 28.62 -35.94 28.21
C LYS A 217 29.91 -35.86 27.40
N LYS A 218 30.73 -36.90 27.49
CA LYS A 218 31.93 -36.96 26.64
C LYS A 218 31.47 -37.20 25.21
N ILE A 219 32.03 -36.43 24.28
CA ILE A 219 31.68 -36.58 22.87
C ILE A 219 32.60 -37.64 22.28
N VAL A 220 32.02 -38.71 21.73
CA VAL A 220 32.80 -39.85 21.24
C VAL A 220 32.40 -40.16 19.79
N PRO A 221 33.35 -40.64 18.98
CA PRO A 221 33.06 -40.87 17.57
C PRO A 221 31.95 -41.90 17.41
N ARG A 222 31.20 -41.82 16.31
CA ARG A 222 29.98 -42.60 16.16
C ARG A 222 30.22 -44.03 15.70
N ASP A 223 29.70 -44.97 16.50
CA ASP A 223 29.73 -46.40 16.19
C ASP A 223 31.03 -46.83 15.49
N CYS A 224 30.95 -47.13 14.19
CA CYS A 224 32.10 -47.58 13.43
C CYS A 224 32.97 -46.39 13.03
N ASP B 1 -4.15 8.56 19.81
CA ASP B 1 -3.12 7.53 20.10
C ASP B 1 -2.00 7.65 19.08
N ILE B 2 -1.07 8.55 19.35
CA ILE B 2 0.05 8.78 18.46
C ILE B 2 0.93 7.54 18.39
N GLN B 3 1.31 7.15 17.18
CA GLN B 3 2.18 5.99 17.00
C GLN B 3 3.56 6.48 16.59
N MET B 4 4.56 6.01 17.32
CA MET B 4 5.93 6.42 17.07
C MET B 4 6.61 5.25 16.36
N THR B 5 7.20 5.54 15.21
CA THR B 5 7.76 4.49 14.37
C THR B 5 9.25 4.68 14.10
N GLN B 6 9.97 3.57 14.15
CA GLN B 6 11.38 3.54 13.75
C GLN B 6 11.52 2.51 12.64
N THR B 7 11.43 2.98 11.41
CA THR B 7 11.37 2.10 10.24
C THR B 7 12.53 1.10 10.17
N THR B 8 13.72 1.54 10.55
CA THR B 8 14.90 0.68 10.49
C THR B 8 15.12 -0.04 11.81
N SER B 9 14.95 -1.37 11.79
CA SER B 9 15.12 -2.19 12.98
C SER B 9 16.59 -2.40 13.34
N SER B 10 17.44 -2.55 12.32
CA SER B 10 18.85 -2.77 12.56
C SER B 10 19.68 -1.84 11.67
N LEU B 11 20.83 -1.43 12.20
CA LEU B 11 21.65 -0.44 11.53
C LEU B 11 23.13 -0.80 11.67
N SER B 12 23.87 -0.75 10.56
CA SER B 12 25.27 -1.13 10.56
C SER B 12 26.18 0.08 10.37
N ALA B 13 27.21 0.15 11.18
CA ALA B 13 28.18 1.24 11.07
C ALA B 13 29.53 0.81 11.61
N SER B 14 30.55 1.62 11.33
CA SER B 14 31.90 1.36 11.82
C SER B 14 32.23 2.29 12.96
N LEU B 15 33.26 1.93 13.73
CA LEU B 15 33.71 2.76 14.84
C LEU B 15 34.21 4.12 14.37
N GLY B 16 33.77 5.18 15.04
CA GLY B 16 34.21 6.52 14.73
C GLY B 16 33.27 7.17 13.72
N ASP B 17 32.47 6.35 13.06
CA ASP B 17 31.54 6.87 12.06
C ASP B 17 30.38 7.54 12.77
N ARG B 18 29.73 8.44 12.05
CA ARG B 18 28.55 9.13 12.57
C ARG B 18 27.30 8.35 12.22
N VAL B 19 26.51 8.03 13.24
CA VAL B 19 25.27 7.29 13.01
C VAL B 19 24.08 8.16 13.38
N THR B 20 23.01 8.02 12.62
CA THR B 20 21.80 8.81 12.84
C THR B 20 20.60 7.89 12.86
N ILE B 21 19.85 7.96 13.94
CA ILE B 21 18.63 7.17 14.09
C ILE B 21 17.43 8.06 13.89
N SER B 22 16.44 7.59 13.14
CA SER B 22 15.27 8.39 12.84
C SER B 22 14.02 7.85 13.52
N CYS B 23 13.11 8.75 13.86
CA CYS B 23 11.85 8.38 14.48
C CYS B 23 10.76 9.25 13.87
N ARG B 24 9.59 8.66 13.63
CA ARG B 24 8.48 9.40 13.06
C ARG B 24 7.21 9.21 13.87
N ALA B 25 6.46 10.29 13.98
CA ALA B 25 5.21 10.30 14.73
C ALA B 25 4.04 10.47 13.76
N SER B 26 2.88 9.97 14.16
CA SER B 26 1.69 10.03 13.33
C SER B 26 1.04 11.40 13.39
N GLN B 27 1.50 12.23 14.34
CA GLN B 27 1.00 13.58 14.49
C GLN B 27 2.06 14.50 15.08
N ASP B 28 1.84 15.81 15.00
CA ASP B 28 2.78 16.78 15.55
C ASP B 28 2.85 16.63 17.06
N ILE B 29 4.05 16.34 17.57
CA ILE B 29 4.24 16.18 19.00
C ILE B 29 4.96 17.41 19.59
N SER B 30 5.12 18.43 18.76
CA SER B 30 5.57 19.75 19.23
C SER B 30 6.89 19.65 20.00
N ASN B 31 7.83 18.91 19.43
CA ASN B 31 9.19 18.83 19.98
C ASN B 31 9.27 18.07 21.31
N TYR B 32 8.15 17.51 21.77
CA TYR B 32 8.18 16.70 22.99
C TYR B 32 8.52 15.27 22.63
N LEU B 33 9.81 14.98 22.64
CA LEU B 33 10.30 13.69 22.21
C LEU B 33 11.58 13.36 22.99
N THR B 34 11.71 12.10 23.36
CA THR B 34 12.83 11.69 24.20
C THR B 34 13.49 10.44 23.62
N TRP B 35 14.81 10.35 23.77
CA TRP B 35 15.55 9.21 23.24
C TRP B 35 16.13 8.38 24.37
N TYR B 36 16.07 7.06 24.21
CA TYR B 36 16.60 6.16 25.24
C TYR B 36 17.57 5.15 24.67
N GLN B 37 18.43 4.63 25.54
CA GLN B 37 19.40 3.62 25.17
C GLN B 37 19.16 2.36 25.99
N GLN B 38 18.98 1.24 25.31
CA GLN B 38 18.79 -0.05 25.98
C GLN B 38 19.95 -1.00 25.68
N LYS B 39 20.76 -1.27 26.70
CA LYS B 39 21.87 -2.19 26.56
C LYS B 39 21.41 -3.64 26.50
N PRO B 40 22.27 -4.53 26.00
CA PRO B 40 21.99 -5.96 25.98
C PRO B 40 21.58 -6.49 27.36
N ASP B 41 22.33 -6.09 28.38
CA ASP B 41 22.00 -6.46 29.76
C ASP B 41 20.54 -6.14 30.08
N GLY B 42 19.97 -5.17 29.38
CA GLY B 42 18.57 -4.82 29.56
C GLY B 42 18.32 -3.49 30.25
N THR B 43 19.39 -2.81 30.66
CA THR B 43 19.25 -1.55 31.38
C THR B 43 18.93 -0.42 30.41
N VAL B 44 18.21 0.58 30.90
CA VAL B 44 17.77 1.70 30.07
C VAL B 44 18.30 3.01 30.61
N LYS B 45 18.74 3.88 29.70
CA LYS B 45 19.25 5.19 30.07
C LYS B 45 18.69 6.27 29.15
N LEU B 46 18.30 7.39 29.75
CA LEU B 46 17.76 8.52 28.99
C LEU B 46 18.89 9.35 28.40
N LEU B 47 18.75 9.73 27.13
CA LEU B 47 19.80 10.47 26.45
C LEU B 47 19.46 11.93 26.20
N ILE B 48 18.34 12.15 25.50
CA ILE B 48 17.97 13.48 25.06
C ILE B 48 16.49 13.74 25.29
N TYR B 49 16.16 14.93 25.76
CA TYR B 49 14.78 15.31 25.98
C TYR B 49 14.45 16.60 25.26
N TYR B 50 13.17 16.84 25.02
CA TYR B 50 12.72 17.97 24.23
C TYR B 50 13.50 18.02 22.92
N THR B 51 13.78 16.85 22.36
CA THR B 51 14.25 16.72 20.98
C THR B 51 15.74 17.04 20.77
N SER B 52 16.29 17.99 21.53
CA SER B 52 17.65 18.45 21.31
C SER B 52 18.45 18.64 22.59
N LYS B 53 17.79 18.52 23.73
CA LYS B 53 18.42 18.83 25.00
C LYS B 53 19.09 17.62 25.64
N LEU B 54 20.38 17.78 25.91
CA LEU B 54 21.19 16.71 26.48
C LEU B 54 20.96 16.60 27.98
N HIS B 55 20.67 15.38 28.44
CA HIS B 55 20.43 15.14 29.86
C HIS B 55 21.75 15.14 30.62
N SER B 56 21.70 15.50 31.90
CA SER B 56 22.91 15.54 32.72
C SER B 56 23.54 14.16 32.77
N GLY B 57 24.86 14.11 32.59
CA GLY B 57 25.61 12.87 32.68
C GLY B 57 25.77 12.16 31.34
N VAL B 58 25.08 12.65 30.31
CA VAL B 58 25.19 12.05 28.98
C VAL B 58 26.28 12.71 28.15
N PRO B 59 27.10 11.91 27.47
CA PRO B 59 28.17 12.45 26.61
C PRO B 59 27.64 13.36 25.49
N SER B 60 28.44 14.36 25.10
CA SER B 60 28.02 15.37 24.13
C SER B 60 28.02 14.82 22.71
N ARG B 61 28.60 13.63 22.51
CA ARG B 61 28.64 13.03 21.18
C ARG B 61 27.23 12.63 20.78
N PHE B 62 26.31 12.65 21.73
CA PHE B 62 24.89 12.46 21.44
C PHE B 62 24.24 13.82 21.19
N SER B 63 23.45 13.90 20.14
CA SER B 63 22.74 15.14 19.81
C SER B 63 21.41 14.77 19.18
N GLY B 64 20.47 15.71 19.17
CA GLY B 64 19.16 15.45 18.62
C GLY B 64 18.63 16.63 17.83
N SER B 65 17.79 16.34 16.85
CA SER B 65 17.20 17.37 16.00
C SER B 65 15.86 16.90 15.51
N GLY B 66 15.15 17.79 14.82
CA GLY B 66 13.86 17.43 14.24
C GLY B 66 12.77 18.39 14.66
N SER B 67 11.61 18.24 14.04
CA SER B 67 10.46 19.06 14.36
C SER B 67 9.20 18.41 13.81
N GLY B 68 8.05 18.86 14.30
CA GLY B 68 6.79 18.35 13.81
C GLY B 68 6.64 16.85 14.00
N THR B 69 6.75 16.11 12.88
CA THR B 69 6.49 14.69 12.86
C THR B 69 7.79 13.86 12.77
N ASP B 70 8.87 14.49 12.34
CA ASP B 70 10.14 13.81 12.11
C ASP B 70 11.22 14.19 13.12
N TYR B 71 11.92 13.20 13.65
CA TYR B 71 12.97 13.45 14.64
C TYR B 71 14.14 12.51 14.42
N SER B 72 15.31 12.88 14.93
CA SER B 72 16.51 12.12 14.70
C SER B 72 17.47 12.18 15.89
N LEU B 73 18.15 11.06 16.13
CA LEU B 73 19.19 10.98 17.14
C LEU B 73 20.52 10.80 16.44
N THR B 74 21.53 11.54 16.89
CA THR B 74 22.84 11.49 16.23
C THR B 74 23.98 11.22 17.19
N ILE B 75 24.86 10.31 16.77
CA ILE B 75 26.09 10.00 17.50
C ILE B 75 27.29 10.31 16.63
N SER B 76 28.10 11.29 17.05
CA SER B 76 29.20 11.79 16.24
C SER B 76 30.30 10.75 16.08
N ASN B 77 30.76 10.20 17.20
CA ASN B 77 31.84 9.21 17.19
C ASN B 77 31.42 7.92 17.84
N LEU B 78 31.04 6.95 17.02
CA LEU B 78 30.55 5.67 17.53
C LEU B 78 31.62 4.93 18.29
N GLU B 79 31.30 4.54 19.52
CA GLU B 79 32.20 3.75 20.35
C GLU B 79 31.60 2.39 20.66
N GLN B 80 32.41 1.50 21.21
CA GLN B 80 31.96 0.12 21.46
C GLN B 80 30.84 0.05 22.49
N GLU B 81 30.88 0.91 23.50
CA GLU B 81 29.86 0.86 24.55
C GLU B 81 28.56 1.47 24.04
N ASP B 82 28.60 2.07 22.86
CA ASP B 82 27.41 2.68 22.27
C ASP B 82 26.63 1.67 21.44
N VAL B 83 27.10 0.42 21.42
CA VAL B 83 26.37 -0.64 20.73
C VAL B 83 25.18 -1.04 21.59
N ALA B 84 23.99 -0.64 21.15
CA ALA B 84 22.78 -0.89 21.93
C ALA B 84 21.54 -0.65 21.08
N ASN B 85 20.39 -0.74 21.73
CA ASN B 85 19.12 -0.42 21.09
C ASN B 85 18.69 0.98 21.49
N TYR B 86 18.39 1.81 20.50
CA TYR B 86 17.94 3.18 20.76
C TYR B 86 16.49 3.33 20.32
N PHE B 87 15.64 3.84 21.21
CA PHE B 87 14.24 4.03 20.90
C PHE B 87 13.70 5.37 21.41
N CYS B 88 12.64 5.86 20.78
CA CYS B 88 12.07 7.16 21.12
C CYS B 88 10.70 7.01 21.76
N GLN B 89 10.26 8.06 22.47
CA GLN B 89 8.89 8.15 22.94
C GLN B 89 8.44 9.60 22.96
N GLN B 90 7.16 9.83 22.69
CA GLN B 90 6.60 11.18 22.68
C GLN B 90 5.94 11.54 24.00
N GLY B 91 6.15 12.78 24.43
CA GLY B 91 5.62 13.25 25.70
C GLY B 91 4.63 14.39 25.51
N ASN B 92 4.00 14.41 24.34
CA ASN B 92 3.03 15.45 24.00
C ASN B 92 1.63 15.10 24.48
N SER B 93 1.24 13.84 24.31
CA SER B 93 -0.11 13.42 24.66
C SER B 93 -0.14 12.00 25.23
N LEU B 94 -1.29 11.63 25.80
CA LEU B 94 -1.50 10.30 26.34
C LEU B 94 -2.27 9.45 25.35
N PRO B 95 -2.00 8.14 25.34
CA PRO B 95 -1.00 7.52 26.20
C PRO B 95 0.42 7.77 25.69
N PRO B 96 1.42 7.65 26.58
CA PRO B 96 2.81 7.71 26.12
C PRO B 96 3.08 6.54 25.18
N THR B 97 3.76 6.82 24.07
CA THR B 97 4.02 5.79 23.08
C THR B 97 5.49 5.78 22.68
N PHE B 98 5.99 4.59 22.34
CA PHE B 98 7.40 4.40 22.05
C PHE B 98 7.59 3.83 20.66
N GLY B 99 8.81 3.96 20.13
CA GLY B 99 9.16 3.35 18.86
C GLY B 99 9.64 1.92 19.07
N GLY B 100 9.69 1.14 17.99
CA GLY B 100 10.11 -0.24 18.06
C GLY B 100 11.58 -0.36 18.41
N GLY B 101 12.34 0.71 18.19
CA GLY B 101 13.75 0.73 18.51
C GLY B 101 14.64 0.44 17.31
N THR B 102 15.88 0.89 17.39
CA THR B 102 16.87 0.59 16.36
C THR B 102 18.11 0.02 17.03
N LYS B 103 18.40 -1.26 16.75
CA LYS B 103 19.56 -1.93 17.32
C LYS B 103 20.79 -1.73 16.43
N LEU B 104 21.90 -1.39 17.07
CA LEU B 104 23.16 -1.13 16.37
C LEU B 104 24.08 -2.34 16.35
N GLU B 105 24.61 -2.62 15.16
CA GLU B 105 25.58 -3.70 14.97
C GLU B 105 26.86 -3.12 14.37
N ILE B 106 27.95 -3.87 14.50
CA ILE B 106 29.24 -3.43 14.00
C ILE B 106 29.41 -3.91 12.57
N LYS B 107 30.16 -3.17 11.79
CA LYS B 107 30.34 -3.50 10.39
C LYS B 107 31.71 -4.09 10.16
N ARG B 108 31.75 -5.14 9.34
CA ARG B 108 32.98 -5.87 9.07
C ARG B 108 32.90 -6.53 7.69
N ALA B 109 34.01 -7.13 7.29
CA ALA B 109 34.10 -7.80 5.99
C ALA B 109 33.11 -8.97 5.93
N ASP B 110 32.45 -9.13 4.79
CA ASP B 110 31.53 -10.24 4.59
C ASP B 110 32.26 -11.57 4.77
N ALA B 111 31.64 -12.49 5.50
CA ALA B 111 32.23 -13.79 5.78
C ALA B 111 31.24 -14.91 5.54
N ALA B 112 31.70 -15.98 4.88
CA ALA B 112 30.85 -17.13 4.61
C ALA B 112 30.75 -18.01 5.87
N PRO B 113 29.61 -18.70 6.04
CA PRO B 113 29.38 -19.57 7.19
C PRO B 113 30.13 -20.89 7.11
N THR B 114 30.68 -21.33 8.23
CA THR B 114 31.27 -22.64 8.36
C THR B 114 30.16 -23.60 8.81
N VAL B 115 29.72 -24.45 7.88
CA VAL B 115 28.56 -25.31 8.12
C VAL B 115 28.92 -26.72 8.58
N SER B 116 28.15 -27.23 9.54
CA SER B 116 28.36 -28.56 10.08
C SER B 116 27.03 -29.24 10.38
N ILE B 117 26.91 -30.51 10.02
CA ILE B 117 25.65 -31.24 10.24
C ILE B 117 25.88 -32.46 11.13
N PHE B 118 24.89 -32.76 11.98
CA PHE B 118 25.02 -33.82 12.97
C PHE B 118 23.78 -34.70 13.02
N PRO B 119 23.93 -36.00 12.73
CA PRO B 119 22.86 -36.99 12.90
C PRO B 119 22.40 -37.11 14.35
N PRO B 120 21.17 -37.59 14.56
CA PRO B 120 20.66 -37.81 15.93
C PRO B 120 21.59 -38.71 16.72
N SER B 121 21.72 -38.44 18.02
CA SER B 121 22.50 -39.29 18.91
C SER B 121 21.75 -40.60 19.09
N SER B 122 22.49 -41.69 19.32
CA SER B 122 21.87 -42.98 19.59
C SER B 122 21.11 -42.90 20.91
N GLU B 123 21.56 -42.00 21.78
CA GLU B 123 20.96 -41.81 23.10
C GLU B 123 19.57 -41.17 22.99
N GLN B 124 19.41 -40.27 22.03
CA GLN B 124 18.14 -39.58 21.84
C GLN B 124 17.11 -40.50 21.18
N LEU B 125 17.60 -41.46 20.40
CA LEU B 125 16.71 -42.40 19.73
C LEU B 125 16.07 -43.37 20.72
N THR B 126 16.76 -43.64 21.83
CA THR B 126 16.17 -44.48 22.87
C THR B 126 15.00 -43.75 23.53
N SER B 127 14.98 -42.42 23.40
CA SER B 127 13.94 -41.60 24.00
C SER B 127 12.72 -41.51 23.10
N GLY B 128 12.89 -41.83 21.82
CA GLY B 128 11.78 -41.84 20.88
C GLY B 128 11.82 -40.71 19.87
N GLY B 129 12.71 -39.75 20.09
CA GLY B 129 12.83 -38.60 19.20
C GLY B 129 14.08 -38.63 18.35
N ALA B 130 14.14 -37.75 17.34
CA ALA B 130 15.30 -37.66 16.46
C ALA B 130 15.50 -36.22 15.98
N SER B 131 16.57 -35.58 16.45
CA SER B 131 16.88 -34.20 16.08
C SER B 131 18.14 -34.12 15.23
N VAL B 132 17.99 -33.63 14.00
CA VAL B 132 19.11 -33.37 13.13
C VAL B 132 19.55 -31.91 13.25
N VAL B 133 20.77 -31.68 13.69
CA VAL B 133 21.26 -30.32 13.93
C VAL B 133 22.27 -29.87 12.88
N CYS B 134 22.15 -28.60 12.48
CA CYS B 134 23.05 -27.99 11.53
C CYS B 134 23.55 -26.66 12.11
N PHE B 135 24.87 -26.52 12.25
CA PHE B 135 25.48 -25.30 12.75
C PHE B 135 25.99 -24.43 11.61
N LEU B 136 25.68 -23.14 11.67
CA LEU B 136 26.20 -22.16 10.73
C LEU B 136 26.97 -21.10 11.52
N ASN B 137 28.29 -21.20 11.50
CA ASN B 137 29.12 -20.41 12.39
C ASN B 137 29.98 -19.38 11.68
N ASN B 138 30.12 -18.21 12.30
CA ASN B 138 31.07 -17.20 11.83
C ASN B 138 30.80 -16.70 10.42
N PHE B 139 29.66 -16.07 10.21
CA PHE B 139 29.33 -15.46 8.93
C PHE B 139 28.90 -14.01 9.11
N TYR B 140 29.02 -13.23 8.04
CA TYR B 140 28.50 -11.87 8.02
C TYR B 140 28.08 -11.50 6.59
N PRO B 141 26.95 -10.78 6.43
CA PRO B 141 26.07 -10.25 7.48
C PRO B 141 25.18 -11.33 8.11
N LYS B 142 24.32 -10.92 9.04
CA LYS B 142 23.56 -11.89 9.85
C LYS B 142 22.42 -12.55 9.09
N ASP B 143 21.87 -11.87 8.09
CA ASP B 143 20.75 -12.43 7.34
C ASP B 143 21.22 -13.66 6.58
N ILE B 144 20.50 -14.77 6.73
CA ILE B 144 20.86 -16.04 6.12
C ILE B 144 19.66 -16.97 6.09
N ASN B 145 19.65 -17.89 5.12
CA ASN B 145 18.58 -18.87 5.03
C ASN B 145 19.10 -20.30 4.93
N VAL B 146 18.44 -21.21 5.63
CA VAL B 146 18.79 -22.63 5.61
C VAL B 146 17.64 -23.44 5.06
N LYS B 147 17.95 -24.47 4.30
CA LYS B 147 16.94 -25.34 3.72
C LYS B 147 17.25 -26.77 4.14
N TRP B 148 16.24 -27.45 4.69
CA TRP B 148 16.38 -28.84 5.09
C TRP B 148 15.77 -29.75 4.04
N LYS B 149 16.53 -30.75 3.61
CA LYS B 149 16.03 -31.70 2.62
C LYS B 149 16.17 -33.14 3.12
N ILE B 150 15.09 -33.91 2.98
CA ILE B 150 15.09 -35.32 3.33
C ILE B 150 14.83 -36.17 2.09
N ASP B 151 15.77 -37.06 1.79
CA ASP B 151 15.69 -37.87 0.57
C ASP B 151 15.47 -37.03 -0.68
N GLY B 152 15.74 -35.73 -0.60
CA GLY B 152 15.62 -34.86 -1.76
C GLY B 152 14.52 -33.83 -1.64
N SER B 153 13.53 -34.10 -0.79
CA SER B 153 12.37 -33.23 -0.69
C SER B 153 12.61 -32.21 0.41
N GLU B 154 12.16 -30.98 0.17
CA GLU B 154 12.32 -29.92 1.15
C GLU B 154 11.41 -30.16 2.33
N ARG B 155 11.87 -29.73 3.51
CA ARG B 155 11.09 -29.85 4.72
C ARG B 155 11.19 -28.50 5.42
N GLN B 156 10.04 -27.89 5.68
CA GLN B 156 10.00 -26.57 6.26
C GLN B 156 9.38 -26.61 7.65
N ASN B 157 8.83 -27.78 8.00
CA ASN B 157 8.19 -27.97 9.29
C ASN B 157 9.08 -28.72 10.28
N GLY B 158 9.14 -28.20 11.51
CA GLY B 158 9.88 -28.85 12.57
C GLY B 158 11.30 -28.36 12.68
N VAL B 159 11.62 -27.31 11.93
CA VAL B 159 12.95 -26.71 11.96
C VAL B 159 12.87 -25.47 12.85
N LEU B 160 13.68 -25.46 13.91
CA LEU B 160 13.75 -24.31 14.80
C LEU B 160 15.15 -23.70 14.74
N ASN B 161 15.19 -22.40 14.53
CA ASN B 161 16.45 -21.68 14.40
C ASN B 161 16.73 -20.74 15.56
N SER B 162 18.01 -20.46 15.77
CA SER B 162 18.44 -19.52 16.80
CA SER B 162 18.45 -19.53 16.81
C SER B 162 19.76 -18.85 16.39
N TRP B 163 19.82 -17.54 16.58
CA TRP B 163 20.99 -16.75 16.22
C TRP B 163 21.68 -16.24 17.46
N THR B 164 23.01 -16.20 17.44
CA THR B 164 23.74 -15.59 18.53
C THR B 164 23.74 -14.09 18.30
N ASP B 165 23.97 -13.33 19.37
CA ASP B 165 24.15 -11.90 19.21
C ASP B 165 25.51 -11.70 18.56
N GLN B 166 25.76 -10.51 18.06
CA GLN B 166 27.02 -10.22 17.41
C GLN B 166 28.17 -10.43 18.37
N ASP B 167 29.17 -11.19 17.94
CA ASP B 167 30.34 -11.48 18.76
C ASP B 167 31.16 -10.20 18.95
N SER B 168 31.49 -9.89 20.20
CA SER B 168 32.23 -8.69 20.53
C SER B 168 33.70 -8.85 20.16
N LYS B 169 34.04 -9.98 19.55
CA LYS B 169 35.42 -10.31 19.21
C LYS B 169 35.75 -10.27 17.72
N ASP B 170 34.99 -10.99 16.91
CA ASP B 170 35.23 -11.01 15.47
C ASP B 170 34.05 -10.39 14.73
N SER B 171 33.07 -9.90 15.51
CA SER B 171 31.91 -9.19 14.95
C SER B 171 31.16 -10.04 13.92
N THR B 172 31.12 -11.34 14.15
CA THR B 172 30.39 -12.25 13.27
C THR B 172 29.15 -12.77 13.95
N TYR B 173 28.33 -13.48 13.17
CA TYR B 173 27.13 -14.10 13.69
C TYR B 173 27.20 -15.59 13.48
N SER B 174 26.43 -16.31 14.29
CA SER B 174 26.31 -17.75 14.16
C SER B 174 24.85 -18.11 14.35
N MET B 175 24.47 -19.27 13.84
CA MET B 175 23.09 -19.69 13.82
C MET B 175 22.99 -21.19 13.96
N SER B 176 21.96 -21.64 14.66
CA SER B 176 21.69 -23.06 14.79
C SER B 176 20.35 -23.39 14.15
N SER B 177 20.34 -24.38 13.27
CA SER B 177 19.09 -24.88 12.69
C SER B 177 18.90 -26.33 13.12
N THR B 178 17.76 -26.60 13.74
CA THR B 178 17.50 -27.94 14.25
C THR B 178 16.21 -28.50 13.67
N LEU B 179 16.34 -29.60 12.93
CA LEU B 179 15.20 -30.27 12.34
C LEU B 179 14.79 -31.38 13.29
N THR B 180 13.54 -31.36 13.72
CA THR B 180 13.09 -32.31 14.74
C THR B 180 12.11 -33.30 14.15
N LEU B 181 12.40 -34.57 14.42
CA LEU B 181 11.58 -35.67 13.93
C LEU B 181 11.43 -36.67 15.07
N THR B 182 10.70 -37.73 14.80
CA THR B 182 10.60 -38.83 15.74
C THR B 182 11.52 -39.95 15.24
N LYS B 183 11.75 -40.94 16.09
CA LYS B 183 12.64 -42.04 15.74
C LYS B 183 12.21 -42.81 14.50
N ASP B 184 10.95 -43.21 14.47
CA ASP B 184 10.40 -43.97 13.35
C ASP B 184 10.55 -43.18 12.05
N GLU B 185 10.29 -41.88 12.13
CA GLU B 185 10.33 -40.99 10.97
C GLU B 185 11.75 -40.83 10.45
N TYR B 186 12.70 -40.75 11.37
CA TYR B 186 14.10 -40.63 11.01
C TYR B 186 14.64 -41.88 10.30
N GLU B 187 14.24 -43.06 10.78
CA GLU B 187 14.78 -44.32 10.28
C GLU B 187 14.16 -44.77 8.96
N ARG B 188 13.09 -44.09 8.53
CA ARG B 188 12.39 -44.42 7.30
C ARG B 188 12.78 -43.51 6.14
N HIS B 189 13.80 -42.69 6.37
CA HIS B 189 14.42 -41.89 5.31
C HIS B 189 15.93 -42.05 5.44
N ASN B 190 16.66 -41.72 4.39
N ASN B 190 16.67 -41.71 4.38
CA ASN B 190 18.09 -41.99 4.36
CA ASN B 190 18.10 -42.02 4.33
C ASN B 190 18.94 -40.73 4.33
C ASN B 190 19.00 -40.79 4.27
N SER B 191 18.80 -39.95 3.26
CA SER B 191 19.61 -38.75 3.09
C SER B 191 19.01 -37.53 3.81
N TYR B 192 19.82 -36.89 4.65
CA TYR B 192 19.41 -35.66 5.31
C TYR B 192 20.41 -34.57 4.96
N THR B 193 19.90 -33.44 4.46
CA THR B 193 20.75 -32.40 3.92
C THR B 193 20.42 -31.05 4.52
N CYS B 194 21.47 -30.25 4.74
CA CYS B 194 21.33 -28.90 5.26
C CYS B 194 21.96 -27.91 4.28
N GLU B 195 21.14 -27.13 3.58
CA GLU B 195 21.64 -26.18 2.59
C GLU B 195 21.58 -24.76 3.14
N ALA B 196 22.68 -24.03 3.01
CA ALA B 196 22.74 -22.67 3.51
C ALA B 196 23.03 -21.70 2.37
N THR B 197 22.21 -20.66 2.26
CA THR B 197 22.40 -19.64 1.25
C THR B 197 22.78 -18.34 1.92
N HIS B 198 23.81 -17.69 1.40
CA HIS B 198 24.33 -16.49 2.03
C HIS B 198 24.79 -15.51 0.97
N LYS B 199 24.78 -14.23 1.32
CA LYS B 199 25.20 -13.16 0.41
C LYS B 199 26.54 -13.48 -0.25
N THR B 200 27.38 -14.23 0.45
CA THR B 200 28.76 -14.47 0.04
C THR B 200 28.87 -15.33 -1.22
N SER B 201 27.81 -16.07 -1.53
CA SER B 201 27.82 -16.92 -2.71
C SER B 201 26.42 -17.13 -3.27
N THR B 202 26.33 -17.17 -4.60
CA THR B 202 25.07 -17.47 -5.26
C THR B 202 24.72 -18.92 -5.01
N SER B 203 25.75 -19.77 -4.95
CA SER B 203 25.57 -21.19 -4.70
C SER B 203 25.54 -21.51 -3.20
N PRO B 204 24.57 -22.33 -2.78
CA PRO B 204 24.41 -22.80 -1.39
C PRO B 204 25.53 -23.70 -0.90
N ILE B 205 25.91 -23.53 0.35
CA ILE B 205 26.82 -24.43 1.03
C ILE B 205 26.04 -25.66 1.50
N VAL B 206 26.41 -26.84 1.01
CA VAL B 206 25.64 -28.05 1.28
C VAL B 206 26.38 -29.06 2.15
N LYS B 207 25.78 -29.45 3.25
CA LYS B 207 26.31 -30.51 4.09
C LYS B 207 25.23 -31.57 4.29
N SER B 208 25.59 -32.82 4.04
CA SER B 208 24.63 -33.90 4.10
C SER B 208 25.20 -35.15 4.78
N PHE B 209 24.35 -36.15 5.00
CA PHE B 209 24.80 -37.44 5.50
C PHE B 209 23.75 -38.51 5.20
N ASN B 210 24.18 -39.76 5.21
CA ASN B 210 23.29 -40.89 5.02
C ASN B 210 23.17 -41.68 6.32
N ARG B 211 21.93 -42.05 6.65
CA ARG B 211 21.64 -42.73 7.90
C ARG B 211 22.25 -44.13 7.96
N ASN B 212 22.33 -44.79 6.81
CA ASN B 212 22.79 -46.18 6.73
C ASN B 212 24.30 -46.35 6.86
N GLU B 213 25.05 -45.38 6.34
CA GLU B 213 26.50 -45.46 6.31
C GLU B 213 27.15 -45.55 7.69
N CYS B 214 28.20 -46.36 7.75
CA CYS B 214 28.98 -46.57 8.97
C CYS B 214 30.47 -46.38 8.72
N GLU C 1 19.48 61.72 -7.04
CA GLU C 1 18.36 62.60 -6.59
C GLU C 1 18.19 62.50 -5.07
N VAL C 2 16.95 62.44 -4.60
CA VAL C 2 16.65 62.37 -3.17
C VAL C 2 16.63 60.94 -2.64
N GLN C 3 17.82 60.44 -2.33
CA GLN C 3 18.00 59.09 -1.82
C GLN C 3 17.99 58.98 -0.30
N LEU C 4 17.31 57.96 0.23
CA LEU C 4 17.50 57.60 1.63
C LEU C 4 18.16 56.23 1.60
N GLN C 5 19.18 56.01 2.42
CA GLN C 5 19.88 54.73 2.42
C GLN C 5 19.89 54.14 3.83
N GLN C 6 19.15 53.05 4.00
CA GLN C 6 19.02 52.42 5.30
C GLN C 6 20.14 51.42 5.56
N SER C 7 20.20 50.90 6.78
CA SER C 7 21.25 49.99 7.19
C SER C 7 21.00 48.58 6.69
N GLY C 8 22.02 47.73 6.82
CA GLY C 8 21.93 46.35 6.36
C GLY C 8 21.09 45.50 7.30
N THR C 9 20.91 44.23 6.93
CA THR C 9 20.13 43.30 7.74
C THR C 9 20.77 43.12 9.11
N VAL C 10 19.93 42.99 10.14
CA VAL C 10 20.42 42.92 11.51
C VAL C 10 19.80 41.78 12.31
N LEU C 11 20.65 41.08 13.05
CA LEU C 11 20.21 40.02 13.95
C LEU C 11 20.27 40.55 15.39
N ALA C 12 19.28 40.19 16.20
CA ALA C 12 19.24 40.63 17.59
C ALA C 12 18.66 39.56 18.51
N ARG C 13 19.07 39.57 19.77
CA ARG C 13 18.54 38.60 20.74
C ARG C 13 17.33 39.18 21.46
N PRO C 14 16.46 38.30 21.97
CA PRO C 14 15.33 38.77 22.77
C PRO C 14 15.78 39.53 24.01
N GLY C 15 15.13 40.66 24.31
CA GLY C 15 15.48 41.44 25.49
C GLY C 15 16.52 42.50 25.19
N ALA C 16 17.15 42.37 24.04
CA ALA C 16 18.18 43.32 23.63
C ALA C 16 17.56 44.54 22.96
N SER C 17 18.42 45.43 22.50
CA SER C 17 18.01 46.62 21.79
C SER C 17 18.88 46.74 20.55
N VAL C 18 18.32 47.33 19.50
CA VAL C 18 19.03 47.47 18.24
C VAL C 18 18.89 48.89 17.74
N LYS C 19 19.78 49.31 16.84
CA LYS C 19 19.78 50.66 16.33
C LYS C 19 20.02 50.62 14.84
N MET C 20 19.01 51.02 14.08
CA MET C 20 19.10 51.03 12.63
C MET C 20 19.04 52.48 12.16
N SER C 21 19.71 52.76 11.05
CA SER C 21 19.90 54.13 10.61
C SER C 21 19.42 54.32 9.18
N CYS C 22 19.26 55.60 8.81
CA CYS C 22 18.82 55.97 7.47
C CYS C 22 19.53 57.26 7.09
N GLU C 23 20.47 57.16 6.16
CA GLU C 23 21.25 58.31 5.73
C GLU C 23 20.57 58.98 4.53
N ALA C 24 20.31 60.27 4.67
CA ALA C 24 19.60 61.05 3.65
C ALA C 24 20.55 61.82 2.73
N SER C 25 20.10 62.06 1.50
CA SER C 25 20.86 62.82 0.52
C SER C 25 19.93 63.43 -0.53
N GLY C 26 20.37 64.53 -1.14
CA GLY C 26 19.62 65.12 -2.24
C GLY C 26 18.65 66.23 -1.89
N TYR C 27 18.51 66.53 -0.60
CA TYR C 27 17.56 67.57 -0.17
C TYR C 27 17.98 68.19 1.16
N THR C 28 17.20 69.15 1.63
CA THR C 28 17.50 69.82 2.89
C THR C 28 16.92 69.00 4.04
N PHE C 29 17.80 68.25 4.70
CA PHE C 29 17.41 67.28 5.71
C PHE C 29 16.65 67.90 6.90
N THR C 30 17.00 69.13 7.26
CA THR C 30 16.44 69.77 8.44
C THR C 30 15.02 70.30 8.24
N SER C 31 14.45 70.10 7.05
CA SER C 31 13.19 70.74 6.69
C SER C 31 11.99 69.81 6.73
N TYR C 32 12.14 68.62 6.13
CA TYR C 32 11.02 67.68 6.05
C TYR C 32 11.04 66.66 7.20
N TRP C 33 9.86 66.23 7.62
CA TRP C 33 9.71 65.21 8.64
C TRP C 33 10.10 63.83 8.11
N MET C 34 10.81 63.05 8.92
CA MET C 34 11.13 61.68 8.56
C MET C 34 10.24 60.73 9.35
N HIS C 35 9.85 59.64 8.72
CA HIS C 35 8.93 58.68 9.33
C HIS C 35 9.51 57.28 9.28
N TRP C 36 9.19 56.49 10.29
CA TRP C 36 9.62 55.11 10.36
C TRP C 36 8.40 54.19 10.35
N LEU C 37 8.48 53.12 9.56
CA LEU C 37 7.37 52.20 9.42
C LEU C 37 7.80 50.77 9.66
N LYS C 38 6.86 49.94 10.09
CA LYS C 38 7.14 48.56 10.43
C LYS C 38 6.27 47.64 9.59
N LYS C 39 6.92 46.80 8.79
CA LYS C 39 6.22 45.91 7.90
C LYS C 39 6.38 44.45 8.32
N ARG C 40 5.26 43.84 8.73
CA ARG C 40 5.25 42.43 9.10
C ARG C 40 4.59 41.57 8.03
N PRO C 41 4.98 40.29 7.97
CA PRO C 41 4.61 39.41 6.86
C PRO C 41 3.10 39.22 6.79
N GLY C 42 2.51 39.37 5.59
CA GLY C 42 1.08 39.20 5.42
C GLY C 42 0.26 40.34 5.97
N GLN C 43 0.88 41.19 6.77
CA GLN C 43 0.17 42.22 7.50
C GLN C 43 0.46 43.57 6.87
N GLY C 44 -0.34 44.59 7.20
CA GLY C 44 -0.14 45.91 6.64
C GLY C 44 0.96 46.73 7.29
N LEU C 45 1.32 47.80 6.60
CA LEU C 45 2.37 48.72 7.04
C LEU C 45 1.90 49.46 8.30
N GLU C 46 2.77 49.52 9.30
CA GLU C 46 2.41 50.13 10.58
C GLU C 46 3.29 51.33 10.90
N TRP C 47 2.67 52.39 11.38
CA TRP C 47 3.38 53.63 11.68
C TRP C 47 3.93 53.61 13.10
N ILE C 48 5.23 53.90 13.22
CA ILE C 48 5.90 53.90 14.51
C ILE C 48 5.95 55.32 15.07
N GLY C 49 6.54 56.23 14.30
CA GLY C 49 6.64 57.62 14.70
C GLY C 49 7.30 58.49 13.64
N THR C 50 7.56 59.74 14.01
CA THR C 50 8.18 60.70 13.10
C THR C 50 9.02 61.66 13.91
N ILE C 51 10.04 62.21 13.28
CA ILE C 51 10.93 63.16 13.93
C ILE C 51 11.26 64.31 12.98
N TYR C 52 11.38 65.52 13.53
CA TYR C 52 11.72 66.68 12.74
C TYR C 52 13.16 67.13 13.04
N PRO C 53 14.10 66.84 12.14
CA PRO C 53 15.49 67.24 12.37
C PRO C 53 15.59 68.77 12.49
N GLY C 54 16.48 69.27 13.35
CA GLY C 54 16.65 70.70 13.51
C GLY C 54 16.14 71.15 14.86
N ASN C 55 14.96 70.65 15.23
CA ASN C 55 14.37 70.94 16.52
C ASN C 55 14.16 69.65 17.32
N SER C 56 14.54 68.52 16.73
CA SER C 56 14.44 67.24 17.41
C SER C 56 13.01 66.99 17.87
N ASP C 57 12.07 67.65 17.21
CA ASP C 57 10.65 67.49 17.52
C ASP C 57 10.20 66.10 17.12
N SER C 58 9.36 65.48 17.93
CA SER C 58 8.98 64.09 17.71
C SER C 58 7.49 63.88 17.88
N SER C 59 6.98 62.84 17.24
CA SER C 59 5.63 62.37 17.48
C SER C 59 5.64 60.86 17.32
N TYR C 60 5.01 60.15 18.26
CA TYR C 60 5.07 58.71 18.28
C TYR C 60 3.68 58.09 18.20
N ASN C 61 3.61 56.91 17.60
CA ASN C 61 2.43 56.07 17.74
C ASN C 61 2.37 55.69 19.21
N GLN C 62 1.17 55.70 19.78
CA GLN C 62 1.00 55.50 21.21
C GLN C 62 1.50 54.12 21.60
N ARG C 63 1.50 53.22 20.63
CA ARG C 63 1.84 51.81 20.87
C ARG C 63 3.35 51.63 21.00
N PHE C 64 4.11 52.46 20.29
CA PHE C 64 5.56 52.37 20.31
C PHE C 64 6.22 53.41 21.22
N LYS C 65 5.42 54.17 21.97
CA LYS C 65 5.99 55.14 22.90
C LYS C 65 6.53 54.37 24.10
N GLY C 66 7.82 54.44 24.33
CA GLY C 66 8.48 53.66 25.37
C GLY C 66 9.17 52.43 24.79
N LYS C 67 8.82 52.07 23.56
CA LYS C 67 9.43 50.93 22.87
C LYS C 67 10.46 51.42 21.85
N ALA C 68 10.06 52.39 21.04
CA ALA C 68 10.90 52.94 19.99
C ALA C 68 11.38 54.32 20.35
N LYS C 69 12.68 54.56 20.22
CA LYS C 69 13.24 55.89 20.41
C LYS C 69 13.77 56.43 19.08
N LEU C 70 13.39 57.65 18.72
CA LEU C 70 13.82 58.26 17.46
C LEU C 70 14.78 59.41 17.71
N THR C 71 15.77 59.55 16.85
CA THR C 71 16.78 60.58 17.00
C THR C 71 17.32 60.95 15.62
N ALA C 72 17.97 62.11 15.53
CA ALA C 72 18.49 62.57 14.25
C ALA C 72 19.83 63.29 14.40
N VAL C 73 20.75 62.99 13.49
CA VAL C 73 22.03 63.70 13.42
C VAL C 73 22.12 64.50 12.12
N THR C 74 22.08 65.82 12.23
CA THR C 74 22.08 66.69 11.06
C THR C 74 23.41 66.69 10.30
N SER C 75 24.51 66.65 11.03
CA SER C 75 25.84 66.71 10.43
C SER C 75 25.98 65.66 9.32
N THR C 76 25.49 64.45 9.58
CA THR C 76 25.62 63.33 8.65
C THR C 76 24.28 63.09 7.93
N SER C 77 23.30 63.95 8.19
CA SER C 77 21.98 63.82 7.57
C SER C 77 21.48 62.39 7.78
N THR C 78 21.52 61.94 9.03
CA THR C 78 21.19 60.56 9.35
C THR C 78 20.14 60.47 10.45
N ALA C 79 19.13 59.63 10.20
CA ALA C 79 18.09 59.37 11.19
C ALA C 79 18.30 58.02 11.84
N TYR C 80 17.93 57.89 13.11
CA TYR C 80 18.10 56.65 13.84
C TYR C 80 16.81 56.24 14.56
N MET C 81 16.59 54.94 14.64
CA MET C 81 15.54 54.40 15.47
C MET C 81 16.13 53.31 16.35
N GLU C 82 15.78 53.36 17.63
CA GLU C 82 16.25 52.36 18.57
C GLU C 82 15.06 51.54 19.06
N LEU C 83 15.17 50.22 18.96
CA LEU C 83 14.15 49.32 19.47
C LEU C 83 14.71 48.58 20.67
N SER C 84 13.97 48.61 21.77
CA SER C 84 14.43 48.02 23.03
C SER C 84 13.57 46.84 23.44
N SER C 85 14.05 46.08 24.42
CA SER C 85 13.36 44.88 24.89
C SER C 85 12.76 44.11 23.72
N LEU C 86 13.62 43.57 22.88
CA LEU C 86 13.19 42.93 21.64
C LEU C 86 12.44 41.62 21.86
N THR C 87 11.43 41.39 21.02
CA THR C 87 10.71 40.13 21.01
C THR C 87 10.58 39.65 19.58
N ASN C 88 10.00 38.48 19.38
CA ASN C 88 9.83 37.96 18.03
C ASN C 88 8.90 38.84 17.20
N GLU C 89 7.97 39.53 17.87
CA GLU C 89 7.03 40.39 17.16
C GLU C 89 7.73 41.61 16.59
N ASP C 90 8.97 41.84 17.01
CA ASP C 90 9.76 42.96 16.51
C ASP C 90 10.50 42.57 15.23
N SER C 91 10.51 41.27 14.92
CA SER C 91 11.10 40.81 13.68
C SER C 91 10.25 41.30 12.51
N ALA C 92 10.85 42.09 11.62
CA ALA C 92 10.11 42.66 10.51
C ALA C 92 11.03 43.46 9.59
N VAL C 93 10.44 44.08 8.57
CA VAL C 93 11.18 44.99 7.70
C VAL C 93 10.79 46.42 8.02
N TYR C 94 11.77 47.24 8.36
CA TYR C 94 11.53 48.62 8.75
C TYR C 94 11.92 49.63 7.67
N TYR C 95 11.02 50.58 7.40
CA TYR C 95 11.25 51.59 6.37
C TYR C 95 11.42 52.98 6.96
N CYS C 96 12.33 53.75 6.36
CA CYS C 96 12.44 55.17 6.65
C CYS C 96 11.93 55.93 5.42
N THR C 97 11.15 57.00 5.63
CA THR C 97 10.59 57.74 4.51
C THR C 97 10.41 59.21 4.85
N ARG C 98 10.26 60.04 3.83
CA ARG C 98 10.08 61.48 4.00
C ARG C 98 8.63 61.92 3.82
N GLU C 99 8.17 62.79 4.71
CA GLU C 99 6.82 63.36 4.62
C GLU C 99 6.84 64.65 3.80
N ARG C 100 5.81 64.84 2.99
CA ARG C 100 5.69 66.08 2.25
C ARG C 100 4.24 66.39 1.91
N GLY C 101 3.86 67.65 2.09
CA GLY C 101 2.54 68.10 1.71
C GLY C 101 2.43 68.26 0.21
N LEU C 102 1.70 67.35 -0.42
CA LEU C 102 1.45 67.38 -1.85
C LEU C 102 0.16 68.14 -2.12
N TYR C 103 -0.64 68.28 -1.08
CA TYR C 103 -1.89 69.02 -1.20
C TYR C 103 -2.17 69.61 0.17
N TYR C 104 -2.75 70.80 0.22
CA TYR C 104 -2.90 71.48 1.49
C TYR C 104 -3.86 70.74 2.41
N GLY C 105 -3.33 70.06 3.41
CA GLY C 105 -4.16 69.36 4.37
C GLY C 105 -3.61 67.98 4.59
N GLY C 106 -3.20 67.40 3.47
CA GLY C 106 -2.75 66.02 3.39
C GLY C 106 -1.38 65.69 3.92
N ARG C 107 -1.20 64.39 4.12
CA ARG C 107 0.05 63.79 4.52
C ARG C 107 0.39 62.66 3.56
N SER C 108 1.49 62.80 2.83
CA SER C 108 1.99 61.71 2.00
C SER C 108 3.48 61.51 2.22
N PHE C 109 4.00 60.39 1.74
CA PHE C 109 5.43 60.08 1.86
C PHE C 109 6.03 59.88 0.49
N ASP C 110 6.85 60.85 0.06
CA ASP C 110 7.24 60.93 -1.35
C ASP C 110 8.51 60.15 -1.71
N TYR C 111 9.40 59.92 -0.74
CA TYR C 111 10.61 59.16 -0.99
C TYR C 111 10.93 58.21 0.16
N TRP C 112 11.35 57.00 -0.20
CA TRP C 112 11.50 55.90 0.76
C TRP C 112 12.90 55.33 0.75
N GLY C 113 13.27 54.70 1.87
CA GLY C 113 14.48 53.91 1.93
C GLY C 113 14.17 52.53 1.37
N GLN C 114 15.20 51.70 1.23
CA GLN C 114 15.04 50.36 0.64
C GLN C 114 14.55 49.38 1.69
N GLY C 115 14.55 49.81 2.95
CA GLY C 115 14.10 48.96 4.04
C GLY C 115 15.24 48.24 4.71
N THR C 116 15.08 47.98 6.00
CA THR C 116 16.04 47.22 6.79
C THR C 116 15.30 46.07 7.44
N THR C 117 15.79 44.85 7.22
CA THR C 117 15.15 43.67 7.76
C THR C 117 15.76 43.31 9.11
N LEU C 118 14.92 43.18 10.12
CA LEU C 118 15.37 42.82 11.46
C LEU C 118 14.88 41.43 11.82
N THR C 119 15.79 40.57 12.24
CA THR C 119 15.44 39.22 12.65
C THR C 119 15.80 39.03 14.13
N VAL C 120 14.81 38.73 14.97
CA VAL C 120 15.05 38.49 16.39
C VAL C 120 14.99 37.01 16.73
N SER C 121 16.11 36.47 17.21
CA SER C 121 16.17 35.05 17.56
C SER C 121 17.35 34.78 18.50
N SER C 122 17.26 33.69 19.26
CA SER C 122 18.35 33.29 20.16
C SER C 122 19.23 32.25 19.45
N ALA C 123 18.81 31.82 18.26
CA ALA C 123 19.59 30.89 17.46
C ALA C 123 20.93 31.54 17.11
N LYS C 124 21.99 30.74 17.04
CA LYS C 124 23.30 31.29 16.73
C LYS C 124 23.71 31.13 15.27
N THR C 125 24.55 32.05 14.81
CA THR C 125 25.04 32.08 13.45
C THR C 125 25.76 30.80 13.04
N THR C 126 25.27 30.19 11.96
CA THR C 126 25.81 28.91 11.50
C THR C 126 26.08 29.02 10.00
N PRO C 127 27.30 28.67 9.58
CA PRO C 127 27.63 28.73 8.14
C PRO C 127 26.88 27.70 7.31
N PRO C 128 26.65 28.00 6.03
CA PRO C 128 25.96 27.10 5.10
C PRO C 128 26.88 26.01 4.55
N SER C 129 26.30 24.83 4.31
CA SER C 129 26.95 23.78 3.55
C SER C 129 26.45 23.86 2.12
N VAL C 130 27.36 23.89 1.15
CA VAL C 130 26.98 24.06 -0.24
C VAL C 130 27.28 22.79 -1.03
N TYR C 131 26.25 22.23 -1.65
CA TYR C 131 26.37 20.97 -2.36
C TYR C 131 25.97 21.12 -3.82
N PRO C 132 26.79 20.62 -4.75
CA PRO C 132 26.51 20.70 -6.18
C PRO C 132 25.42 19.73 -6.63
N LEU C 133 24.57 20.18 -7.54
CA LEU C 133 23.49 19.35 -8.08
C LEU C 133 23.73 19.03 -9.56
N ALA C 134 24.19 17.81 -9.84
CA ALA C 134 24.40 17.39 -11.22
C ALA C 134 23.38 16.33 -11.66
N PRO C 135 22.92 16.40 -12.92
CA PRO C 135 21.96 15.48 -13.56
C PRO C 135 22.50 14.05 -13.81
N GLY C 136 21.59 13.13 -14.10
CA GLY C 136 21.93 11.74 -14.43
C GLY C 136 22.05 11.38 -15.91
N SER C 137 22.08 12.38 -16.80
CA SER C 137 22.07 12.15 -18.25
C SER C 137 20.67 11.76 -18.72
N ASN C 142 16.61 18.19 -23.84
CA ASN C 142 17.99 17.71 -23.95
C ASN C 142 18.92 18.80 -24.47
N SER C 143 18.42 19.62 -25.39
CA SER C 143 19.23 20.68 -26.00
C SER C 143 19.77 21.61 -24.93
N MET C 144 18.98 21.79 -23.87
CA MET C 144 19.37 22.65 -22.76
C MET C 144 19.56 21.75 -21.56
N VAL C 145 20.34 22.20 -20.58
CA VAL C 145 20.59 21.40 -19.38
C VAL C 145 20.49 22.25 -18.13
N THR C 146 19.89 21.69 -17.09
CA THR C 146 19.65 22.41 -15.85
C THR C 146 20.55 21.90 -14.73
N LEU C 147 21.22 22.85 -14.07
CA LEU C 147 22.07 22.54 -12.92
C LEU C 147 21.62 23.34 -11.71
N GLY C 148 22.34 23.20 -10.61
CA GLY C 148 22.04 23.94 -9.40
C GLY C 148 22.96 23.58 -8.26
N CYS C 149 22.88 24.34 -7.18
CA CYS C 149 23.63 24.00 -5.97
C CYS C 149 22.77 24.26 -4.75
N LEU C 150 22.78 23.28 -3.85
CA LEU C 150 21.96 23.27 -2.64
C LEU C 150 22.70 23.93 -1.47
N VAL C 151 22.06 24.92 -0.86
CA VAL C 151 22.64 25.62 0.29
C VAL C 151 21.89 25.21 1.55
N LYS C 152 22.61 24.58 2.47
CA LYS C 152 21.97 23.82 3.55
C LYS C 152 22.44 24.26 4.94
N GLY C 153 21.51 24.32 5.89
CA GLY C 153 21.84 24.50 7.30
C GLY C 153 22.54 25.79 7.70
N TYR C 154 22.05 26.94 7.23
CA TYR C 154 22.67 28.21 7.60
C TYR C 154 21.73 29.10 8.39
N PHE C 155 22.30 30.08 9.08
CA PHE C 155 21.52 31.05 9.82
C PHE C 155 22.41 32.24 10.20
N PRO C 156 21.89 33.46 10.11
CA PRO C 156 20.55 33.84 9.63
C PRO C 156 20.55 34.18 8.15
N GLU C 157 19.46 34.77 7.69
CA GLU C 157 19.40 35.36 6.35
C GLU C 157 20.20 36.65 6.34
N PRO C 158 20.61 37.10 5.15
CA PRO C 158 20.37 36.47 3.85
C PRO C 158 21.58 35.66 3.40
N VAL C 159 21.44 34.99 2.26
CA VAL C 159 22.57 34.36 1.60
C VAL C 159 22.55 34.77 0.14
N THR C 160 23.72 34.87 -0.48
CA THR C 160 23.82 35.32 -1.87
C THR C 160 24.33 34.20 -2.76
N VAL C 161 23.68 34.00 -3.88
CA VAL C 161 24.06 32.97 -4.83
C VAL C 161 24.25 33.53 -6.23
N THR C 162 25.39 33.20 -6.84
CA THR C 162 25.66 33.61 -8.22
C THR C 162 26.19 32.41 -9.00
N TRP C 163 26.31 32.57 -10.31
CA TRP C 163 26.85 31.51 -11.15
C TRP C 163 27.99 32.01 -12.02
N ASN C 164 29.14 31.36 -11.89
CA ASN C 164 30.35 31.79 -12.57
C ASN C 164 30.62 33.26 -12.32
N SER C 165 30.52 33.66 -11.05
CA SER C 165 30.83 35.01 -10.63
C SER C 165 29.87 36.04 -11.24
N GLY C 166 28.65 35.61 -11.57
CA GLY C 166 27.64 36.51 -12.08
C GLY C 166 27.48 36.49 -13.59
N SER C 167 28.32 35.73 -14.27
CA SER C 167 28.29 35.67 -15.73
C SER C 167 26.99 35.08 -16.27
N LEU C 168 26.27 34.33 -15.44
CA LEU C 168 24.97 33.77 -15.82
C LEU C 168 23.86 34.32 -14.95
N SER C 169 23.26 35.43 -15.37
CA SER C 169 22.14 36.03 -14.68
C SER C 169 20.78 35.64 -15.27
N SER C 170 20.79 35.09 -16.48
CA SER C 170 19.56 34.87 -17.25
C SER C 170 18.83 33.56 -16.99
N GLY C 171 19.54 32.44 -17.00
CA GLY C 171 18.92 31.16 -16.79
C GLY C 171 18.86 30.77 -15.33
N VAL C 172 18.88 31.75 -14.44
CA VAL C 172 18.99 31.46 -13.01
C VAL C 172 17.70 31.67 -12.22
N HIS C 173 17.43 30.70 -11.34
CA HIS C 173 16.34 30.80 -10.37
C HIS C 173 16.89 30.48 -8.98
N THR C 174 16.84 31.46 -8.09
CA THR C 174 17.23 31.23 -6.72
C THR C 174 15.97 31.27 -5.87
N PHE C 175 15.72 30.19 -5.14
CA PHE C 175 14.45 30.01 -4.45
C PHE C 175 14.52 30.54 -3.03
N PRO C 176 13.39 31.06 -2.53
CA PRO C 176 13.30 31.54 -1.14
C PRO C 176 13.68 30.45 -0.15
N ALA C 177 14.40 30.82 0.90
CA ALA C 177 14.81 29.89 1.95
C ALA C 177 13.64 29.48 2.83
N VAL C 178 13.75 28.31 3.45
CA VAL C 178 12.76 27.86 4.41
C VAL C 178 13.42 27.58 5.75
N LEU C 179 12.68 27.82 6.84
CA LEU C 179 13.22 27.66 8.18
C LEU C 179 12.76 26.33 8.79
N GLU C 180 13.71 25.49 9.16
CA GLU C 180 13.40 24.25 9.86
C GLU C 180 14.40 24.10 11.01
N SER C 181 13.89 24.00 12.24
CA SER C 181 14.74 23.85 13.42
C SER C 181 15.85 24.91 13.49
N ASP C 182 15.46 26.17 13.30
CA ASP C 182 16.37 27.30 13.49
C ASP C 182 17.45 27.42 12.40
N LEU C 183 17.32 26.66 11.31
CA LEU C 183 18.26 26.78 10.19
C LEU C 183 17.55 26.95 8.84
N TYR C 184 18.15 27.78 7.99
CA TYR C 184 17.60 28.04 6.66
C TYR C 184 18.23 27.12 5.63
N THR C 185 17.48 26.83 4.57
CA THR C 185 17.97 26.03 3.48
C THR C 185 17.32 26.50 2.18
N LEU C 186 18.13 26.63 1.14
CA LEU C 186 17.61 26.97 -0.16
C LEU C 186 18.44 26.32 -1.26
N SER C 187 17.96 26.48 -2.48
CA SER C 187 18.67 25.97 -3.64
C SER C 187 18.57 26.98 -4.76
N SER C 188 19.47 26.86 -5.73
CA SER C 188 19.45 27.71 -6.90
C SER C 188 19.59 26.86 -8.15
N SER C 189 18.82 27.19 -9.17
CA SER C 189 18.87 26.49 -10.44
C SER C 189 19.53 27.38 -11.48
N VAL C 190 20.22 26.76 -12.44
CA VAL C 190 20.76 27.49 -13.58
C VAL C 190 20.62 26.62 -14.83
N THR C 191 20.09 27.20 -15.89
CA THR C 191 19.93 26.45 -17.13
C THR C 191 20.85 27.02 -18.21
N VAL C 192 21.60 26.14 -18.85
CA VAL C 192 22.49 26.51 -19.93
C VAL C 192 22.31 25.50 -21.06
N PRO C 193 22.69 25.86 -22.28
CA PRO C 193 22.70 24.86 -23.35
C PRO C 193 23.62 23.71 -22.94
N SER C 194 23.51 22.55 -23.58
CA SER C 194 24.31 21.40 -23.19
C SER C 194 25.65 21.38 -23.92
N SER C 195 25.86 22.35 -24.81
CA SER C 195 27.15 22.52 -25.49
C SER C 195 28.25 22.89 -24.48
N PRO C 196 27.98 23.86 -23.60
CA PRO C 196 29.01 24.36 -22.69
C PRO C 196 29.01 23.57 -21.39
N ARG C 197 27.95 22.81 -21.09
CA ARG C 197 27.97 22.03 -19.87
C ARG C 197 28.91 20.86 -20.16
N PRO C 198 29.33 20.11 -19.13
CA PRO C 198 30.76 20.38 -19.04
C PRO C 198 31.62 19.93 -20.21
N SER C 199 31.57 20.69 -21.30
CA SER C 199 32.77 20.92 -22.06
C SER C 199 33.34 22.24 -21.54
N GLU C 200 32.53 22.96 -20.76
CA GLU C 200 32.97 24.15 -20.02
C GLU C 200 32.47 24.18 -18.58
N THR C 201 33.19 24.87 -17.70
CA THR C 201 32.92 24.86 -16.27
C THR C 201 31.71 25.71 -15.84
N VAL C 202 30.91 25.16 -14.94
CA VAL C 202 29.84 25.92 -14.29
C VAL C 202 29.98 25.82 -12.78
N THR C 203 30.06 26.98 -12.11
CA THR C 203 30.30 27.03 -10.67
C THR C 203 29.32 27.97 -9.97
N CYS C 204 28.70 27.50 -8.89
CA CYS C 204 27.87 28.38 -8.09
C CYS C 204 28.70 29.01 -6.98
N ASN C 205 28.50 30.31 -6.77
CA ASN C 205 29.25 31.05 -5.77
C ASN C 205 28.29 31.48 -4.68
N VAL C 206 28.49 30.95 -3.49
CA VAL C 206 27.61 31.23 -2.36
C VAL C 206 28.30 32.13 -1.35
N ALA C 207 27.58 33.15 -0.90
CA ALA C 207 28.09 34.04 0.15
C ALA C 207 27.10 34.12 1.31
N HIS C 208 27.63 34.01 2.53
CA HIS C 208 26.86 34.20 3.75
C HIS C 208 27.65 35.14 4.67
N PRO C 209 27.51 36.46 4.44
CA PRO C 209 28.28 37.50 5.13
C PRO C 209 28.23 37.39 6.65
N ALA C 210 27.09 36.97 7.19
CA ALA C 210 26.90 36.86 8.63
C ALA C 210 27.98 35.99 9.27
N SER C 211 28.37 34.93 8.59
CA SER C 211 29.42 34.03 9.06
C SER C 211 30.76 34.33 8.37
N SER C 212 30.78 35.38 7.55
CA SER C 212 31.99 35.78 6.83
C SER C 212 32.51 34.60 6.02
N THR C 213 31.62 33.98 5.26
CA THR C 213 31.95 32.79 4.49
C THR C 213 31.75 33.02 3.00
N LYS C 214 32.68 32.52 2.20
CA LYS C 214 32.55 32.55 0.75
C LYS C 214 32.90 31.17 0.23
N VAL C 215 32.03 30.59 -0.59
CA VAL C 215 32.25 29.23 -1.08
C VAL C 215 31.93 29.11 -2.57
N ASP C 216 32.78 28.39 -3.30
CA ASP C 216 32.59 28.15 -4.72
C ASP C 216 32.57 26.66 -5.00
N LYS C 217 31.41 26.14 -5.41
CA LYS C 217 31.30 24.72 -5.75
C LYS C 217 31.12 24.46 -7.24
N LYS C 218 32.16 23.88 -7.85
CA LYS C 218 32.10 23.47 -9.25
C LYS C 218 31.15 22.30 -9.42
N ILE C 219 30.29 22.40 -10.42
CA ILE C 219 29.33 21.34 -10.74
C ILE C 219 29.99 20.31 -11.63
N VAL C 220 29.94 19.05 -11.22
CA VAL C 220 30.61 17.98 -11.95
C VAL C 220 29.67 16.82 -12.26
N PRO C 221 29.83 16.20 -13.44
CA PRO C 221 28.99 15.10 -13.91
C PRO C 221 29.21 13.88 -13.04
N ARG C 222 28.25 12.96 -13.00
CA ARG C 222 28.37 11.84 -12.09
C ARG C 222 29.34 10.82 -12.66
N ASP C 223 30.37 10.52 -11.89
CA ASP C 223 31.35 9.51 -12.27
C ASP C 223 30.67 8.20 -12.65
N CYS C 224 30.98 7.73 -13.86
CA CYS C 224 30.42 6.48 -14.34
C CYS C 224 31.52 5.69 -15.06
N GLY C 225 31.56 4.38 -14.82
CA GLY C 225 32.54 3.52 -15.45
C GLY C 225 33.27 2.66 -14.43
N ASP D 1 -8.99 55.39 15.57
CA ASP D 1 -7.94 55.13 14.52
C ASP D 1 -8.59 54.50 13.29
N ILE D 2 -8.45 55.17 12.15
CA ILE D 2 -9.00 54.66 10.91
C ILE D 2 -8.28 53.40 10.47
N GLN D 3 -9.03 52.40 10.04
CA GLN D 3 -8.45 51.18 9.54
C GLN D 3 -8.64 51.20 8.03
N MET D 4 -7.55 51.02 7.30
CA MET D 4 -7.62 51.03 5.85
C MET D 4 -7.52 49.59 5.39
N THR D 5 -8.52 49.16 4.62
CA THR D 5 -8.61 47.77 4.21
C THR D 5 -8.64 47.63 2.70
N GLN D 6 -7.93 46.62 2.20
CA GLN D 6 -7.95 46.27 0.79
C GLN D 6 -8.44 44.85 0.66
N THR D 7 -9.75 44.73 0.41
CA THR D 7 -10.44 43.44 0.44
C THR D 7 -9.76 42.38 -0.41
N THR D 8 -9.25 42.78 -1.57
CA THR D 8 -8.61 41.84 -2.49
C THR D 8 -7.09 41.76 -2.27
N SER D 9 -6.63 40.60 -1.81
CA SER D 9 -5.20 40.40 -1.53
C SER D 9 -4.36 40.19 -2.79
N SER D 10 -4.89 39.45 -3.77
CA SER D 10 -4.14 39.16 -4.99
C SER D 10 -4.98 39.37 -6.24
N LEU D 11 -4.34 39.80 -7.32
CA LEU D 11 -5.04 40.15 -8.55
C LEU D 11 -4.25 39.75 -9.79
N SER D 12 -4.91 39.08 -10.74
CA SER D 12 -4.27 38.64 -11.97
C SER D 12 -4.83 39.38 -13.19
N ALA D 13 -3.96 39.81 -14.11
CA ALA D 13 -4.41 40.50 -15.33
C ALA D 13 -3.42 40.38 -16.49
N SER D 14 -3.86 40.79 -17.68
CA SER D 14 -3.04 40.73 -18.90
C SER D 14 -2.49 42.08 -19.32
N LEU D 15 -1.50 42.02 -20.21
CA LEU D 15 -0.91 43.21 -20.78
C LEU D 15 -1.98 43.96 -21.57
N GLY D 16 -2.11 45.25 -21.31
CA GLY D 16 -3.06 46.08 -22.04
C GLY D 16 -4.42 46.14 -21.39
N ASP D 17 -4.71 45.19 -20.51
CA ASP D 17 -5.99 45.13 -19.83
C ASP D 17 -6.09 46.15 -18.71
N ARG D 18 -7.31 46.49 -18.33
CA ARG D 18 -7.56 47.41 -17.22
C ARG D 18 -7.72 46.66 -15.90
N VAL D 19 -6.93 47.04 -14.90
CA VAL D 19 -7.08 46.46 -13.57
C VAL D 19 -7.46 47.59 -12.63
N THR D 20 -8.31 47.28 -11.65
CA THR D 20 -8.75 48.30 -10.71
C THR D 20 -8.59 47.80 -9.29
N ILE D 21 -7.86 48.57 -8.49
CA ILE D 21 -7.66 48.26 -7.08
C ILE D 21 -8.49 49.16 -6.19
N SER D 22 -9.10 48.56 -5.18
CA SER D 22 -10.00 49.27 -4.28
C SER D 22 -9.39 49.40 -2.89
N CYS D 23 -9.74 50.49 -2.22
CA CYS D 23 -9.30 50.73 -0.85
C CYS D 23 -10.47 51.30 -0.09
N ARG D 24 -10.62 50.87 1.15
CA ARG D 24 -11.74 51.30 1.98
C ARG D 24 -11.27 51.80 3.33
N ALA D 25 -11.94 52.83 3.82
CA ALA D 25 -11.63 53.41 5.12
C ALA D 25 -12.78 53.09 6.06
N SER D 26 -12.47 53.01 7.35
CA SER D 26 -13.49 52.68 8.35
C SER D 26 -14.33 53.91 8.68
N GLN D 27 -13.85 55.07 8.24
CA GLN D 27 -14.62 56.31 8.36
C GLN D 27 -14.19 57.29 7.27
N ASP D 28 -14.96 58.38 7.12
CA ASP D 28 -14.70 59.37 6.08
C ASP D 28 -13.34 60.05 6.29
N ILE D 29 -12.46 59.91 5.30
CA ILE D 29 -11.12 60.49 5.38
C ILE D 29 -10.99 61.71 4.46
N SER D 30 -12.11 62.17 3.91
CA SER D 30 -12.20 63.46 3.22
C SER D 30 -11.23 63.64 2.05
N ASN D 31 -11.14 62.62 1.19
CA ASN D 31 -10.34 62.69 -0.03
C ASN D 31 -8.82 62.72 0.22
N TYR D 32 -8.41 62.59 1.47
CA TYR D 32 -6.98 62.53 1.77
C TYR D 32 -6.47 61.10 1.70
N LEU D 33 -6.02 60.71 0.51
CA LEU D 33 -5.60 59.34 0.28
C LEU D 33 -4.51 59.26 -0.76
N THR D 34 -3.56 58.37 -0.52
CA THR D 34 -2.39 58.27 -1.37
C THR D 34 -2.13 56.82 -1.73
N TRP D 35 -1.67 56.60 -2.96
CA TRP D 35 -1.41 55.27 -3.45
C TRP D 35 0.08 55.06 -3.64
N TYR D 36 0.54 53.86 -3.30
CA TYR D 36 1.95 53.53 -3.46
C TYR D 36 2.11 52.25 -4.24
N GLN D 37 3.26 52.13 -4.88
CA GLN D 37 3.62 50.94 -5.61
C GLN D 37 4.89 50.40 -5.02
N GLN D 38 4.85 49.15 -4.57
CA GLN D 38 6.05 48.48 -4.08
C GLN D 38 6.37 47.28 -4.97
N LYS D 39 7.45 47.39 -5.73
CA LYS D 39 7.91 46.28 -6.58
C LYS D 39 8.64 45.20 -5.76
N PRO D 40 8.80 44.00 -6.33
CA PRO D 40 9.44 42.85 -5.67
C PRO D 40 10.77 43.14 -5.00
N ASP D 41 11.68 43.85 -5.68
CA ASP D 41 12.94 44.24 -5.04
C ASP D 41 12.70 44.87 -3.68
N GLY D 42 11.52 45.46 -3.49
CA GLY D 42 11.15 46.05 -2.21
C GLY D 42 11.09 47.57 -2.22
N THR D 43 11.37 48.20 -3.35
CA THR D 43 11.41 49.65 -3.43
C THR D 43 10.00 50.18 -3.48
N VAL D 44 9.82 51.39 -2.94
CA VAL D 44 8.49 51.98 -2.86
C VAL D 44 8.47 53.29 -3.63
N LYS D 45 7.39 53.50 -4.37
CA LYS D 45 7.23 54.73 -5.13
C LYS D 45 5.80 55.24 -4.99
N LEU D 46 5.67 56.55 -4.80
CA LEU D 46 4.36 57.16 -4.67
C LEU D 46 3.77 57.37 -6.06
N LEU D 47 2.49 57.06 -6.20
CA LEU D 47 1.80 57.17 -7.48
C LEU D 47 0.84 58.35 -7.51
N ILE D 48 -0.10 58.36 -6.57
CA ILE D 48 -1.18 59.32 -6.55
C ILE D 48 -1.45 59.88 -5.17
N TYR D 49 -1.74 61.17 -5.10
CA TYR D 49 -2.10 61.81 -3.84
C TYR D 49 -3.45 62.52 -3.97
N TYR D 50 -4.10 62.76 -2.83
CA TYR D 50 -5.45 63.30 -2.82
C TYR D 50 -6.37 62.53 -3.77
N THR D 51 -6.18 61.21 -3.84
CA THR D 51 -7.16 60.34 -4.49
C THR D 51 -7.12 60.31 -6.02
N SER D 52 -6.83 61.45 -6.65
CA SER D 52 -6.89 61.53 -8.11
C SER D 52 -5.72 62.29 -8.71
N LYS D 53 -4.91 62.93 -7.87
CA LYS D 53 -3.84 63.80 -8.37
C LYS D 53 -2.57 63.00 -8.59
N LEU D 54 -2.12 63.02 -9.84
CA LEU D 54 -0.98 62.23 -10.27
C LEU D 54 0.34 62.90 -9.90
N HIS D 55 1.21 62.13 -9.27
CA HIS D 55 2.51 62.62 -8.80
C HIS D 55 3.45 62.78 -9.98
N SER D 56 4.37 63.73 -9.90
CA SER D 56 5.31 63.96 -11.00
C SER D 56 6.15 62.72 -11.29
N GLY D 57 6.30 62.40 -12.58
CA GLY D 57 7.12 61.28 -12.98
C GLY D 57 6.36 59.97 -13.17
N VAL D 58 5.07 59.98 -12.82
CA VAL D 58 4.24 58.78 -12.95
C VAL D 58 3.51 58.75 -14.30
N PRO D 59 3.48 57.59 -14.96
CA PRO D 59 2.75 57.45 -16.23
C PRO D 59 1.27 57.77 -16.09
N SER D 60 0.67 58.27 -17.17
CA SER D 60 -0.71 58.75 -17.14
C SER D 60 -1.73 57.61 -17.08
N ARG D 61 -1.27 56.38 -17.34
CA ARG D 61 -2.17 55.23 -17.30
C ARG D 61 -2.59 54.93 -15.86
N PHE D 62 -1.93 55.56 -14.90
CA PHE D 62 -2.34 55.43 -13.50
C PHE D 62 -3.34 56.53 -13.21
N SER D 63 -4.45 56.16 -12.57
CA SER D 63 -5.49 57.10 -12.25
C SER D 63 -6.12 56.72 -10.94
N GLY D 64 -6.81 57.67 -10.31
CA GLY D 64 -7.41 57.40 -9.03
C GLY D 64 -8.79 58.03 -8.94
N SER D 65 -9.65 57.38 -8.14
CA SER D 65 -11.01 57.83 -7.98
C SER D 65 -11.48 57.43 -6.60
N GLY D 66 -12.69 57.87 -6.26
CA GLY D 66 -13.28 57.53 -4.98
C GLY D 66 -13.71 58.77 -4.26
N SER D 67 -14.43 58.57 -3.15
CA SER D 67 -14.90 59.67 -2.34
C SER D 67 -15.28 59.13 -0.98
N GLY D 68 -15.38 60.01 0.01
CA GLY D 68 -15.78 59.58 1.34
C GLY D 68 -14.87 58.49 1.88
N THR D 69 -15.38 57.26 1.89
CA THR D 69 -14.67 56.14 2.47
C THR D 69 -14.08 55.16 1.43
N ASP D 70 -14.58 55.19 0.20
CA ASP D 70 -14.12 54.26 -0.83
C ASP D 70 -13.28 54.98 -1.87
N TYR D 71 -12.16 54.36 -2.22
CA TYR D 71 -11.25 54.92 -3.19
C TYR D 71 -10.70 53.80 -4.06
N SER D 72 -10.19 54.16 -5.22
CA SER D 72 -9.73 53.16 -6.16
C SER D 72 -8.56 53.68 -6.99
N LEU D 73 -7.64 52.78 -7.28
CA LEU D 73 -6.52 53.06 -8.16
C LEU D 73 -6.76 52.26 -9.43
N THR D 74 -6.57 52.89 -10.57
CA THR D 74 -6.85 52.25 -11.85
C THR D 74 -5.66 52.33 -12.80
N ILE D 75 -5.39 51.23 -13.50
CA ILE D 75 -4.37 51.20 -14.53
C ILE D 75 -4.98 50.86 -15.87
N SER D 76 -4.92 51.81 -16.81
CA SER D 76 -5.59 51.69 -18.09
C SER D 76 -4.97 50.62 -18.98
N ASN D 77 -3.67 50.69 -19.18
CA ASN D 77 -2.96 49.73 -20.03
C ASN D 77 -1.86 49.04 -19.25
N LEU D 78 -2.15 47.83 -18.77
CA LEU D 78 -1.21 47.12 -17.93
C LEU D 78 0.05 46.78 -18.71
N GLU D 79 1.20 47.14 -18.13
CA GLU D 79 2.49 46.83 -18.73
C GLU D 79 3.29 45.89 -17.83
N GLN D 80 4.40 45.39 -18.35
CA GLN D 80 5.19 44.39 -17.64
C GLN D 80 5.79 44.90 -16.35
N GLU D 81 6.20 46.17 -16.34
CA GLU D 81 6.82 46.77 -15.15
C GLU D 81 5.77 47.11 -14.09
N ASP D 82 4.49 46.88 -14.40
CA ASP D 82 3.42 47.16 -13.47
C ASP D 82 3.16 46.03 -12.48
N VAL D 83 3.98 44.97 -12.55
CA VAL D 83 3.86 43.87 -11.60
C VAL D 83 4.40 44.27 -10.24
N ALA D 84 3.50 44.46 -9.28
CA ALA D 84 3.92 44.94 -7.97
C ALA D 84 2.84 44.77 -6.91
N ASN D 85 3.13 45.27 -5.72
CA ASN D 85 2.15 45.37 -4.64
C ASN D 85 1.66 46.81 -4.53
N TYR D 86 0.35 47.01 -4.57
CA TYR D 86 -0.22 48.35 -4.48
C TYR D 86 -1.01 48.54 -3.19
N PHE D 87 -0.69 49.58 -2.44
CA PHE D 87 -1.37 49.84 -1.17
C PHE D 87 -1.65 51.33 -0.95
N CYS D 88 -2.65 51.60 -0.12
CA CYS D 88 -3.13 52.95 0.13
C CYS D 88 -2.74 53.43 1.52
N GLN D 89 -2.82 54.75 1.72
CA GLN D 89 -2.67 55.32 3.06
C GLN D 89 -3.61 56.50 3.20
N GLN D 90 -4.09 56.75 4.41
CA GLN D 90 -4.92 57.91 4.68
C GLN D 90 -4.03 59.01 5.26
N GLY D 91 -4.25 60.25 4.83
CA GLY D 91 -3.46 61.37 5.33
C GLY D 91 -4.30 62.44 6.00
N ASN D 92 -5.47 62.07 6.48
CA ASN D 92 -6.38 63.03 7.11
C ASN D 92 -6.07 63.19 8.59
N SER D 93 -5.79 62.09 9.25
CA SER D 93 -5.60 62.09 10.69
C SER D 93 -4.48 61.17 11.13
N LEU D 94 -4.11 61.29 12.39
CA LEU D 94 -3.08 60.44 12.98
C LEU D 94 -3.74 59.32 13.79
N PRO D 95 -3.08 58.14 13.83
CA PRO D 95 -1.83 57.88 13.13
C PRO D 95 -2.06 57.62 11.65
N PRO D 96 -1.02 57.79 10.81
CA PRO D 96 -1.15 57.37 9.42
C PRO D 96 -1.35 55.88 9.35
N THR D 97 -2.26 55.42 8.49
CA THR D 97 -2.58 54.01 8.39
C THR D 97 -2.56 53.53 6.95
N PHE D 98 -2.17 52.27 6.76
CA PHE D 98 -2.00 51.71 5.43
C PHE D 98 -2.86 50.48 5.21
N GLY D 99 -3.06 50.12 3.95
CA GLY D 99 -3.76 48.89 3.61
C GLY D 99 -2.78 47.73 3.55
N GLY D 100 -3.32 46.52 3.57
CA GLY D 100 -2.51 45.31 3.52
C GLY D 100 -1.81 45.15 2.19
N GLY D 101 -2.30 45.85 1.18
CA GLY D 101 -1.72 45.81 -0.14
C GLY D 101 -2.45 44.85 -1.07
N THR D 102 -2.33 45.09 -2.37
CA THR D 102 -2.92 44.21 -3.37
C THR D 102 -1.84 43.82 -4.37
N LYS D 103 -1.58 42.52 -4.49
CA LYS D 103 -0.55 42.04 -5.41
C LYS D 103 -1.09 41.90 -6.82
N LEU D 104 -0.39 42.51 -7.77
CA LEU D 104 -0.76 42.39 -9.18
C LEU D 104 0.19 41.41 -9.85
N GLU D 105 -0.38 40.40 -10.51
CA GLU D 105 0.41 39.45 -11.26
C GLU D 105 -0.09 39.38 -12.69
N ILE D 106 0.75 38.89 -13.59
CA ILE D 106 0.40 38.83 -15.01
C ILE D 106 -0.22 37.52 -15.41
N LYS D 107 -1.13 37.58 -16.38
CA LYS D 107 -1.75 36.38 -16.90
C LYS D 107 -1.20 36.20 -18.31
N ARG D 108 -0.91 34.96 -18.65
CA ARG D 108 -0.26 34.62 -19.90
C ARG D 108 -0.64 33.20 -20.28
N ALA D 109 -0.16 32.75 -21.44
CA ALA D 109 -0.51 31.43 -21.92
C ALA D 109 -0.03 30.40 -20.90
N ASP D 110 -0.88 29.42 -20.62
CA ASP D 110 -0.52 28.35 -19.71
C ASP D 110 0.75 27.68 -20.20
N ALA D 111 1.69 27.45 -19.29
CA ALA D 111 2.96 26.83 -19.64
C ALA D 111 3.30 25.71 -18.68
N ALA D 112 3.73 24.58 -19.24
CA ALA D 112 4.09 23.41 -18.45
C ALA D 112 5.48 23.57 -17.83
N PRO D 113 5.69 22.96 -16.66
CA PRO D 113 6.95 23.03 -15.92
C PRO D 113 8.05 22.18 -16.55
N THR D 114 9.27 22.71 -16.57
CA THR D 114 10.43 21.93 -16.97
C THR D 114 11.00 21.26 -15.73
N VAL D 115 10.81 19.95 -15.63
CA VAL D 115 11.16 19.23 -14.41
C VAL D 115 12.53 18.60 -14.52
N SER D 116 13.32 18.71 -13.45
CA SER D 116 14.64 18.12 -13.40
C SER D 116 14.87 17.61 -11.99
N ILE D 117 15.44 16.41 -11.87
CA ILE D 117 15.66 15.78 -10.57
C ILE D 117 17.15 15.53 -10.36
N PHE D 118 17.59 15.66 -9.11
CA PHE D 118 19.02 15.60 -8.79
C PHE D 118 19.31 14.69 -7.62
N PRO D 119 20.09 13.63 -7.86
CA PRO D 119 20.59 12.76 -6.79
C PRO D 119 21.46 13.53 -5.83
N PRO D 120 21.58 13.02 -4.59
CA PRO D 120 22.44 13.62 -3.56
C PRO D 120 23.88 13.75 -4.03
N SER D 121 24.55 14.83 -3.61
CA SER D 121 25.96 15.00 -3.92
C SER D 121 26.77 14.00 -3.10
N SER D 122 27.92 13.59 -3.65
CA SER D 122 28.84 12.72 -2.93
C SER D 122 29.39 13.46 -1.71
N GLU D 123 29.40 14.79 -1.76
CA GLU D 123 29.95 15.61 -0.67
C GLU D 123 29.06 15.58 0.56
N GLN D 124 27.76 15.59 0.36
CA GLN D 124 26.81 15.58 1.46
C GLN D 124 26.65 14.15 1.98
N LEU D 125 26.89 13.17 1.11
CA LEU D 125 26.79 11.77 1.50
C LEU D 125 27.94 11.46 2.46
N THR D 126 29.06 12.15 2.27
CA THR D 126 30.17 12.06 3.21
C THR D 126 29.76 12.72 4.52
N SER D 127 28.77 13.60 4.44
CA SER D 127 28.27 14.35 5.59
C SER D 127 27.23 13.53 6.36
N GLY D 128 26.68 12.51 5.73
CA GLY D 128 25.75 11.61 6.40
C GLY D 128 24.32 11.82 5.97
N GLY D 129 24.09 12.91 5.26
CA GLY D 129 22.76 13.25 4.82
C GLY D 129 22.62 13.00 3.33
N ALA D 130 21.38 13.02 2.85
CA ALA D 130 21.11 12.84 1.44
C ALA D 130 19.87 13.65 1.07
N SER D 131 20.05 14.67 0.24
CA SER D 131 18.96 15.54 -0.16
C SER D 131 18.68 15.33 -1.64
N VAL D 132 17.50 14.82 -1.95
CA VAL D 132 17.05 14.67 -3.32
C VAL D 132 16.22 15.87 -3.73
N VAL D 133 16.70 16.60 -4.73
CA VAL D 133 16.07 17.83 -5.15
C VAL D 133 15.37 17.67 -6.50
N CYS D 134 14.21 18.30 -6.63
CA CYS D 134 13.47 18.27 -7.88
C CYS D 134 13.07 19.72 -8.22
N PHE D 135 13.52 20.20 -9.38
CA PHE D 135 13.19 21.55 -9.83
C PHE D 135 12.02 21.55 -10.81
N LEU D 136 11.09 22.46 -10.59
CA LEU D 136 9.98 22.70 -11.52
C LEU D 136 10.04 24.13 -12.00
N ASN D 137 10.51 24.32 -13.23
CA ASN D 137 10.85 25.65 -13.70
C ASN D 137 9.95 26.17 -14.81
N ASN D 138 9.65 27.46 -14.71
CA ASN D 138 8.99 28.21 -15.76
C ASN D 138 7.62 27.64 -16.18
N PHE D 139 6.68 27.66 -15.25
CA PHE D 139 5.32 27.24 -15.54
C PHE D 139 4.32 28.32 -15.14
N TYR D 140 3.15 28.29 -15.75
CA TYR D 140 2.04 29.17 -15.39
C TYR D 140 0.73 28.43 -15.67
N PRO D 141 -0.27 28.57 -14.78
CA PRO D 141 -0.30 29.39 -13.57
C PRO D 141 0.53 28.81 -12.41
N LYS D 142 0.46 29.48 -11.26
CA LYS D 142 1.33 29.16 -10.12
C LYS D 142 0.96 27.88 -9.39
N ASP D 143 -0.32 27.52 -9.41
CA ASP D 143 -0.78 26.33 -8.71
C ASP D 143 -0.20 25.07 -9.33
N ILE D 144 0.45 24.27 -8.50
CA ILE D 144 1.10 23.05 -8.95
C ILE D 144 1.35 22.16 -7.74
N ASN D 145 1.36 20.85 -7.96
CA ASN D 145 1.62 19.90 -6.89
C ASN D 145 2.68 18.88 -7.26
N VAL D 146 3.56 18.58 -6.31
CA VAL D 146 4.62 17.61 -6.54
C VAL D 146 4.46 16.44 -5.59
N LYS D 147 4.69 15.24 -6.10
CA LYS D 147 4.57 14.03 -5.30
C LYS D 147 5.84 13.18 -5.46
N TRP D 148 6.41 12.76 -4.32
CA TRP D 148 7.63 11.95 -4.30
C TRP D 148 7.34 10.47 -4.15
N LYS D 149 7.95 9.67 -5.00
CA LYS D 149 7.76 8.23 -4.94
C LYS D 149 9.11 7.54 -4.80
N ILE D 150 9.22 6.62 -3.85
CA ILE D 150 10.43 5.83 -3.70
C ILE D 150 10.11 4.36 -3.93
N ASP D 151 10.77 3.77 -4.93
CA ASP D 151 10.50 2.40 -5.33
C ASP D 151 9.01 2.17 -5.51
N GLY D 152 8.32 3.18 -6.04
CA GLY D 152 6.89 3.06 -6.32
C GLY D 152 6.01 3.60 -5.21
N SER D 153 6.55 3.66 -3.99
CA SER D 153 5.74 4.07 -2.85
C SER D 153 5.88 5.56 -2.61
N GLU D 154 4.77 6.21 -2.30
CA GLU D 154 4.77 7.65 -2.04
C GLU D 154 5.43 7.95 -0.70
N ARG D 155 6.06 9.12 -0.63
CA ARG D 155 6.70 9.57 0.60
C ARG D 155 6.29 11.02 0.81
N GLN D 156 5.73 11.32 1.99
CA GLN D 156 5.21 12.65 2.25
C GLN D 156 6.03 13.34 3.34
N ASN D 157 6.92 12.58 3.97
CA ASN D 157 7.72 13.09 5.07
C ASN D 157 9.11 13.53 4.62
N GLY D 158 9.52 14.72 5.05
CA GLY D 158 10.85 15.22 4.75
C GLY D 158 10.87 16.05 3.48
N VAL D 159 9.69 16.37 2.97
CA VAL D 159 9.59 17.16 1.74
C VAL D 159 9.32 18.63 2.03
N LEU D 160 10.24 19.49 1.60
CA LEU D 160 10.06 20.94 1.72
C LEU D 160 10.02 21.61 0.36
N ASN D 161 9.01 22.44 0.14
CA ASN D 161 8.84 23.14 -1.12
C ASN D 161 9.05 24.64 -1.00
N SER D 162 9.41 25.26 -2.12
CA SER D 162 9.61 26.71 -2.17
C SER D 162 9.24 27.24 -3.55
N TRP D 163 8.48 28.34 -3.57
CA TRP D 163 8.06 28.96 -4.83
C TRP D 163 8.76 30.31 -5.03
N THR D 164 9.12 30.59 -6.27
CA THR D 164 9.65 31.90 -6.63
C THR D 164 8.54 32.89 -6.89
N ASP D 165 8.87 34.17 -6.83
CA ASP D 165 7.96 35.20 -7.29
C ASP D 165 7.94 35.14 -8.80
N GLN D 166 6.94 35.78 -9.40
CA GLN D 166 6.80 35.78 -10.85
C GLN D 166 8.02 36.39 -11.55
N ASP D 167 8.53 35.67 -12.54
CA ASP D 167 9.69 36.10 -13.32
C ASP D 167 9.38 37.35 -14.13
N SER D 168 10.25 38.35 -14.03
CA SER D 168 10.03 39.63 -14.69
C SER D 168 10.25 39.59 -16.19
N LYS D 169 10.53 38.42 -16.75
CA LYS D 169 10.85 38.29 -18.16
C LYS D 169 9.76 37.53 -18.92
N ASP D 170 9.44 36.34 -18.43
CA ASP D 170 8.44 35.47 -19.06
C ASP D 170 7.20 35.28 -18.19
N SER D 171 7.15 35.96 -17.05
CA SER D 171 5.96 35.94 -16.19
C SER D 171 5.58 34.51 -15.78
N THR D 172 6.58 33.67 -15.57
CA THR D 172 6.34 32.29 -15.16
C THR D 172 6.72 32.09 -13.70
N TYR D 173 6.40 30.91 -13.18
CA TYR D 173 6.75 30.56 -11.81
C TYR D 173 7.63 29.33 -11.79
N SER D 174 8.37 29.19 -10.71
CA SER D 174 9.19 28.01 -10.51
C SER D 174 9.08 27.56 -9.07
N MET D 175 9.39 26.30 -8.84
CA MET D 175 9.21 25.68 -7.54
C MET D 175 10.31 24.65 -7.35
N SER D 176 10.82 24.56 -6.13
CA SER D 176 11.79 23.55 -5.78
C SER D 176 11.19 22.64 -4.72
N SER D 177 11.27 21.35 -4.95
CA SER D 177 10.85 20.37 -3.95
C SER D 177 12.08 19.60 -3.51
N THR D 178 12.34 19.58 -2.21
CA THR D 178 13.54 18.94 -1.68
C THR D 178 13.17 17.87 -0.68
N LEU D 179 13.54 16.63 -1.02
CA LEU D 179 13.30 15.49 -0.15
C LEU D 179 14.59 15.23 0.62
N THR D 180 14.49 15.26 1.95
CA THR D 180 15.67 15.14 2.79
C THR D 180 15.68 13.82 3.55
N LEU D 181 16.81 13.12 3.48
CA LEU D 181 16.95 11.84 4.14
C LEU D 181 18.32 11.73 4.79
N THR D 182 18.59 10.59 5.42
CA THR D 182 19.91 10.33 5.94
C THR D 182 20.61 9.40 4.97
N LYS D 183 21.92 9.28 5.11
CA LYS D 183 22.70 8.48 4.18
C LYS D 183 22.21 7.04 4.19
N ASP D 184 22.10 6.48 5.39
CA ASP D 184 21.67 5.08 5.54
C ASP D 184 20.29 4.85 4.93
N GLU D 185 19.38 5.79 5.15
CA GLU D 185 18.02 5.67 4.65
C GLU D 185 17.96 5.76 3.13
N TYR D 186 18.80 6.62 2.56
CA TYR D 186 18.84 6.81 1.12
C TYR D 186 19.34 5.58 0.37
N GLU D 187 20.38 4.93 0.87
CA GLU D 187 20.97 3.81 0.14
C GLU D 187 20.28 2.46 0.34
N ARG D 188 19.13 2.43 1.01
CA ARG D 188 18.42 1.16 1.14
C ARG D 188 17.28 1.09 0.13
N HIS D 189 17.20 2.09 -0.74
CA HIS D 189 16.22 2.09 -1.83
C HIS D 189 16.92 2.49 -3.11
N ASN D 190 16.26 2.25 -4.24
CA ASN D 190 16.89 2.45 -5.54
C ASN D 190 16.26 3.57 -6.39
N SER D 191 14.99 3.42 -6.75
CA SER D 191 14.33 4.37 -7.64
C SER D 191 13.78 5.59 -6.89
N TYR D 192 14.20 6.77 -7.32
CA TYR D 192 13.70 8.02 -6.76
C TYR D 192 13.04 8.85 -7.86
N THR D 193 11.79 9.22 -7.64
CA THR D 193 10.99 9.86 -8.66
C THR D 193 10.32 11.12 -8.13
N CYS D 194 10.26 12.14 -8.98
CA CYS D 194 9.57 13.38 -8.66
C CYS D 194 8.48 13.62 -9.68
N GLU D 195 7.23 13.49 -9.26
CA GLU D 195 6.10 13.65 -10.16
C GLU D 195 5.45 15.00 -9.96
N ALA D 196 5.21 15.71 -11.05
CA ALA D 196 4.59 17.04 -10.99
C ALA D 196 3.28 17.05 -11.76
N THR D 197 2.23 17.53 -11.11
CA THR D 197 0.93 17.64 -11.74
C THR D 197 0.57 19.12 -11.88
N HIS D 198 0.12 19.49 -13.06
CA HIS D 198 -0.16 20.88 -13.38
C HIS D 198 -1.35 20.96 -14.33
N LYS D 199 -2.06 22.08 -14.31
CA LYS D 199 -3.19 22.27 -15.21
C LYS D 199 -2.83 21.92 -16.64
N THR D 200 -1.56 22.10 -16.99
CA THR D 200 -1.13 22.01 -18.39
C THR D 200 -1.26 20.59 -18.91
N SER D 201 -1.31 19.63 -17.99
CA SER D 201 -1.45 18.23 -18.38
C SER D 201 -2.17 17.46 -17.30
N THR D 202 -3.08 16.59 -17.72
CA THR D 202 -3.79 15.70 -16.81
C THR D 202 -2.84 14.63 -16.29
N SER D 203 -1.91 14.21 -17.13
CA SER D 203 -0.90 13.22 -16.75
C SER D 203 0.30 13.91 -16.11
N PRO D 204 0.86 13.32 -15.03
CA PRO D 204 2.03 13.88 -14.36
C PRO D 204 3.30 13.94 -15.21
N ILE D 205 4.04 15.04 -15.10
CA ILE D 205 5.37 15.15 -15.69
C ILE D 205 6.35 14.47 -14.75
N VAL D 206 6.98 13.40 -15.21
CA VAL D 206 7.82 12.57 -14.33
C VAL D 206 9.30 12.54 -14.67
N LYS D 207 10.12 12.81 -13.66
CA LYS D 207 11.57 12.64 -13.79
C LYS D 207 12.07 11.73 -12.67
N SER D 208 12.87 10.74 -13.04
CA SER D 208 13.35 9.76 -12.08
C SER D 208 14.84 9.49 -12.28
N PHE D 209 15.42 8.73 -11.35
CA PHE D 209 16.80 8.30 -11.49
C PHE D 209 17.03 7.11 -10.57
N ASN D 210 18.04 6.32 -10.89
CA ASN D 210 18.39 5.18 -10.06
C ASN D 210 19.75 5.32 -9.38
N ARG D 211 19.77 5.02 -8.08
CA ARG D 211 20.97 5.13 -7.26
C ARG D 211 22.05 4.10 -7.62
N ASN D 212 21.61 2.95 -8.12
CA ASN D 212 22.50 1.81 -8.40
C ASN D 212 23.36 1.99 -9.65
N GLU D 213 22.82 2.70 -10.63
CA GLU D 213 23.45 2.88 -11.92
C GLU D 213 24.85 3.49 -11.83
N CYS D 214 24.92 4.82 -11.71
CA CYS D 214 26.21 5.48 -11.60
C CYS D 214 26.30 6.23 -10.27
N GLU E 1 -24.82 15.92 -38.54
CA GLU E 1 -23.36 15.94 -38.86
C GLU E 1 -23.11 15.43 -40.27
N VAL E 2 -21.91 15.68 -40.77
CA VAL E 2 -21.51 15.18 -42.07
C VAL E 2 -20.92 13.80 -41.86
N GLN E 3 -21.45 12.82 -42.58
CA GLN E 3 -21.02 11.44 -42.41
C GLN E 3 -20.98 10.75 -43.77
N LEU E 4 -19.85 10.13 -44.07
CA LEU E 4 -19.76 9.30 -45.27
C LEU E 4 -19.75 7.83 -44.85
N GLN E 5 -20.41 6.99 -45.62
CA GLN E 5 -20.49 5.56 -45.30
C GLN E 5 -20.18 4.73 -46.54
N GLN E 6 -19.03 4.06 -46.49
CA GLN E 6 -18.55 3.30 -47.64
C GLN E 6 -19.14 1.90 -47.59
N SER E 7 -18.94 1.13 -48.66
CA SER E 7 -19.56 -0.19 -48.77
C SER E 7 -18.73 -1.20 -48.01
N GLY E 8 -19.28 -2.41 -47.82
CA GLY E 8 -18.62 -3.40 -47.00
C GLY E 8 -17.40 -4.00 -47.66
N THR E 9 -16.70 -4.87 -46.94
CA THR E 9 -15.50 -5.50 -47.46
C THR E 9 -15.83 -6.33 -48.68
N VAL E 10 -14.92 -6.36 -49.64
CA VAL E 10 -15.14 -7.06 -50.90
C VAL E 10 -14.02 -8.02 -51.31
N LEU E 11 -14.40 -9.25 -51.65
CA LEU E 11 -13.47 -10.23 -52.19
C LEU E 11 -13.72 -10.32 -53.69
N ALA E 12 -12.64 -10.32 -54.47
CA ALA E 12 -12.76 -10.38 -55.94
C ALA E 12 -11.62 -11.17 -56.54
N ARG E 13 -11.88 -11.79 -57.68
CA ARG E 13 -10.87 -12.56 -58.42
C ARG E 13 -10.11 -11.70 -59.43
N PRO E 14 -8.90 -12.13 -59.80
CA PRO E 14 -8.08 -11.48 -60.83
C PRO E 14 -8.78 -11.40 -62.18
N GLY E 15 -8.67 -10.25 -62.84
CA GLY E 15 -9.24 -10.07 -64.17
C GLY E 15 -10.64 -9.49 -64.06
N ALA E 16 -11.19 -9.57 -62.85
CA ALA E 16 -12.51 -9.06 -62.57
C ALA E 16 -12.49 -7.56 -62.36
N SER E 17 -13.68 -7.02 -62.12
CA SER E 17 -13.86 -5.62 -61.82
C SER E 17 -14.81 -5.50 -60.63
N VAL E 18 -14.60 -4.50 -59.79
CA VAL E 18 -15.42 -4.33 -58.60
C VAL E 18 -15.88 -2.88 -58.57
N LYS E 19 -16.87 -2.58 -57.73
CA LYS E 19 -17.48 -1.25 -57.70
C LYS E 19 -17.86 -0.96 -56.26
N MET E 20 -17.26 0.09 -55.73
CA MET E 20 -17.44 0.52 -54.36
C MET E 20 -18.19 1.82 -54.22
N SER E 21 -18.91 1.97 -53.12
CA SER E 21 -19.78 3.12 -52.94
C SER E 21 -19.44 3.93 -51.70
N CYS E 22 -19.98 5.14 -51.67
CA CYS E 22 -19.76 6.05 -50.55
C CYS E 22 -21.02 6.89 -50.42
N GLU E 23 -21.80 6.64 -49.37
CA GLU E 23 -23.06 7.33 -49.18
C GLU E 23 -22.82 8.58 -48.35
N ALA E 24 -23.15 9.74 -48.89
CA ALA E 24 -22.91 11.00 -48.22
C ALA E 24 -24.15 11.47 -47.45
N SER E 25 -23.91 12.23 -46.38
CA SER E 25 -24.98 12.81 -45.58
C SER E 25 -24.50 14.02 -44.79
N GLY E 26 -25.44 14.86 -44.36
CA GLY E 26 -25.14 16.00 -43.51
C GLY E 26 -24.80 17.28 -44.24
N TYR E 27 -24.82 17.22 -45.57
CA TYR E 27 -24.51 18.39 -46.38
C TYR E 27 -25.04 18.25 -47.79
N THR E 28 -24.81 19.26 -48.61
CA THR E 28 -25.30 19.21 -49.98
C THR E 28 -24.30 18.50 -50.89
N PHE E 29 -24.62 17.25 -51.22
CA PHE E 29 -23.77 16.35 -51.97
C PHE E 29 -23.28 16.96 -53.28
N THR E 30 -24.18 17.65 -53.95
CA THR E 30 -23.98 18.17 -55.30
C THR E 30 -22.96 19.31 -55.36
N SER E 31 -22.46 19.74 -54.21
CA SER E 31 -21.68 20.97 -54.08
C SER E 31 -20.17 20.80 -53.88
N TYR E 32 -19.78 19.86 -53.02
CA TYR E 32 -18.37 19.61 -52.69
C TYR E 32 -17.68 18.51 -53.53
N TRP E 33 -16.39 18.68 -53.84
CA TRP E 33 -15.65 17.64 -54.56
C TRP E 33 -15.40 16.44 -53.65
N MET E 34 -15.61 15.23 -54.17
CA MET E 34 -15.32 14.00 -53.43
C MET E 34 -14.07 13.32 -54.00
N HIS E 35 -13.29 12.68 -53.14
CA HIS E 35 -12.05 12.03 -53.54
C HIS E 35 -11.93 10.60 -53.06
N TRP E 36 -11.20 9.81 -53.84
CA TRP E 36 -10.92 8.42 -53.50
C TRP E 36 -9.42 8.24 -53.34
N LEU E 37 -9.02 7.46 -52.33
CA LEU E 37 -7.61 7.23 -52.04
C LEU E 37 -7.37 5.74 -51.90
N LYS E 38 -6.13 5.30 -52.09
CA LYS E 38 -5.81 3.87 -52.08
C LYS E 38 -4.64 3.64 -51.12
N LYS E 39 -4.93 2.94 -50.04
CA LYS E 39 -3.94 2.60 -49.01
C LYS E 39 -3.47 1.15 -48.96
N ARG E 40 -2.18 0.91 -49.19
CA ARG E 40 -1.64 -0.44 -49.13
C ARG E 40 -0.67 -0.40 -47.94
N PRO E 41 -0.68 -1.47 -47.14
CA PRO E 41 -0.11 -1.63 -45.79
C PRO E 41 1.39 -1.29 -45.66
N GLY E 42 2.07 -1.01 -46.76
CA GLY E 42 3.48 -0.68 -46.74
C GLY E 42 3.82 0.71 -47.25
N GLN E 43 2.91 1.29 -48.03
CA GLN E 43 3.14 2.53 -48.74
C GLN E 43 2.27 3.63 -48.13
N GLY E 44 2.53 4.87 -48.48
CA GLY E 44 1.67 5.94 -48.03
C GLY E 44 0.35 5.91 -48.76
N LEU E 45 -0.51 6.84 -48.36
CA LEU E 45 -1.82 7.04 -48.97
C LEU E 45 -1.69 7.53 -50.42
N GLU E 46 -2.40 6.90 -51.36
CA GLU E 46 -2.29 7.26 -52.78
C GLU E 46 -3.58 7.81 -53.39
N TRP E 47 -3.43 8.82 -54.23
CA TRP E 47 -4.59 9.52 -54.83
C TRP E 47 -5.02 8.89 -56.16
N ILE E 48 -6.31 8.60 -56.27
CA ILE E 48 -6.88 7.97 -57.45
C ILE E 48 -7.49 9.03 -58.36
N GLY E 49 -8.48 9.74 -57.85
CA GLY E 49 -9.16 10.76 -58.62
C GLY E 49 -10.22 11.48 -57.80
N THR E 50 -11.01 12.30 -58.46
CA THR E 50 -12.03 13.10 -57.79
C THR E 50 -13.16 13.40 -58.75
N ILE E 51 -14.36 13.56 -58.20
CA ILE E 51 -15.53 13.91 -59.00
C ILE E 51 -16.40 14.95 -58.30
N TYR E 52 -16.99 15.84 -59.10
CA TYR E 52 -17.90 16.86 -58.60
C TYR E 52 -19.33 16.46 -58.99
N PRO E 53 -20.11 15.95 -58.03
CA PRO E 53 -21.45 15.42 -58.36
C PRO E 53 -22.34 16.45 -59.05
N GLY E 54 -22.06 17.73 -58.82
CA GLY E 54 -22.80 18.81 -59.43
C GLY E 54 -22.86 18.78 -60.94
N ASN E 55 -21.70 18.54 -61.56
CA ASN E 55 -21.58 18.47 -63.01
C ASN E 55 -20.86 17.21 -63.52
N SER E 56 -20.52 16.32 -62.58
CA SER E 56 -19.84 15.06 -62.91
C SER E 56 -18.51 15.32 -63.61
N ASP E 57 -17.97 16.52 -63.40
CA ASP E 57 -16.64 16.89 -63.88
C ASP E 57 -15.63 16.10 -63.06
N SER E 58 -14.61 15.57 -63.71
CA SER E 58 -13.70 14.68 -63.01
C SER E 58 -12.23 14.94 -63.33
N SER E 59 -11.39 14.49 -62.42
CA SER E 59 -9.95 14.57 -62.60
C SER E 59 -9.35 13.31 -61.98
N TYR E 60 -8.39 12.76 -62.70
CA TYR E 60 -7.76 11.48 -62.34
C TYR E 60 -6.27 11.62 -62.23
N ASN E 61 -5.69 10.84 -61.33
CA ASN E 61 -4.27 10.61 -61.34
C ASN E 61 -3.95 9.98 -62.70
N GLN E 62 -2.83 10.36 -63.31
CA GLN E 62 -2.48 9.88 -64.66
C GLN E 62 -2.40 8.37 -64.68
N ARG E 63 -2.13 7.82 -63.51
CA ARG E 63 -1.92 6.39 -63.33
C ARG E 63 -3.19 5.55 -63.32
N PHE E 64 -4.28 6.09 -62.78
CA PHE E 64 -5.54 5.36 -62.73
C PHE E 64 -6.50 5.73 -63.84
N LYS E 65 -6.02 6.48 -64.83
CA LYS E 65 -6.88 6.83 -65.95
C LYS E 65 -7.01 5.60 -66.85
N GLY E 66 -8.23 5.06 -66.94
CA GLY E 66 -8.47 3.84 -67.68
C GLY E 66 -8.54 2.62 -66.78
N LYS E 67 -8.05 2.77 -65.55
CA LYS E 67 -8.10 1.68 -64.57
C LYS E 67 -9.30 1.90 -63.63
N ALA E 68 -9.42 3.13 -63.14
CA ALA E 68 -10.49 3.52 -62.21
C ALA E 68 -11.46 4.47 -62.88
N LYS E 69 -12.74 4.10 -62.93
CA LYS E 69 -13.78 5.04 -63.36
C LYS E 69 -14.54 5.58 -62.15
N LEU E 70 -14.87 6.87 -62.18
CA LEU E 70 -15.53 7.50 -61.04
C LEU E 70 -16.92 7.99 -61.43
N THR E 71 -17.89 7.83 -60.53
CA THR E 71 -19.25 8.25 -60.81
C THR E 71 -19.97 8.74 -59.56
N ALA E 72 -20.99 9.56 -59.74
CA ALA E 72 -21.77 10.06 -58.61
C ALA E 72 -23.25 10.11 -58.98
N VAL E 73 -24.10 9.61 -58.08
CA VAL E 73 -25.54 9.65 -58.29
C VAL E 73 -26.19 10.59 -57.27
N THR E 74 -26.65 11.75 -57.75
CA THR E 74 -27.23 12.76 -56.88
C THR E 74 -28.50 12.31 -56.16
N SER E 75 -29.33 11.54 -56.87
CA SER E 75 -30.61 11.08 -56.31
C SER E 75 -30.39 10.44 -54.95
N THR E 76 -29.38 9.58 -54.85
CA THR E 76 -29.14 8.82 -53.65
C THR E 76 -27.92 9.32 -52.88
N SER E 77 -27.37 10.45 -53.31
CA SER E 77 -26.20 11.02 -52.67
C SER E 77 -25.09 9.98 -52.48
N THR E 78 -24.74 9.28 -53.55
CA THR E 78 -23.76 8.20 -53.46
C THR E 78 -22.68 8.33 -54.52
N ALA E 79 -21.43 8.25 -54.07
CA ALA E 79 -20.30 8.26 -54.99
C ALA E 79 -19.84 6.83 -55.23
N TYR E 80 -19.31 6.59 -56.43
CA TYR E 80 -18.83 5.27 -56.80
C TYR E 80 -17.46 5.29 -57.44
N MET E 81 -16.72 4.21 -57.20
CA MET E 81 -15.47 3.97 -57.91
C MET E 81 -15.52 2.55 -58.43
N GLU E 82 -15.17 2.39 -59.69
CA GLU E 82 -15.12 1.07 -60.30
C GLU E 82 -13.67 0.73 -60.61
N LEU E 83 -13.24 -0.48 -60.26
CA LEU E 83 -11.90 -0.92 -60.57
C LEU E 83 -11.99 -2.11 -61.49
N SER E 84 -11.29 -1.97 -62.61
CA SER E 84 -11.32 -2.90 -63.72
C SER E 84 -10.04 -3.74 -63.74
N SER E 85 -10.06 -4.82 -64.50
CA SER E 85 -8.93 -5.76 -64.60
C SER E 85 -8.11 -5.80 -63.32
N LEU E 86 -8.70 -6.40 -62.30
CA LEU E 86 -8.11 -6.44 -60.97
C LEU E 86 -6.81 -7.25 -60.89
N THR E 87 -5.88 -6.80 -60.06
CA THR E 87 -4.68 -7.56 -59.75
C THR E 87 -4.40 -7.57 -58.25
N ASN E 88 -3.41 -8.34 -57.84
CA ASN E 88 -3.04 -8.45 -56.44
C ASN E 88 -2.67 -7.07 -55.90
N GLU E 89 -2.10 -6.22 -56.75
CA GLU E 89 -1.69 -4.88 -56.33
C GLU E 89 -2.87 -3.96 -56.07
N ASP E 90 -4.05 -4.38 -56.47
CA ASP E 90 -5.26 -3.61 -56.22
C ASP E 90 -5.81 -3.91 -54.82
N SER E 91 -5.31 -4.97 -54.19
CA SER E 91 -5.69 -5.28 -52.81
C SER E 91 -5.24 -4.16 -51.89
N ALA E 92 -6.20 -3.53 -51.22
CA ALA E 92 -5.90 -2.39 -50.36
C ALA E 92 -7.15 -1.93 -49.63
N VAL E 93 -6.99 -0.84 -48.88
CA VAL E 93 -8.12 -0.18 -48.24
C VAL E 93 -8.36 1.16 -48.92
N TYR E 94 -9.53 1.29 -49.54
CA TYR E 94 -9.86 2.49 -50.30
C TYR E 94 -10.75 3.42 -49.48
N TYR E 95 -10.39 4.70 -49.46
CA TYR E 95 -11.13 5.71 -48.71
C TYR E 95 -11.78 6.72 -49.65
N CYS E 96 -13.01 7.13 -49.34
CA CYS E 96 -13.59 8.29 -50.00
C CYS E 96 -13.55 9.42 -48.98
N THR E 97 -13.28 10.64 -49.44
CA THR E 97 -13.19 11.77 -48.53
C THR E 97 -13.65 13.03 -49.24
N ARG E 98 -14.04 14.04 -48.48
CA ARG E 98 -14.48 15.31 -49.06
C ARG E 98 -13.45 16.43 -49.02
N GLU E 99 -13.37 17.15 -50.14
CA GLU E 99 -12.50 18.31 -50.28
C GLU E 99 -13.20 19.58 -49.85
N ARG E 100 -12.53 20.41 -49.06
CA ARG E 100 -13.13 21.68 -48.68
C ARG E 100 -11.98 22.67 -48.48
N GLY E 101 -12.15 23.87 -49.03
CA GLY E 101 -11.18 24.94 -48.86
C GLY E 101 -11.21 25.58 -47.49
N LEU E 102 -10.18 25.29 -46.70
CA LEU E 102 -10.06 25.87 -45.38
C LEU E 102 -9.16 27.10 -45.41
N TYR E 103 -8.39 27.22 -46.48
CA TYR E 103 -7.54 28.38 -46.71
C TYR E 103 -7.38 28.62 -48.20
N TYR E 104 -7.34 29.90 -48.61
CA TYR E 104 -7.38 30.21 -50.03
C TYR E 104 -6.12 29.76 -50.75
N GLY E 105 -6.21 28.65 -51.47
CA GLY E 105 -5.11 28.19 -52.29
C GLY E 105 -4.91 26.71 -52.04
N GLY E 106 -5.05 26.35 -50.77
CA GLY E 106 -4.84 24.99 -50.32
C GLY E 106 -5.95 23.99 -50.53
N ARG E 107 -5.53 22.75 -50.45
CA ARG E 107 -6.36 21.57 -50.62
C ARG E 107 -6.34 20.66 -49.39
N SER E 108 -7.49 20.41 -48.79
CA SER E 108 -7.50 19.52 -47.63
C SER E 108 -8.73 18.64 -47.70
N PHE E 109 -8.78 17.63 -46.85
CA PHE E 109 -9.92 16.72 -46.81
C PHE E 109 -10.50 16.72 -45.41
N ASP E 110 -11.70 17.26 -45.25
CA ASP E 110 -12.20 17.59 -43.93
C ASP E 110 -13.03 16.48 -43.31
N TYR E 111 -13.57 15.58 -44.13
CA TYR E 111 -14.34 14.47 -43.61
C TYR E 111 -14.07 13.21 -44.42
N TRP E 112 -13.97 12.08 -43.74
CA TRP E 112 -13.50 10.82 -44.34
C TRP E 112 -14.50 9.69 -44.11
N GLY E 113 -14.50 8.73 -45.02
CA GLY E 113 -15.24 7.50 -44.81
C GLY E 113 -14.42 6.55 -43.97
N GLN E 114 -15.00 5.42 -43.60
CA GLN E 114 -14.33 4.47 -42.72
C GLN E 114 -13.42 3.54 -43.50
N GLY E 115 -13.47 3.63 -44.83
CA GLY E 115 -12.62 2.84 -45.68
C GLY E 115 -13.26 1.53 -46.08
N THR E 116 -12.85 1.00 -47.21
CA THR E 116 -13.35 -0.29 -47.68
C THR E 116 -12.15 -1.17 -48.03
N THR E 117 -12.08 -2.34 -47.43
CA THR E 117 -10.96 -3.23 -47.68
C THR E 117 -11.30 -4.08 -48.89
N LEU E 118 -10.42 -4.08 -49.88
CA LEU E 118 -10.58 -4.93 -51.05
C LEU E 118 -9.50 -6.00 -51.16
N THR E 119 -9.92 -7.26 -51.20
CA THR E 119 -8.97 -8.34 -51.36
C THR E 119 -9.13 -9.04 -52.71
N VAL E 120 -8.07 -8.95 -53.52
CA VAL E 120 -8.01 -9.59 -54.84
C VAL E 120 -7.24 -10.91 -54.67
N SER E 121 -7.90 -12.04 -54.92
CA SER E 121 -7.30 -13.35 -54.73
C SER E 121 -8.10 -14.41 -55.45
N SER E 122 -7.47 -15.53 -55.80
CA SER E 122 -8.20 -16.61 -56.45
C SER E 122 -8.61 -17.69 -55.44
N ALA E 123 -8.08 -17.58 -54.21
CA ALA E 123 -8.41 -18.52 -53.11
C ALA E 123 -9.93 -18.51 -52.93
N LYS E 124 -10.57 -19.64 -52.61
CA LYS E 124 -12.02 -19.61 -52.38
C LYS E 124 -12.43 -19.38 -50.91
N THR E 125 -13.63 -18.85 -50.74
CA THR E 125 -14.25 -18.58 -49.44
C THR E 125 -14.43 -19.86 -48.64
N THR E 126 -13.79 -19.91 -47.47
CA THR E 126 -13.73 -21.10 -46.67
C THR E 126 -14.14 -20.77 -45.24
N PRO E 127 -15.14 -21.49 -44.70
CA PRO E 127 -15.59 -21.27 -43.32
C PRO E 127 -14.52 -21.58 -42.30
N PRO E 128 -14.63 -20.99 -41.10
CA PRO E 128 -13.67 -21.29 -40.06
C PRO E 128 -14.03 -22.57 -39.32
N SER E 129 -13.02 -23.26 -38.81
CA SER E 129 -13.23 -24.32 -37.82
C SER E 129 -13.00 -23.65 -36.47
N VAL E 130 -13.89 -23.85 -35.52
CA VAL E 130 -13.75 -23.17 -34.23
C VAL E 130 -13.52 -24.19 -33.12
N TYR E 131 -12.43 -24.01 -32.39
CA TYR E 131 -12.03 -24.97 -31.36
C TYR E 131 -11.87 -24.26 -30.01
N PRO E 132 -12.47 -24.84 -28.95
CA PRO E 132 -12.40 -24.34 -27.57
C PRO E 132 -11.00 -24.51 -26.96
N LEU E 133 -10.52 -23.50 -26.25
CA LEU E 133 -9.25 -23.61 -25.55
C LEU E 133 -9.42 -23.63 -24.03
N ALA E 134 -9.46 -24.83 -23.47
CA ALA E 134 -9.57 -25.02 -22.02
C ALA E 134 -8.19 -25.45 -21.49
N PRO E 135 -7.84 -25.01 -20.27
CA PRO E 135 -6.52 -25.41 -19.75
C PRO E 135 -6.39 -26.93 -19.68
N GLY E 136 -5.18 -27.44 -19.46
CA GLY E 136 -5.00 -28.88 -19.31
C GLY E 136 -5.28 -29.44 -17.94
N SER E 137 -5.97 -28.68 -17.10
CA SER E 137 -6.27 -29.08 -15.72
C SER E 137 -5.06 -28.91 -14.81
N ALA E 138 -3.91 -28.54 -15.36
CA ALA E 138 -2.83 -28.04 -14.53
C ALA E 138 -3.39 -26.68 -14.24
N ALA E 139 -4.18 -26.63 -13.18
CA ALA E 139 -5.04 -25.49 -12.91
C ALA E 139 -4.76 -24.93 -11.55
N GLN E 140 -3.48 -24.74 -11.26
CA GLN E 140 -3.13 -24.01 -10.05
C GLN E 140 -4.04 -22.83 -10.15
N THR E 141 -5.06 -22.80 -9.31
CA THR E 141 -6.04 -21.74 -9.43
C THR E 141 -5.39 -20.46 -8.95
N ASN E 142 -5.50 -19.46 -9.81
CA ASN E 142 -5.12 -18.11 -9.49
C ASN E 142 -6.48 -17.45 -9.35
N SER E 143 -6.55 -16.29 -8.73
CA SER E 143 -7.86 -15.67 -8.57
C SER E 143 -8.50 -15.48 -9.94
N MET E 144 -7.67 -15.39 -10.98
CA MET E 144 -8.19 -15.14 -12.31
C MET E 144 -7.90 -16.42 -13.12
N VAL E 145 -8.57 -16.60 -14.25
CA VAL E 145 -8.30 -17.74 -15.13
C VAL E 145 -8.52 -17.37 -16.59
N THR E 146 -7.65 -17.87 -17.48
CA THR E 146 -7.77 -17.52 -18.89
C THR E 146 -8.22 -18.67 -19.79
N LEU E 147 -9.23 -18.36 -20.62
CA LEU E 147 -9.81 -19.24 -21.62
C LEU E 147 -9.64 -18.65 -23.02
N GLY E 148 -10.07 -19.39 -24.04
CA GLY E 148 -9.93 -18.95 -25.41
C GLY E 148 -10.56 -19.94 -26.38
N CYS E 149 -10.67 -19.53 -27.65
CA CYS E 149 -11.22 -20.40 -28.69
C CYS E 149 -10.46 -20.09 -29.96
N LEU E 150 -9.99 -21.14 -30.61
CA LEU E 150 -9.18 -21.08 -31.81
C LEU E 150 -10.03 -21.09 -33.08
N VAL E 151 -9.88 -20.06 -33.91
CA VAL E 151 -10.61 -19.96 -35.17
C VAL E 151 -9.63 -20.19 -36.31
N LYS E 152 -9.84 -21.28 -37.05
CA LYS E 152 -8.80 -21.78 -37.94
C LYS E 152 -9.27 -21.99 -39.37
N GLY E 153 -8.38 -21.69 -40.31
CA GLY E 153 -8.58 -22.06 -41.71
C GLY E 153 -9.81 -21.50 -42.39
N TYR E 154 -10.00 -20.19 -42.29
CA TYR E 154 -11.11 -19.51 -42.93
C TYR E 154 -10.59 -18.56 -44.00
N PHE E 155 -11.42 -18.21 -44.96
CA PHE E 155 -11.05 -17.20 -45.95
C PHE E 155 -12.29 -16.63 -46.61
N PRO E 156 -12.32 -15.31 -46.83
CA PRO E 156 -11.30 -14.32 -46.49
C PRO E 156 -11.59 -13.68 -45.13
N GLU E 157 -10.90 -12.59 -44.83
CA GLU E 157 -11.24 -11.76 -43.68
C GLU E 157 -12.48 -10.96 -44.04
N PRO E 158 -13.21 -10.46 -43.03
CA PRO E 158 -12.89 -10.61 -41.61
C PRO E 158 -13.64 -11.75 -40.93
N VAL E 159 -13.28 -11.98 -39.67
CA VAL E 159 -14.05 -12.85 -38.78
C VAL E 159 -14.36 -12.06 -37.52
N THR E 160 -15.46 -12.38 -36.85
CA THR E 160 -15.85 -11.64 -35.66
C THR E 160 -15.96 -12.55 -34.45
N VAL E 161 -15.33 -12.14 -33.36
CA VAL E 161 -15.35 -12.93 -32.14
C VAL E 161 -15.89 -12.13 -30.96
N THR E 162 -16.81 -12.74 -30.22
CA THR E 162 -17.34 -12.13 -29.01
C THR E 162 -17.40 -13.21 -27.94
N TRP E 163 -17.64 -12.79 -26.70
CA TRP E 163 -17.76 -13.75 -25.60
C TRP E 163 -19.08 -13.57 -24.86
N ASN E 164 -19.82 -14.68 -24.80
CA ASN E 164 -21.16 -14.67 -24.25
C ASN E 164 -22.02 -13.60 -24.92
N SER E 165 -21.94 -13.52 -26.24
CA SER E 165 -22.74 -12.58 -27.00
C SER E 165 -22.37 -11.13 -26.68
N GLY E 166 -21.14 -10.91 -26.22
CA GLY E 166 -20.67 -9.57 -25.93
C GLY E 166 -20.73 -9.19 -24.46
N SER E 167 -21.27 -10.06 -23.62
CA SER E 167 -21.39 -9.72 -22.20
C SER E 167 -20.03 -9.66 -21.49
N LEU E 168 -18.96 -10.11 -22.14
CA LEU E 168 -17.61 -9.95 -21.62
C LEU E 168 -16.76 -9.16 -22.60
N SER E 169 -16.79 -7.83 -22.51
CA SER E 169 -15.92 -7.03 -23.35
C SER E 169 -14.53 -6.85 -22.69
N SER E 170 -14.50 -6.88 -21.35
CA SER E 170 -13.25 -6.70 -20.60
C SER E 170 -12.42 -7.97 -20.47
N GLY E 171 -11.10 -7.82 -20.45
CA GLY E 171 -10.22 -8.96 -20.24
C GLY E 171 -10.15 -9.79 -21.49
N VAL E 172 -10.55 -9.19 -22.61
CA VAL E 172 -10.56 -9.91 -23.87
C VAL E 172 -9.45 -9.44 -24.80
N HIS E 173 -8.80 -10.42 -25.43
CA HIS E 173 -7.79 -10.18 -26.43
C HIS E 173 -8.07 -11.06 -27.64
N THR E 174 -8.26 -10.42 -28.78
CA THR E 174 -8.43 -11.14 -30.03
C THR E 174 -7.24 -10.78 -30.90
N PHE E 175 -6.55 -11.79 -31.41
CA PHE E 175 -5.29 -11.52 -32.08
C PHE E 175 -5.42 -11.46 -33.58
N PRO E 176 -4.59 -10.62 -34.22
CA PRO E 176 -4.63 -10.57 -35.69
C PRO E 176 -4.41 -11.95 -36.31
N ALA E 177 -5.17 -12.22 -37.36
CA ALA E 177 -5.09 -13.48 -38.10
C ALA E 177 -3.77 -13.53 -38.88
N VAL E 178 -3.27 -14.74 -39.15
CA VAL E 178 -2.11 -14.86 -40.03
C VAL E 178 -2.45 -15.78 -41.21
N LEU E 179 -1.83 -15.54 -42.36
CA LEU E 179 -2.13 -16.28 -43.59
C LEU E 179 -1.13 -17.38 -43.91
N GLU E 180 -1.59 -18.62 -43.96
CA GLU E 180 -0.74 -19.74 -44.39
C GLU E 180 -1.46 -20.58 -45.45
N SER E 181 -0.88 -20.63 -46.65
CA SER E 181 -1.49 -21.37 -47.75
C SER E 181 -2.95 -21.01 -47.97
N ASP E 182 -3.20 -19.72 -48.18
CA ASP E 182 -4.51 -19.26 -48.60
C ASP E 182 -5.55 -19.27 -47.49
N LEU E 183 -5.17 -19.65 -46.28
CA LEU E 183 -6.13 -19.61 -45.18
C LEU E 183 -5.68 -18.82 -43.98
N TYR E 184 -6.64 -18.18 -43.31
CA TYR E 184 -6.37 -17.37 -42.13
C TYR E 184 -6.61 -18.18 -40.85
N THR E 185 -5.95 -17.78 -39.78
CA THR E 185 -6.14 -18.41 -38.49
C THR E 185 -5.92 -17.39 -37.39
N LEU E 186 -6.74 -17.46 -36.36
CA LEU E 186 -6.54 -16.63 -35.19
C LEU E 186 -7.09 -17.28 -33.94
N SER E 187 -6.79 -16.67 -32.81
CA SER E 187 -7.31 -17.12 -31.54
C SER E 187 -7.79 -15.90 -30.77
N SER E 188 -8.62 -16.14 -29.76
CA SER E 188 -9.09 -15.07 -28.90
C SER E 188 -9.00 -15.54 -27.46
N SER E 189 -8.47 -14.67 -26.60
CA SER E 189 -8.37 -14.98 -25.19
C SER E 189 -9.41 -14.19 -24.41
N VAL E 190 -9.83 -14.75 -23.29
CA VAL E 190 -10.69 -14.07 -22.33
C VAL E 190 -10.27 -14.47 -20.93
N THR E 191 -10.09 -13.48 -20.06
CA THR E 191 -9.72 -13.74 -18.67
C THR E 191 -10.90 -13.43 -17.74
N VAL E 192 -11.23 -14.39 -16.87
CA VAL E 192 -12.31 -14.25 -15.90
C VAL E 192 -11.83 -14.75 -14.56
N PRO E 193 -12.45 -14.27 -13.45
CA PRO E 193 -12.06 -14.80 -12.14
C PRO E 193 -12.21 -16.33 -12.11
N SER E 194 -11.57 -17.02 -11.17
CA SER E 194 -11.71 -18.47 -11.07
C SER E 194 -12.98 -18.83 -10.28
N SER E 195 -13.65 -17.81 -9.73
CA SER E 195 -14.93 -17.95 -9.04
C SER E 195 -15.91 -18.57 -10.02
N PRO E 196 -16.11 -17.93 -11.16
CA PRO E 196 -17.16 -18.29 -12.11
C PRO E 196 -16.47 -19.28 -13.01
N ARG E 197 -17.02 -19.80 -14.09
CA ARG E 197 -16.23 -20.79 -14.80
C ARG E 197 -16.23 -22.00 -13.88
N PRO E 198 -16.85 -23.08 -14.33
CA PRO E 198 -18.11 -23.50 -13.71
C PRO E 198 -18.40 -22.91 -12.33
N SER E 199 -19.69 -22.92 -11.99
CA SER E 199 -20.72 -23.28 -12.96
C SER E 199 -21.27 -22.21 -13.91
N GLU E 200 -20.50 -21.23 -14.39
CA GLU E 200 -21.14 -20.34 -15.35
C GLU E 200 -20.63 -20.62 -16.76
N THR E 201 -21.50 -20.39 -17.72
CA THR E 201 -21.20 -20.68 -19.11
C THR E 201 -20.25 -19.63 -19.65
N VAL E 202 -19.21 -20.05 -20.36
CA VAL E 202 -18.40 -19.08 -21.09
C VAL E 202 -18.37 -19.58 -22.53
N THR E 203 -18.78 -18.70 -23.45
CA THR E 203 -18.93 -19.09 -24.85
C THR E 203 -18.35 -18.05 -25.77
N CYS E 204 -17.50 -18.46 -26.71
CA CYS E 204 -17.04 -17.53 -27.73
C CYS E 204 -18.02 -17.64 -28.88
N ASN E 205 -18.30 -16.51 -29.53
CA ASN E 205 -19.23 -16.47 -30.64
C ASN E 205 -18.47 -15.98 -31.86
N VAL E 206 -18.28 -16.89 -32.82
CA VAL E 206 -17.53 -16.56 -34.03
C VAL E 206 -18.44 -16.34 -35.23
N ALA E 207 -18.24 -15.22 -35.93
CA ALA E 207 -19.00 -14.96 -37.15
C ALA E 207 -18.07 -14.77 -38.36
N HIS E 208 -18.41 -15.39 -39.48
CA HIS E 208 -17.68 -15.20 -40.74
C HIS E 208 -18.68 -14.88 -41.85
N PRO E 209 -18.98 -13.58 -42.04
CA PRO E 209 -20.00 -13.08 -42.97
C PRO E 209 -19.87 -13.65 -44.39
N ALA E 210 -18.64 -13.71 -44.90
CA ALA E 210 -18.40 -14.15 -46.27
C ALA E 210 -19.01 -15.52 -46.52
N SER E 211 -18.89 -16.40 -45.54
CA SER E 211 -19.40 -17.77 -45.67
C SER E 211 -20.75 -17.86 -44.95
N SER E 212 -21.17 -16.74 -44.37
CA SER E 212 -22.42 -16.66 -43.62
C SER E 212 -22.41 -17.69 -42.49
N THR E 213 -21.35 -17.66 -41.69
CA THR E 213 -21.17 -18.63 -40.64
C THR E 213 -21.24 -17.96 -39.27
N LYS E 214 -21.99 -18.57 -38.36
CA LYS E 214 -22.02 -18.16 -36.96
C LYS E 214 -21.93 -19.39 -36.09
N VAL E 215 -20.97 -19.41 -35.18
CA VAL E 215 -20.79 -20.55 -34.30
C VAL E 215 -20.55 -20.17 -32.83
N ASP E 216 -21.17 -20.92 -31.93
CA ASP E 216 -21.01 -20.69 -30.49
C ASP E 216 -20.44 -21.95 -29.84
N LYS E 217 -19.16 -21.91 -29.49
CA LYS E 217 -18.52 -23.05 -28.83
C LYS E 217 -18.32 -22.85 -27.32
N LYS E 218 -19.11 -23.55 -26.52
CA LYS E 218 -19.00 -23.50 -25.06
C LYS E 218 -17.69 -24.12 -24.58
N ILE E 219 -17.04 -23.42 -23.65
CA ILE E 219 -15.76 -23.87 -23.09
C ILE E 219 -15.99 -24.74 -21.85
N VAL E 220 -15.52 -25.98 -21.94
CA VAL E 220 -15.78 -26.97 -20.91
C VAL E 220 -14.49 -27.68 -20.48
N PRO E 221 -14.39 -28.03 -19.19
CA PRO E 221 -13.11 -28.49 -18.65
C PRO E 221 -12.74 -29.87 -19.17
N ARG E 222 -11.44 -30.14 -19.32
CA ARG E 222 -11.01 -31.33 -20.04
C ARG E 222 -11.06 -32.50 -19.08
N ASP E 223 -11.59 -33.65 -19.50
CA ASP E 223 -11.67 -34.77 -18.57
C ASP E 223 -10.40 -35.62 -18.69
N CYS E 224 -10.16 -36.48 -17.71
CA CYS E 224 -8.97 -37.32 -17.70
C CYS E 224 -9.34 -38.80 -17.60
N ASP F 1 4.52 15.47 -59.31
CA ASP F 1 4.39 14.54 -58.14
C ASP F 1 5.39 14.91 -57.05
N ILE F 2 4.93 15.75 -56.14
CA ILE F 2 5.70 16.06 -54.95
C ILE F 2 5.72 14.83 -54.06
N GLN F 3 6.84 14.56 -53.41
CA GLN F 3 6.93 13.35 -52.60
C GLN F 3 7.05 13.81 -51.17
N MET F 4 6.25 13.21 -50.30
CA MET F 4 6.22 13.59 -48.91
C MET F 4 6.80 12.43 -48.15
N THR F 5 7.79 12.72 -47.31
CA THR F 5 8.46 11.67 -46.56
C THR F 5 8.33 11.99 -45.08
N GLN F 6 8.15 10.93 -44.30
CA GLN F 6 8.14 10.99 -42.85
C GLN F 6 9.13 9.96 -42.34
N THR F 7 10.38 10.38 -42.20
CA THR F 7 11.49 9.47 -41.91
C THR F 7 11.31 8.50 -40.73
N THR F 8 10.66 8.96 -39.67
CA THR F 8 10.41 8.10 -38.51
C THR F 8 9.10 7.34 -38.63
N SER F 9 9.20 6.02 -38.84
CA SER F 9 8.02 5.19 -38.99
C SER F 9 7.25 5.02 -37.67
N SER F 10 7.96 4.89 -36.56
CA SER F 10 7.27 4.74 -35.27
C SER F 10 7.92 5.51 -34.13
N LEU F 11 7.08 5.97 -33.19
CA LEU F 11 7.56 6.79 -32.10
C LEU F 11 6.95 6.39 -30.74
N SER F 12 7.81 6.21 -29.74
CA SER F 12 7.39 5.84 -28.39
C SER F 12 7.55 7.03 -27.45
N ALA F 13 6.56 7.31 -26.60
CA ALA F 13 6.66 8.45 -25.68
C ALA F 13 5.87 8.21 -24.40
N SER F 14 5.94 9.15 -23.46
CA SER F 14 5.20 9.01 -22.21
C SER F 14 4.13 10.07 -22.10
N LEU F 15 3.12 9.74 -21.31
CA LEU F 15 2.04 10.67 -21.08
C LEU F 15 2.54 11.96 -20.44
N GLY F 16 2.16 13.07 -21.05
CA GLY F 16 2.52 14.39 -20.57
C GLY F 16 3.74 14.97 -21.28
N ASP F 17 4.49 14.09 -21.95
CA ASP F 17 5.70 14.49 -22.66
C ASP F 17 5.36 15.17 -23.98
N ARG F 18 6.32 15.91 -24.52
CA ARG F 18 6.19 16.52 -25.84
C ARG F 18 6.68 15.65 -27.00
N VAL F 19 5.80 15.39 -27.96
CA VAL F 19 6.11 14.54 -29.10
C VAL F 19 6.12 15.41 -30.36
N THR F 20 6.98 15.07 -31.31
CA THR F 20 7.10 15.85 -32.55
C THR F 20 7.12 14.94 -33.74
N ILE F 21 6.14 15.09 -34.62
CA ILE F 21 6.11 14.29 -35.84
C ILE F 21 6.66 15.19 -36.95
N SER F 22 7.51 14.63 -37.80
N SER F 22 7.49 14.62 -37.82
CA SER F 22 8.17 15.42 -38.85
CA SER F 22 8.15 15.41 -38.85
C SER F 22 7.69 15.01 -40.24
C SER F 22 7.63 15.02 -40.23
N CYS F 23 7.69 15.98 -41.16
CA CYS F 23 7.26 15.76 -42.54
C CYS F 23 8.22 16.59 -43.38
N ARG F 24 8.61 16.07 -44.54
CA ARG F 24 9.52 16.79 -45.42
C ARG F 24 8.97 16.76 -46.82
N ALA F 25 9.11 17.84 -47.59
CA ALA F 25 8.64 17.81 -48.96
C ALA F 25 9.81 17.90 -49.94
N SER F 26 9.61 17.36 -51.13
CA SER F 26 10.63 17.34 -52.16
C SER F 26 10.72 18.71 -52.84
N GLN F 27 9.72 19.54 -52.61
CA GLN F 27 9.78 20.94 -53.02
C GLN F 27 8.95 21.87 -52.16
N ASP F 28 9.09 23.17 -52.42
CA ASP F 28 8.38 24.17 -51.64
C ASP F 28 6.89 23.94 -51.88
N ILE F 29 6.14 23.71 -50.81
CA ILE F 29 4.71 23.50 -50.97
C ILE F 29 4.01 24.74 -50.40
N SER F 30 4.79 25.76 -50.10
CA SER F 30 4.29 27.09 -49.78
C SER F 30 3.29 27.05 -48.63
N ASN F 31 3.62 26.27 -47.61
CA ASN F 31 2.82 26.20 -46.40
C ASN F 31 1.44 25.55 -46.59
N TYR F 32 1.18 25.01 -47.77
CA TYR F 32 -0.07 24.29 -48.04
C TYR F 32 0.05 22.83 -47.59
N LEU F 33 0.06 22.67 -46.27
CA LEU F 33 0.22 21.37 -45.64
C LEU F 33 -0.88 21.03 -44.62
N THR F 34 -1.28 19.77 -44.57
CA THR F 34 -2.36 19.36 -43.69
C THR F 34 -1.95 18.08 -42.96
N TRP F 35 -2.35 17.99 -41.70
CA TRP F 35 -2.01 16.85 -40.86
C TRP F 35 -3.27 16.08 -40.53
N TYR F 36 -3.16 14.77 -40.51
CA TYR F 36 -4.28 13.90 -40.23
C TYR F 36 -3.93 12.93 -39.12
N GLN F 37 -4.97 12.43 -38.48
CA GLN F 37 -4.81 11.44 -37.43
C GLN F 37 -5.63 10.22 -37.81
N GLN F 38 -4.96 9.08 -37.92
CA GLN F 38 -5.65 7.84 -38.23
C GLN F 38 -5.61 6.89 -37.03
N LYS F 39 -6.73 6.76 -36.33
CA LYS F 39 -6.79 5.88 -35.18
C LYS F 39 -6.82 4.41 -35.58
N PRO F 40 -6.48 3.53 -34.62
CA PRO F 40 -6.48 2.06 -34.68
C PRO F 40 -7.76 1.47 -35.30
N ASP F 41 -8.92 1.85 -34.77
CA ASP F 41 -10.20 1.51 -35.40
C ASP F 41 -10.17 1.77 -36.91
N GLY F 42 -9.39 2.74 -37.38
CA GLY F 42 -9.39 3.08 -38.79
C GLY F 42 -10.02 4.39 -39.22
N THR F 43 -10.51 5.20 -38.28
CA THR F 43 -11.18 6.44 -38.66
C THR F 43 -10.12 7.48 -38.88
N VAL F 44 -10.42 8.47 -39.70
CA VAL F 44 -9.46 9.52 -40.01
C VAL F 44 -10.07 10.84 -39.66
N LYS F 45 -9.25 11.70 -39.06
CA LYS F 45 -9.68 13.05 -38.73
C LYS F 45 -8.60 14.02 -39.14
N LEU F 46 -9.01 15.15 -39.68
CA LEU F 46 -8.12 16.23 -40.05
C LEU F 46 -7.79 17.01 -38.78
N LEU F 47 -6.51 17.34 -38.59
CA LEU F 47 -6.08 18.06 -37.39
C LEU F 47 -5.73 19.52 -37.67
N ILE F 48 -4.82 19.73 -38.61
CA ILE F 48 -4.29 21.05 -38.90
C ILE F 48 -4.17 21.28 -40.39
N TYR F 49 -4.50 22.49 -40.83
CA TYR F 49 -4.37 22.84 -42.24
C TYR F 49 -3.55 24.11 -42.40
N TYR F 50 -2.96 24.25 -43.58
CA TYR F 50 -2.08 25.37 -43.89
C TYR F 50 -0.95 25.46 -42.87
N THR F 51 -0.37 24.32 -42.51
CA THR F 51 0.83 24.34 -41.68
C THR F 51 0.52 24.59 -40.20
N SER F 52 -0.40 25.52 -39.92
CA SER F 52 -0.62 25.99 -38.56
C SER F 52 -2.07 26.26 -38.17
N LYS F 53 -3.02 26.04 -39.08
CA LYS F 53 -4.42 26.33 -38.75
C LYS F 53 -5.05 25.12 -38.08
N LEU F 54 -5.51 25.32 -36.85
CA LEU F 54 -6.12 24.22 -36.15
C LEU F 54 -7.53 24.12 -36.71
N HIS F 55 -7.96 22.90 -37.04
CA HIS F 55 -9.30 22.68 -37.56
C HIS F 55 -10.29 22.72 -36.39
N SER F 56 -11.52 23.16 -36.67
CA SER F 56 -12.57 23.21 -35.65
C SER F 56 -12.80 21.84 -34.99
N GLY F 57 -12.96 21.84 -33.67
CA GLY F 57 -13.24 20.62 -32.94
C GLY F 57 -12.00 19.88 -32.49
N VAL F 58 -10.83 20.35 -32.94
CA VAL F 58 -9.57 19.72 -32.58
C VAL F 58 -9.02 20.32 -31.28
N PRO F 59 -8.54 19.46 -30.37
CA PRO F 59 -7.96 19.92 -29.09
C PRO F 59 -6.73 20.79 -29.27
N SER F 60 -6.53 21.72 -28.34
CA SER F 60 -5.49 22.75 -28.44
C SER F 60 -4.08 22.22 -28.22
N ARG F 61 -3.95 21.02 -27.65
CA ARG F 61 -2.62 20.44 -27.42
C ARG F 61 -1.96 20.10 -28.75
N PHE F 62 -2.74 20.16 -29.84
CA PHE F 62 -2.19 19.98 -31.17
C PHE F 62 -1.81 21.34 -31.75
N SER F 63 -0.66 21.38 -32.41
CA SER F 63 -0.16 22.58 -33.06
C SER F 63 0.71 22.14 -34.21
N GLY F 64 0.97 23.04 -35.14
CA GLY F 64 1.76 22.69 -36.30
C GLY F 64 2.69 23.83 -36.65
N SER F 65 3.82 23.48 -37.26
CA SER F 65 4.79 24.46 -37.68
C SER F 65 5.56 23.96 -38.87
N GLY F 66 6.38 24.83 -39.44
CA GLY F 66 7.23 24.48 -40.55
C GLY F 66 7.14 25.58 -41.58
N SER F 67 7.97 25.48 -42.61
CA SER F 67 7.97 26.43 -43.72
C SER F 67 8.82 25.82 -44.82
N GLY F 68 8.74 26.36 -46.03
CA GLY F 68 9.51 25.84 -47.14
C GLY F 68 9.28 24.36 -47.41
N THR F 69 10.30 23.56 -47.13
CA THR F 69 10.29 22.13 -47.44
C THR F 69 10.10 21.27 -46.19
N ASP F 70 10.42 21.80 -45.02
CA ASP F 70 10.35 21.08 -43.75
C ASP F 70 9.13 21.48 -42.94
N TYR F 71 8.43 20.49 -42.40
CA TYR F 71 7.25 20.75 -41.60
C TYR F 71 7.20 19.79 -40.42
N SER F 72 6.41 20.15 -39.41
CA SER F 72 6.34 19.33 -38.20
C SER F 72 5.00 19.47 -37.46
N LEU F 73 4.58 18.39 -36.83
CA LEU F 73 3.39 18.40 -36.00
C LEU F 73 3.85 18.24 -34.55
N THR F 74 3.29 19.02 -33.63
CA THR F 74 3.69 18.97 -32.23
C THR F 74 2.53 18.75 -31.27
N ILE F 75 2.75 17.90 -30.27
CA ILE F 75 1.79 17.69 -29.20
C ILE F 75 2.45 18.00 -27.86
N SER F 76 2.02 19.10 -27.25
CA SER F 76 2.67 19.65 -26.06
C SER F 76 2.55 18.75 -24.85
N ASN F 77 1.34 18.23 -24.63
CA ASN F 77 1.07 17.37 -23.48
C ASN F 77 0.36 16.09 -23.91
N LEU F 78 1.14 15.04 -24.13
CA LEU F 78 0.60 13.81 -24.69
C LEU F 78 -0.40 13.15 -23.77
N GLU F 79 -1.57 12.82 -24.30
CA GLU F 79 -2.58 12.11 -23.55
C GLU F 79 -2.82 10.73 -24.17
N GLN F 80 -3.52 9.88 -23.44
CA GLN F 80 -3.75 8.48 -23.80
C GLN F 80 -4.54 8.23 -25.10
N GLU F 81 -5.45 9.14 -25.43
CA GLU F 81 -6.30 9.00 -26.62
C GLU F 81 -5.58 9.37 -27.92
N ASP F 82 -4.34 9.83 -27.80
CA ASP F 82 -3.52 10.25 -28.96
C ASP F 82 -2.72 9.16 -29.65
N VAL F 83 -2.88 7.91 -29.23
CA VAL F 83 -2.18 6.81 -29.89
C VAL F 83 -2.78 6.49 -31.24
N ALA F 84 -2.09 6.93 -32.30
CA ALA F 84 -2.57 6.77 -33.65
C ALA F 84 -1.45 6.96 -34.66
N ASN F 85 -1.82 6.90 -35.94
CA ASN F 85 -0.91 7.16 -37.04
C ASN F 85 -1.08 8.59 -37.55
N TYR F 86 -0.01 9.37 -37.59
CA TYR F 86 -0.11 10.75 -38.05
C TYR F 86 0.58 10.92 -39.39
N PHE F 87 -0.13 11.49 -40.36
CA PHE F 87 0.44 11.70 -41.69
C PHE F 87 0.07 13.06 -42.31
N CYS F 88 0.94 13.55 -43.18
CA CYS F 88 0.78 14.86 -43.81
C CYS F 88 0.36 14.74 -45.27
N GLN F 89 -0.11 15.84 -45.85
CA GLN F 89 -0.35 15.92 -47.29
C GLN F 89 -0.04 17.34 -47.77
N GLN F 90 0.41 17.44 -49.00
CA GLN F 90 0.65 18.75 -49.61
C GLN F 90 -0.55 19.16 -50.45
N GLY F 91 -0.92 20.43 -50.38
CA GLY F 91 -2.06 20.93 -51.13
C GLY F 91 -1.66 22.05 -52.07
N ASN F 92 -0.39 22.04 -52.48
CA ASN F 92 0.10 23.07 -53.37
C ASN F 92 -0.08 22.69 -54.84
N SER F 93 0.11 21.42 -55.17
CA SER F 93 0.05 20.99 -56.56
C SER F 93 -0.55 19.61 -56.73
N LEU F 94 -1.02 19.33 -57.94
CA LEU F 94 -1.54 18.01 -58.30
C LEU F 94 -0.41 17.11 -58.81
N PRO F 95 -0.46 15.80 -58.51
CA PRO F 95 -1.52 15.18 -57.71
C PRO F 95 -1.32 15.46 -56.22
N PRO F 96 -2.38 15.36 -55.41
CA PRO F 96 -2.20 15.46 -53.95
C PRO F 96 -1.38 14.27 -53.46
N THR F 97 -0.46 14.49 -52.53
CA THR F 97 0.40 13.42 -52.05
C THR F 97 0.53 13.40 -50.53
N PHE F 98 0.70 12.21 -49.98
CA PHE F 98 0.68 11.98 -48.55
C PHE F 98 1.99 11.34 -48.08
N GLY F 99 2.28 11.45 -46.80
CA GLY F 99 3.43 10.79 -46.22
C GLY F 99 3.07 9.38 -45.78
N GLY F 100 4.10 8.58 -45.51
CA GLY F 100 3.92 7.20 -45.11
C GLY F 100 3.29 7.09 -43.73
N GLY F 101 3.37 8.17 -42.97
CA GLY F 101 2.78 8.23 -41.65
C GLY F 101 3.81 7.94 -40.57
N THR F 102 3.53 8.43 -39.37
CA THR F 102 4.37 8.19 -38.20
C THR F 102 3.49 7.62 -37.12
N LYS F 103 3.72 6.36 -36.75
CA LYS F 103 2.88 5.74 -35.74
C LYS F 103 3.32 6.06 -34.31
N LEU F 104 2.36 6.57 -33.54
CA LEU F 104 2.59 6.91 -32.14
C LEU F 104 2.17 5.78 -31.21
N GLU F 105 3.03 5.42 -30.28
CA GLU F 105 2.70 4.44 -29.25
C GLU F 105 3.00 5.03 -27.87
N ILE F 106 2.34 4.50 -26.85
CA ILE F 106 2.50 5.02 -25.49
C ILE F 106 3.51 4.25 -24.66
N LYS F 107 4.21 4.99 -23.82
CA LYS F 107 5.22 4.43 -22.94
C LYS F 107 4.56 4.29 -21.60
N ARG F 108 4.94 3.24 -20.89
CA ARG F 108 4.41 2.96 -19.57
C ARG F 108 5.34 2.04 -18.78
N ALA F 109 5.04 1.84 -17.51
CA ALA F 109 5.89 1.02 -16.65
C ALA F 109 5.93 -0.41 -17.17
N ASP F 110 7.10 -1.01 -17.08
CA ASP F 110 7.29 -2.39 -17.49
C ASP F 110 6.32 -3.31 -16.78
N ALA F 111 5.67 -4.18 -17.55
CA ALA F 111 4.70 -5.14 -17.02
C ALA F 111 5.00 -6.54 -17.51
N ALA F 112 5.03 -7.49 -16.58
CA ALA F 112 5.36 -8.88 -16.89
C ALA F 112 4.19 -9.58 -17.59
N PRO F 113 4.49 -10.55 -18.46
CA PRO F 113 3.47 -11.32 -19.17
C PRO F 113 2.74 -12.36 -18.32
N THR F 114 1.41 -12.39 -18.42
CA THR F 114 0.62 -13.46 -17.84
C THR F 114 0.58 -14.60 -18.86
N VAL F 115 1.29 -15.67 -18.60
CA VAL F 115 1.41 -16.76 -19.57
C VAL F 115 0.42 -17.88 -19.30
N SER F 116 -0.22 -18.36 -20.37
CA SER F 116 -1.19 -19.42 -20.29
C SER F 116 -1.04 -20.34 -21.50
N ILE F 117 -1.09 -21.64 -21.27
CA ILE F 117 -0.92 -22.61 -22.34
C ILE F 117 -2.14 -23.52 -22.45
N PHE F 118 -2.40 -23.98 -23.68
CA PHE F 118 -3.59 -24.76 -23.97
C PHE F 118 -3.32 -25.93 -24.89
N PRO F 119 -3.51 -27.16 -24.38
CA PRO F 119 -3.50 -28.39 -25.19
C PRO F 119 -4.53 -28.31 -26.32
N PRO F 120 -4.30 -29.03 -27.42
CA PRO F 120 -5.26 -29.09 -28.52
C PRO F 120 -6.63 -29.55 -28.07
N SER F 121 -7.67 -29.03 -28.73
CA SER F 121 -9.02 -29.44 -28.45
C SER F 121 -9.28 -30.87 -28.94
N SER F 122 -10.16 -31.59 -28.26
CA SER F 122 -10.57 -32.91 -28.69
C SER F 122 -11.29 -32.84 -30.02
N GLU F 123 -11.96 -31.72 -30.27
CA GLU F 123 -12.69 -31.51 -31.51
C GLU F 123 -11.74 -31.45 -32.68
N GLN F 124 -10.57 -30.85 -32.45
CA GLN F 124 -9.60 -30.71 -33.51
C GLN F 124 -8.90 -32.04 -33.79
N LEU F 125 -8.76 -32.87 -32.75
CA LEU F 125 -8.08 -34.14 -32.93
C LEU F 125 -8.90 -35.09 -33.80
N THR F 126 -10.22 -34.97 -33.72
CA THR F 126 -11.10 -35.76 -34.59
C THR F 126 -10.89 -35.30 -36.02
N SER F 127 -10.35 -34.10 -36.17
CA SER F 127 -10.10 -33.50 -37.48
C SER F 127 -8.76 -33.94 -38.04
N GLY F 128 -7.84 -34.37 -37.17
CA GLY F 128 -6.55 -34.84 -37.62
C GLY F 128 -5.41 -33.93 -37.22
N GLY F 129 -5.74 -32.69 -36.87
CA GLY F 129 -4.73 -31.73 -36.48
C GLY F 129 -4.63 -31.52 -34.99
N ALA F 130 -3.58 -30.82 -34.57
CA ALA F 130 -3.36 -30.54 -33.17
C ALA F 130 -2.63 -29.21 -33.01
N SER F 131 -3.34 -28.21 -32.49
CA SER F 131 -2.78 -26.88 -32.28
C SER F 131 -2.54 -26.64 -30.79
N VAL F 132 -1.28 -26.46 -30.41
CA VAL F 132 -0.94 -26.05 -29.04
C VAL F 132 -0.79 -24.53 -28.97
N VAL F 133 -1.70 -23.91 -28.24
CA VAL F 133 -1.78 -22.44 -28.16
C VAL F 133 -1.25 -21.90 -26.83
N CYS F 134 -0.50 -20.82 -26.91
CA CYS F 134 0.08 -20.19 -25.74
C CYS F 134 -0.16 -18.68 -25.72
N PHE F 135 -0.86 -18.19 -24.70
CA PHE F 135 -1.12 -16.77 -24.56
C PHE F 135 -0.12 -16.11 -23.61
N LEU F 136 0.36 -14.95 -24.04
CA LEU F 136 1.18 -14.06 -23.22
C LEU F 136 0.50 -12.69 -23.22
N ASN F 137 -0.21 -12.39 -22.14
CA ASN F 137 -1.09 -11.24 -22.13
C ASN F 137 -0.66 -10.10 -21.24
N ASN F 138 -0.91 -8.88 -21.72
CA ASN F 138 -0.78 -7.67 -20.91
C ASN F 138 0.62 -7.45 -20.35
N PHE F 139 1.58 -7.30 -21.24
CA PHE F 139 2.96 -7.02 -20.85
C PHE F 139 3.44 -5.75 -21.55
N TYR F 140 4.45 -5.09 -20.97
CA TYR F 140 5.10 -3.97 -21.64
C TYR F 140 6.55 -3.97 -21.19
N PRO F 141 7.50 -3.68 -22.10
CA PRO F 141 7.31 -3.25 -23.49
C PRO F 141 6.94 -4.39 -24.44
N LYS F 142 6.84 -4.04 -25.72
CA LYS F 142 6.39 -4.94 -26.77
C LYS F 142 7.36 -6.05 -27.17
N ASP F 143 8.66 -5.81 -26.97
CA ASP F 143 9.69 -6.78 -27.31
C ASP F 143 9.60 -8.02 -26.40
N ILE F 144 9.49 -9.21 -26.99
CA ILE F 144 9.37 -10.42 -26.18
C ILE F 144 9.65 -11.63 -27.05
N ASN F 145 10.18 -12.67 -26.43
CA ASN F 145 10.41 -13.94 -27.11
C ASN F 145 9.84 -15.16 -26.39
N VAL F 146 9.31 -16.07 -27.19
CA VAL F 146 8.65 -17.28 -26.73
C VAL F 146 9.41 -18.48 -27.30
N LYS F 147 9.63 -19.49 -26.46
CA LYS F 147 10.33 -20.68 -26.90
C LYS F 147 9.45 -21.90 -26.65
N TRP F 148 9.35 -22.77 -27.66
CA TRP F 148 8.60 -24.01 -27.53
C TRP F 148 9.50 -25.19 -27.27
N LYS F 149 9.15 -25.91 -26.21
CA LYS F 149 9.85 -27.12 -25.81
C LYS F 149 8.92 -28.34 -25.87
N ILE F 150 9.44 -29.44 -26.41
CA ILE F 150 8.67 -30.67 -26.47
C ILE F 150 9.53 -31.62 -25.65
N ASP F 151 8.92 -32.23 -24.64
CA ASP F 151 9.65 -33.08 -23.71
C ASP F 151 10.95 -32.39 -23.30
N GLY F 152 12.06 -32.76 -23.92
CA GLY F 152 13.33 -32.10 -23.66
C GLY F 152 13.77 -31.12 -24.72
N SER F 153 13.34 -31.34 -25.95
CA SER F 153 13.87 -30.57 -27.07
C SER F 153 13.07 -29.35 -27.53
N GLU F 154 13.83 -28.35 -27.96
CA GLU F 154 13.30 -27.11 -28.50
C GLU F 154 12.64 -27.36 -29.83
N ARG F 155 11.63 -26.56 -30.15
CA ARG F 155 10.91 -26.76 -31.40
C ARG F 155 10.68 -25.35 -31.95
N GLN F 156 11.07 -25.17 -33.19
CA GLN F 156 10.99 -23.88 -33.86
C GLN F 156 10.13 -23.96 -35.13
N ASN F 157 9.73 -25.18 -35.47
CA ASN F 157 8.93 -25.42 -36.66
C ASN F 157 7.44 -25.43 -36.38
N GLY F 158 6.70 -24.68 -37.17
CA GLY F 158 5.26 -24.70 -37.09
C GLY F 158 4.74 -23.69 -36.08
N VAL F 159 5.61 -22.77 -35.65
CA VAL F 159 5.22 -21.75 -34.67
C VAL F 159 4.95 -20.39 -35.31
N LEU F 160 3.71 -19.93 -35.18
CA LEU F 160 3.31 -18.61 -35.65
C LEU F 160 2.89 -17.73 -34.49
N ASN F 161 3.49 -16.55 -34.42
CA ASN F 161 3.15 -15.60 -33.38
C ASN F 161 2.31 -14.44 -33.88
N SER F 162 1.55 -13.85 -32.97
CA SER F 162 0.71 -12.72 -33.31
C SER F 162 0.59 -11.73 -32.16
N TRP F 163 0.78 -10.45 -32.47
CA TRP F 163 0.71 -9.38 -31.48
C TRP F 163 -0.50 -8.52 -31.76
N THR F 164 -1.08 -8.06 -30.67
CA THR F 164 -2.14 -7.09 -30.71
C THR F 164 -1.52 -5.71 -30.76
N ASP F 165 -2.33 -4.74 -31.16
CA ASP F 165 -1.91 -3.37 -31.07
C ASP F 165 -1.95 -2.99 -29.60
N GLN F 166 -1.37 -1.86 -29.28
CA GLN F 166 -1.33 -1.40 -27.90
C GLN F 166 -2.75 -1.19 -27.41
N ASP F 167 -3.05 -1.79 -26.25
CA ASP F 167 -4.37 -1.73 -25.65
C ASP F 167 -4.75 -0.34 -25.16
N SER F 168 -5.92 0.09 -25.61
CA SER F 168 -6.46 1.42 -25.36
C SER F 168 -6.88 1.70 -23.92
N LYS F 169 -6.70 0.71 -23.05
CA LYS F 169 -7.13 0.82 -21.67
C LYS F 169 -5.94 0.83 -20.70
N ASP F 170 -5.02 -0.11 -20.86
CA ASP F 170 -3.87 -0.21 -19.96
C ASP F 170 -2.54 -0.05 -20.70
N SER F 171 -2.60 0.23 -22.01
CA SER F 171 -1.40 0.53 -22.78
C SER F 171 -0.38 -0.61 -22.77
N THR F 172 -0.86 -1.85 -22.77
CA THR F 172 0.02 -3.01 -22.79
C THR F 172 -0.09 -3.72 -24.13
N TYR F 173 0.77 -4.70 -24.33
CA TYR F 173 0.71 -5.52 -25.53
C TYR F 173 0.44 -6.95 -25.10
N SER F 174 -0.14 -7.71 -26.02
CA SER F 174 -0.38 -9.12 -25.81
C SER F 174 0.01 -9.89 -27.05
N MET F 175 0.26 -11.18 -26.88
CA MET F 175 0.80 -11.99 -27.95
C MET F 175 0.38 -13.44 -27.82
N SER F 176 0.05 -14.03 -28.96
CA SER F 176 -0.28 -15.45 -29.03
C SER F 176 0.78 -16.18 -29.82
N SER F 177 1.20 -17.33 -29.30
CA SER F 177 2.12 -18.20 -30.00
C SER F 177 1.37 -19.50 -30.23
N THR F 178 1.32 -19.93 -31.48
CA THR F 178 0.56 -21.11 -31.83
C THR F 178 1.47 -22.12 -32.51
N LEU F 179 1.57 -23.29 -31.88
CA LEU F 179 2.32 -24.40 -32.39
C LEU F 179 1.36 -25.35 -33.06
N THR F 180 1.63 -25.66 -34.32
CA THR F 180 0.71 -26.48 -35.09
C THR F 180 1.39 -27.77 -35.51
N LEU F 181 0.67 -28.86 -35.32
CA LEU F 181 1.15 -30.18 -35.64
C LEU F 181 0.00 -31.06 -36.11
N THR F 182 0.30 -32.30 -36.45
CA THR F 182 -0.73 -33.26 -36.81
C THR F 182 -0.99 -34.03 -35.52
N LYS F 183 -2.13 -34.73 -35.44
CA LYS F 183 -2.45 -35.49 -34.24
C LYS F 183 -1.41 -36.61 -34.01
N ASP F 184 -1.06 -37.38 -35.05
CA ASP F 184 -0.07 -38.45 -34.91
C ASP F 184 1.24 -37.93 -34.28
N GLU F 185 1.70 -36.81 -34.81
CA GLU F 185 2.93 -36.13 -34.38
C GLU F 185 2.74 -35.58 -32.96
N TYR F 186 1.55 -35.05 -32.70
CA TYR F 186 1.24 -34.49 -31.39
C TYR F 186 1.37 -35.60 -30.38
N GLU F 187 1.02 -36.80 -30.80
CA GLU F 187 1.10 -37.92 -29.90
C GLU F 187 2.59 -38.27 -29.89
N ARG F 188 2.94 -39.47 -29.49
CA ARG F 188 4.34 -39.89 -29.38
C ARG F 188 5.24 -38.90 -28.61
N HIS F 189 4.65 -37.88 -27.98
CA HIS F 189 5.36 -36.99 -27.05
C HIS F 189 4.40 -36.72 -25.90
N ASN F 190 4.95 -36.32 -24.76
CA ASN F 190 4.16 -36.15 -23.56
C ASN F 190 4.06 -34.70 -23.10
N SER F 191 5.21 -34.18 -22.70
CA SER F 191 5.33 -32.84 -22.13
C SER F 191 5.45 -31.74 -23.19
N TYR F 192 4.56 -30.76 -23.09
CA TYR F 192 4.58 -29.57 -23.95
C TYR F 192 4.74 -28.32 -23.10
N THR F 193 5.76 -27.54 -23.42
CA THR F 193 6.13 -26.39 -22.61
C THR F 193 6.17 -25.14 -23.47
N CYS F 194 5.71 -24.04 -22.87
CA CYS F 194 5.73 -22.73 -23.48
C CYS F 194 6.47 -21.75 -22.58
N GLU F 195 7.69 -21.37 -22.95
CA GLU F 195 8.49 -20.50 -22.10
C GLU F 195 8.57 -19.08 -22.64
N ALA F 196 8.42 -18.10 -21.75
CA ALA F 196 8.43 -16.72 -22.22
C ALA F 196 9.58 -15.97 -21.55
N THR F 197 10.31 -15.22 -22.35
CA THR F 197 11.42 -14.39 -21.89
C THR F 197 11.12 -12.92 -22.14
N HIS F 198 11.31 -12.11 -21.11
CA HIS F 198 10.94 -10.69 -21.16
C HIS F 198 11.84 -9.84 -20.29
N LYS F 199 11.96 -8.58 -20.67
CA LYS F 199 12.78 -7.62 -19.93
C LYS F 199 12.54 -7.70 -18.43
N THR F 200 11.31 -7.99 -18.02
CA THR F 200 10.98 -7.89 -16.62
C THR F 200 11.58 -8.97 -15.73
N SER F 201 12.10 -10.03 -16.34
CA SER F 201 12.68 -11.13 -15.56
C SER F 201 13.85 -11.78 -16.29
N THR F 202 14.94 -12.04 -15.57
CA THR F 202 16.05 -12.78 -16.15
C THR F 202 15.59 -14.22 -16.39
N SER F 203 14.84 -14.79 -15.43
CA SER F 203 14.32 -16.14 -15.61
C SER F 203 13.07 -16.21 -16.49
N PRO F 204 12.97 -17.26 -17.34
CA PRO F 204 11.81 -17.51 -18.19
C PRO F 204 10.52 -17.85 -17.41
N ILE F 205 9.39 -17.32 -17.86
CA ILE F 205 8.08 -17.71 -17.34
C ILE F 205 7.64 -19.02 -17.98
N VAL F 206 7.54 -20.10 -17.22
CA VAL F 206 7.25 -21.40 -17.83
C VAL F 206 5.83 -21.93 -17.56
N LYS F 207 5.10 -22.23 -18.64
CA LYS F 207 3.80 -22.90 -18.55
C LYS F 207 3.79 -24.16 -19.41
N SER F 208 3.43 -25.29 -18.80
CA SER F 208 3.50 -26.57 -19.50
C SER F 208 2.30 -27.46 -19.19
N PHE F 209 2.20 -28.59 -19.89
CA PHE F 209 1.16 -29.60 -19.62
C PHE F 209 1.55 -30.95 -20.23
N ASN F 210 0.96 -32.04 -19.73
CA ASN F 210 1.18 -33.35 -20.31
C ASN F 210 -0.09 -33.94 -20.91
N ARG F 211 -0.07 -34.40 -22.17
CA ARG F 211 -1.31 -34.93 -22.73
C ARG F 211 -1.78 -36.17 -21.97
N ASN F 212 -0.82 -36.87 -21.40
CA ASN F 212 -1.06 -38.19 -20.84
C ASN F 212 -1.63 -38.21 -19.42
N GLU F 213 -0.89 -37.56 -18.54
CA GLU F 213 -1.35 -37.18 -17.21
C GLU F 213 -2.42 -36.08 -17.16
N CYS F 214 -2.80 -35.54 -18.31
CA CYS F 214 -3.92 -34.59 -18.39
C CYS F 214 -3.79 -33.56 -17.28
N GLU G 1 3.89 -29.58 13.36
CA GLU G 1 4.41 -30.89 12.86
C GLU G 1 3.82 -31.18 11.47
N VAL G 2 2.74 -31.95 11.43
CA VAL G 2 2.04 -32.24 10.19
C VAL G 2 0.87 -31.27 10.00
N GLN G 3 1.12 -30.16 9.32
CA GLN G 3 0.10 -29.13 9.13
C GLN G 3 -0.69 -29.32 7.84
N LEU G 4 -2.01 -29.19 7.92
CA LEU G 4 -2.83 -29.13 6.71
C LEU G 4 -3.56 -27.77 6.70
N GLN G 5 -3.57 -27.09 5.55
CA GLN G 5 -4.17 -25.77 5.46
C GLN G 5 -5.24 -25.70 4.37
N GLN G 6 -6.50 -25.57 4.79
CA GLN G 6 -7.62 -25.57 3.86
C GLN G 6 -7.97 -24.16 3.35
N SER G 7 -8.88 -24.12 2.38
N SER G 7 -8.86 -24.11 2.37
CA SER G 7 -9.25 -22.86 1.74
CA SER G 7 -9.24 -22.86 1.73
C SER G 7 -10.21 -22.07 2.62
C SER G 7 -10.26 -22.09 2.56
N GLY G 8 -10.41 -20.80 2.24
CA GLY G 8 -11.27 -19.92 2.99
C GLY G 8 -12.74 -20.22 2.74
N THR G 9 -13.61 -19.48 3.41
CA THR G 9 -15.05 -19.66 3.25
C THR G 9 -15.43 -19.37 1.80
N VAL G 10 -16.40 -20.11 1.27
CA VAL G 10 -16.78 -19.98 -0.13
C VAL G 10 -18.29 -19.83 -0.29
N LEU G 11 -18.68 -18.88 -1.14
CA LEU G 11 -20.08 -18.68 -1.48
C LEU G 11 -20.36 -19.27 -2.85
N ALA G 12 -21.50 -19.94 -2.98
CA ALA G 12 -21.88 -20.54 -4.26
C ALA G 12 -23.38 -20.49 -4.48
N ARG G 13 -23.78 -20.45 -5.75
CA ARG G 13 -25.18 -20.44 -6.13
C ARG G 13 -25.66 -21.88 -6.33
N PRO G 14 -26.97 -22.12 -6.17
CA PRO G 14 -27.51 -23.45 -6.47
C PRO G 14 -27.30 -23.82 -7.93
N GLY G 15 -26.91 -25.07 -8.19
CA GLY G 15 -26.69 -25.52 -9.54
C GLY G 15 -25.24 -25.31 -9.91
N ALA G 16 -24.55 -24.51 -9.10
CA ALA G 16 -23.15 -24.18 -9.37
C ALA G 16 -22.18 -25.25 -8.87
N SER G 17 -20.90 -24.96 -9.02
CA SER G 17 -19.83 -25.85 -8.57
CA SER G 17 -19.83 -25.85 -8.58
C SER G 17 -18.80 -25.06 -7.79
N VAL G 18 -18.14 -25.72 -6.86
CA VAL G 18 -17.07 -25.11 -6.08
C VAL G 18 -15.89 -26.06 -6.00
N LYS G 19 -14.71 -25.51 -5.71
CA LYS G 19 -13.50 -26.33 -5.61
C LYS G 19 -12.68 -25.83 -4.43
N MET G 20 -12.53 -26.69 -3.43
CA MET G 20 -11.81 -26.33 -2.22
C MET G 20 -10.54 -27.15 -2.15
N SER G 21 -9.51 -26.59 -1.50
CA SER G 21 -8.20 -27.19 -1.48
C SER G 21 -7.67 -27.40 -0.07
N CYS G 22 -6.65 -28.24 0.04
CA CYS G 22 -6.01 -28.56 1.31
C CYS G 22 -4.52 -28.74 1.07
N GLU G 23 -3.72 -27.82 1.60
CA GLU G 23 -2.27 -27.86 1.38
C GLU G 23 -1.62 -28.71 2.47
N ALA G 24 -0.92 -29.76 2.06
CA ALA G 24 -0.32 -30.68 3.02
C ALA G 24 1.09 -30.22 3.31
N SER G 25 1.56 -30.45 4.53
CA SER G 25 2.89 -30.05 4.91
C SER G 25 3.41 -30.87 6.09
N GLY G 26 4.72 -31.00 6.19
CA GLY G 26 5.32 -31.66 7.33
C GLY G 26 5.56 -33.15 7.16
N TYR G 27 5.15 -33.70 6.02
CA TYR G 27 5.30 -35.12 5.75
C TYR G 27 5.35 -35.40 4.26
N THR G 28 5.46 -36.66 3.89
CA THR G 28 5.50 -37.06 2.49
C THR G 28 4.07 -37.24 1.97
N PHE G 29 3.60 -36.25 1.22
CA PHE G 29 2.22 -36.18 0.76
C PHE G 29 1.80 -37.42 -0.03
N THR G 30 2.75 -37.99 -0.77
CA THR G 30 2.47 -39.11 -1.67
C THR G 30 2.32 -40.48 -0.97
N SER G 31 2.41 -40.49 0.36
CA SER G 31 2.46 -41.73 1.11
C SER G 31 1.14 -42.05 1.82
N TYR G 32 0.58 -41.06 2.51
CA TYR G 32 -0.64 -41.24 3.30
C TYR G 32 -1.92 -40.85 2.53
N TRP G 33 -3.00 -41.57 2.82
CA TRP G 33 -4.32 -41.27 2.24
C TRP G 33 -4.91 -39.99 2.84
N MET G 34 -5.49 -39.15 1.99
CA MET G 34 -6.19 -37.95 2.46
C MET G 34 -7.68 -38.21 2.40
N HIS G 35 -8.40 -37.69 3.38
CA HIS G 35 -9.84 -37.93 3.47
C HIS G 35 -10.61 -36.64 3.60
N TRP G 36 -11.81 -36.63 3.02
CA TRP G 36 -12.68 -35.46 3.10
C TRP G 36 -13.95 -35.78 3.84
N LEU G 37 -14.34 -34.87 4.73
CA LEU G 37 -15.50 -35.06 5.57
C LEU G 37 -16.42 -33.86 5.50
N LYS G 38 -17.70 -34.09 5.76
CA LYS G 38 -18.71 -33.06 5.65
C LYS G 38 -19.42 -32.92 6.99
N LYS G 39 -19.34 -31.72 7.57
CA LYS G 39 -19.98 -31.45 8.86
C LYS G 39 -21.15 -30.49 8.75
N ARG G 40 -22.35 -30.97 9.06
N ARG G 40 -22.35 -30.99 8.99
CA ARG G 40 -23.53 -30.13 9.11
CA ARG G 40 -23.54 -30.15 9.10
C ARG G 40 -23.87 -29.90 10.58
C ARG G 40 -23.79 -29.85 10.59
N PRO G 41 -24.57 -28.80 10.88
CA PRO G 41 -24.63 -28.34 12.28
C PRO G 41 -25.27 -29.36 13.22
N GLY G 42 -26.55 -29.67 13.06
CA GLY G 42 -27.21 -30.64 13.91
C GLY G 42 -26.68 -32.07 13.83
N GLN G 43 -25.95 -32.39 12.76
CA GLN G 43 -25.59 -33.79 12.50
C GLN G 43 -24.12 -34.09 12.72
N GLY G 44 -23.80 -35.37 12.73
CA GLY G 44 -22.44 -35.85 12.90
C GLY G 44 -21.61 -35.75 11.64
N LEU G 45 -20.31 -35.95 11.80
CA LEU G 45 -19.35 -35.89 10.70
C LEU G 45 -19.63 -37.00 9.69
N GLU G 46 -19.62 -36.65 8.41
CA GLU G 46 -19.92 -37.61 7.35
C GLU G 46 -18.75 -37.81 6.39
N TRP G 47 -18.48 -39.06 6.02
CA TRP G 47 -17.35 -39.40 5.16
C TRP G 47 -17.74 -39.30 3.69
N ILE G 48 -16.95 -38.54 2.93
CA ILE G 48 -17.22 -38.34 1.51
C ILE G 48 -16.40 -39.32 0.69
N GLY G 49 -15.08 -39.24 0.85
CA GLY G 49 -14.20 -40.11 0.13
C GLY G 49 -12.75 -39.89 0.52
N THR G 50 -11.85 -40.56 -0.19
CA THR G 50 -10.44 -40.49 0.10
C THR G 50 -9.64 -40.63 -1.18
N ILE G 51 -8.43 -40.08 -1.17
CA ILE G 51 -7.55 -40.15 -2.32
C ILE G 51 -6.14 -40.48 -1.86
N TYR G 52 -5.44 -41.27 -2.66
CA TYR G 52 -4.05 -41.60 -2.37
C TYR G 52 -3.16 -40.86 -3.37
N PRO G 53 -2.55 -39.75 -2.95
CA PRO G 53 -1.69 -39.01 -3.88
C PRO G 53 -0.54 -39.89 -4.37
N GLY G 54 -0.15 -39.74 -5.63
CA GLY G 54 0.94 -40.52 -6.18
C GLY G 54 0.42 -41.50 -7.22
N ASN G 55 -0.67 -42.20 -6.88
CA ASN G 55 -1.32 -43.10 -7.82
C ASN G 55 -2.76 -42.66 -8.06
N SER G 56 -3.18 -41.60 -7.36
CA SER G 56 -4.50 -41.03 -7.53
C SER G 56 -5.63 -42.07 -7.34
N ASP G 57 -5.35 -43.14 -6.62
CA ASP G 57 -6.37 -44.14 -6.33
C ASP G 57 -7.38 -43.50 -5.38
N SER G 58 -8.66 -43.80 -5.60
CA SER G 58 -9.73 -43.12 -4.88
C SER G 58 -10.78 -44.10 -4.39
N SER G 59 -11.52 -43.68 -3.38
CA SER G 59 -12.68 -44.44 -2.91
C SER G 59 -13.74 -43.44 -2.49
N TYR G 60 -14.98 -43.67 -2.90
CA TYR G 60 -16.06 -42.73 -2.64
C TYR G 60 -17.23 -43.42 -1.93
N ASN G 61 -17.90 -42.66 -1.07
CA ASN G 61 -19.20 -43.04 -0.56
C ASN G 61 -20.25 -43.06 -1.67
N GLN G 62 -21.18 -44.01 -1.61
CA GLN G 62 -22.22 -44.13 -2.64
C GLN G 62 -23.10 -42.89 -2.74
N ARG G 63 -23.18 -42.14 -1.64
CA ARG G 63 -24.06 -40.97 -1.57
C ARG G 63 -23.45 -39.78 -2.30
N PHE G 64 -22.12 -39.70 -2.27
CA PHE G 64 -21.39 -38.61 -2.90
C PHE G 64 -20.83 -38.98 -4.28
N LYS G 65 -21.26 -40.13 -4.81
CA LYS G 65 -20.84 -40.57 -6.12
C LYS G 65 -21.49 -39.71 -7.21
N GLY G 66 -20.67 -38.97 -7.96
CA GLY G 66 -21.18 -38.09 -8.98
C GLY G 66 -21.27 -36.65 -8.49
N LYS G 67 -21.17 -36.48 -7.17
CA LYS G 67 -21.29 -35.17 -6.57
C LYS G 67 -19.92 -34.56 -6.22
N ALA G 68 -19.09 -35.36 -5.57
CA ALA G 68 -17.75 -34.92 -5.18
C ALA G 68 -16.68 -35.62 -6.00
N LYS G 69 -15.76 -34.84 -6.56
CA LYS G 69 -14.60 -35.40 -7.25
C LYS G 69 -13.34 -35.04 -6.47
N LEU G 70 -12.49 -36.03 -6.23
CA LEU G 70 -11.28 -35.82 -5.45
C LEU G 70 -10.07 -35.88 -6.35
N THR G 71 -9.07 -35.06 -6.05
CA THR G 71 -7.86 -35.05 -6.85
C THR G 71 -6.67 -34.57 -6.02
N ALA G 72 -5.46 -34.86 -6.49
CA ALA G 72 -4.24 -34.49 -5.76
C ALA G 72 -3.13 -34.03 -6.69
N VAL G 73 -2.47 -32.94 -6.29
CA VAL G 73 -1.29 -32.45 -7.00
C VAL G 73 -0.04 -32.58 -6.11
N THR G 74 0.86 -33.47 -6.50
CA THR G 74 2.03 -33.78 -5.69
C THR G 74 3.03 -32.63 -5.61
N SER G 75 3.25 -31.94 -6.73
CA SER G 75 4.23 -30.86 -6.78
C SER G 75 4.02 -29.84 -5.67
N THR G 76 2.75 -29.46 -5.45
CA THR G 76 2.43 -28.44 -4.46
C THR G 76 1.87 -29.07 -3.19
N SER G 77 1.79 -30.40 -3.17
CA SER G 77 1.28 -31.11 -2.02
C SER G 77 -0.08 -30.55 -1.60
N THR G 78 -1.00 -30.47 -2.56
CA THR G 78 -2.33 -29.93 -2.28
C THR G 78 -3.41 -30.89 -2.76
N ALA G 79 -4.42 -31.11 -1.93
CA ALA G 79 -5.56 -31.93 -2.31
C ALA G 79 -6.73 -31.01 -2.66
N TYR G 80 -7.59 -31.46 -3.57
CA TYR G 80 -8.73 -30.65 -3.99
C TYR G 80 -10.00 -31.48 -3.96
N MET G 81 -11.11 -30.82 -3.65
CA MET G 81 -12.42 -31.44 -3.79
C MET G 81 -13.33 -30.52 -4.59
N GLU G 82 -14.01 -31.08 -5.57
CA GLU G 82 -14.94 -30.32 -6.39
C GLU G 82 -16.36 -30.80 -6.14
N LEU G 83 -17.26 -29.87 -5.83
CA LEU G 83 -18.67 -30.20 -5.63
C LEU G 83 -19.52 -29.63 -6.77
N SER G 84 -20.32 -30.49 -7.38
CA SER G 84 -21.12 -30.10 -8.55
C SER G 84 -22.62 -30.17 -8.25
N SER G 85 -23.44 -29.60 -9.13
CA SER G 85 -24.88 -29.53 -8.91
C SER G 85 -25.21 -29.20 -7.45
N LEU G 86 -24.80 -28.02 -7.01
CA LEU G 86 -24.93 -27.62 -5.60
C LEU G 86 -26.37 -27.38 -5.17
N THR G 87 -26.66 -27.74 -3.92
CA THR G 87 -27.94 -27.43 -3.28
C THR G 87 -27.68 -26.88 -1.89
N ASN G 88 -28.73 -26.44 -1.21
CA ASN G 88 -28.61 -25.91 0.13
C ASN G 88 -28.14 -26.96 1.13
N GLU G 89 -28.46 -28.23 0.87
CA GLU G 89 -28.06 -29.31 1.76
C GLU G 89 -26.55 -29.53 1.68
N ASP G 90 -25.91 -28.91 0.70
CA ASP G 90 -24.46 -29.00 0.52
C ASP G 90 -23.75 -27.96 1.39
N SER G 91 -24.52 -27.01 1.92
CA SER G 91 -23.98 -26.01 2.82
C SER G 91 -23.51 -26.69 4.11
N ALA G 92 -22.23 -26.55 4.41
CA ALA G 92 -21.66 -27.20 5.57
C ALA G 92 -20.21 -26.81 5.74
N VAL G 93 -19.55 -27.41 6.73
CA VAL G 93 -18.11 -27.28 6.89
C VAL G 93 -17.41 -28.57 6.46
N TYR G 94 -16.47 -28.45 5.54
CA TYR G 94 -15.76 -29.60 4.99
C TYR G 94 -14.35 -29.70 5.56
N TYR G 95 -13.99 -30.89 6.02
CA TYR G 95 -12.68 -31.11 6.63
C TYR G 95 -11.79 -31.99 5.77
N CYS G 96 -10.52 -31.62 5.71
CA CYS G 96 -9.50 -32.46 5.08
C CYS G 96 -8.65 -33.06 6.18
N THR G 97 -8.38 -34.36 6.10
CA THR G 97 -7.61 -35.03 7.14
C THR G 97 -6.81 -36.21 6.59
N ARG G 98 -5.80 -36.62 7.34
CA ARG G 98 -4.92 -37.70 6.95
C ARG G 98 -5.23 -39.01 7.69
N GLU G 99 -5.25 -40.11 6.95
CA GLU G 99 -5.43 -41.43 7.54
C GLU G 99 -4.09 -42.06 7.88
N ARG G 100 -4.02 -42.73 9.03
CA ARG G 100 -2.85 -43.51 9.36
C ARG G 100 -3.23 -44.63 10.31
N GLY G 101 -2.74 -45.83 10.02
CA GLY G 101 -2.98 -46.98 10.88
C GLY G 101 -2.13 -46.89 12.13
N LEU G 102 -2.78 -46.62 13.25
CA LEU G 102 -2.10 -46.53 14.53
C LEU G 102 -2.11 -47.90 15.21
N TYR G 103 -2.96 -48.79 14.69
CA TYR G 103 -3.04 -50.14 15.17
C TYR G 103 -3.42 -51.05 14.02
N TYR G 104 -2.82 -52.25 13.97
CA TYR G 104 -3.02 -53.12 12.82
C TYR G 104 -4.45 -53.61 12.72
N GLY G 105 -5.19 -53.04 11.77
CA GLY G 105 -6.55 -53.47 11.55
C GLY G 105 -7.42 -52.23 11.42
N GLY G 106 -7.08 -51.26 12.26
CA GLY G 106 -7.82 -50.02 12.39
C GLY G 106 -7.57 -48.92 11.38
N ARG G 107 -8.53 -48.00 11.36
CA ARG G 107 -8.49 -46.80 10.55
C ARG G 107 -8.74 -45.58 11.43
N SER G 108 -7.75 -44.70 11.56
CA SER G 108 -7.94 -43.44 12.28
C SER G 108 -7.39 -42.26 11.48
N PHE G 109 -7.78 -41.06 11.88
CA PHE G 109 -7.35 -39.84 11.21
C PHE G 109 -6.57 -39.00 12.21
N ASP G 110 -5.25 -38.90 12.01
CA ASP G 110 -4.38 -38.36 13.04
C ASP G 110 -4.17 -36.85 12.96
N TYR G 111 -4.33 -36.26 11.77
CA TYR G 111 -4.16 -34.82 11.62
C TYR G 111 -5.23 -34.21 10.72
N TRP G 112 -5.71 -33.04 11.14
CA TRP G 112 -6.88 -32.43 10.52
C TRP G 112 -6.63 -31.01 10.02
N GLY G 113 -7.43 -30.58 9.05
CA GLY G 113 -7.45 -29.20 8.62
C GLY G 113 -8.33 -28.39 9.57
N GLN G 114 -8.36 -27.08 9.37
CA GLN G 114 -9.15 -26.19 10.23
C GLN G 114 -10.59 -26.17 9.75
N GLY G 115 -10.84 -26.76 8.58
CA GLY G 115 -12.17 -26.81 8.01
C GLY G 115 -12.42 -25.70 7.01
N THR G 116 -13.29 -25.98 6.04
CA THR G 116 -13.72 -24.99 5.06
C THR G 116 -15.23 -24.89 5.06
N THR G 117 -15.73 -23.68 5.25
CA THR G 117 -17.16 -23.47 5.31
C THR G 117 -17.69 -23.14 3.92
N LEU G 118 -18.70 -23.86 3.48
CA LEU G 118 -19.33 -23.61 2.19
C LEU G 118 -20.76 -23.12 2.39
N THR G 119 -21.11 -21.99 1.80
CA THR G 119 -22.46 -21.47 1.90
C THR G 119 -23.12 -21.41 0.53
N VAL G 120 -24.19 -22.18 0.37
CA VAL G 120 -24.95 -22.23 -0.87
C VAL G 120 -26.27 -21.49 -0.74
N SER G 121 -26.46 -20.45 -1.56
CA SER G 121 -27.70 -19.69 -1.55
C SER G 121 -27.86 -18.90 -2.84
N SER G 122 -29.10 -18.52 -3.14
CA SER G 122 -29.39 -17.75 -4.33
C SER G 122 -29.32 -16.27 -3.99
N ALA G 123 -29.16 -15.98 -2.69
CA ALA G 123 -29.06 -14.60 -2.21
C ALA G 123 -27.87 -13.87 -2.83
N LYS G 124 -28.07 -12.59 -3.11
CA LYS G 124 -27.01 -11.74 -3.62
C LYS G 124 -26.49 -10.84 -2.50
N THR G 125 -25.27 -10.36 -2.63
CA THR G 125 -24.69 -9.51 -1.60
C THR G 125 -25.59 -8.31 -1.32
N THR G 126 -26.04 -8.20 -0.08
CA THR G 126 -26.98 -7.15 0.32
C THR G 126 -26.50 -6.51 1.63
N PRO G 127 -26.41 -5.17 1.67
CA PRO G 127 -25.98 -4.48 2.89
C PRO G 127 -26.98 -4.61 4.04
N PRO G 128 -26.50 -4.51 5.29
CA PRO G 128 -27.34 -4.60 6.49
C PRO G 128 -28.08 -3.30 6.81
N SER G 129 -29.28 -3.41 7.35
CA SER G 129 -29.96 -2.25 7.92
C SER G 129 -29.73 -2.26 9.42
N VAL G 130 -29.30 -1.14 9.96
CA VAL G 130 -28.95 -1.08 11.38
C VAL G 130 -29.93 -0.20 12.13
N TYR G 131 -30.59 -0.78 13.13
CA TYR G 131 -31.63 -0.08 13.85
C TYR G 131 -31.30 0.01 15.34
N PRO G 132 -31.41 1.20 15.92
CA PRO G 132 -31.11 1.38 17.35
C PRO G 132 -32.21 0.78 18.23
N LEU G 133 -31.82 0.12 19.32
CA LEU G 133 -32.79 -0.42 20.27
C LEU G 133 -32.71 0.34 21.59
N ALA G 134 -33.64 1.26 21.78
CA ALA G 134 -33.77 2.01 23.03
C ALA G 134 -35.05 1.59 23.73
N PRO G 135 -35.04 1.56 25.08
CA PRO G 135 -36.25 1.16 25.82
C PRO G 135 -37.42 2.12 25.63
N GLY G 136 -38.62 1.69 26.02
CA GLY G 136 -39.81 2.51 25.88
C GLY G 136 -40.05 3.43 27.06
N SER G 137 -40.96 4.39 26.89
CA SER G 137 -41.27 5.39 27.91
C SER G 137 -40.04 5.76 28.74
N THR G 141 -37.24 1.70 35.85
CA THR G 141 -35.81 1.98 35.74
C THR G 141 -35.04 1.40 36.92
N ASN G 142 -33.99 0.62 36.63
CA ASN G 142 -33.07 0.15 37.65
C ASN G 142 -31.67 0.76 37.48
N SER G 143 -30.75 0.34 38.34
CA SER G 143 -29.38 0.86 38.33
C SER G 143 -28.67 0.65 37.00
N MET G 144 -29.01 -0.44 36.31
CA MET G 144 -28.38 -0.76 35.04
C MET G 144 -29.40 -0.63 33.93
N VAL G 145 -28.94 -0.37 32.71
CA VAL G 145 -29.83 -0.27 31.57
C VAL G 145 -29.22 -0.99 30.38
N THR G 146 -30.07 -1.70 29.65
CA THR G 146 -29.60 -2.51 28.54
C THR G 146 -30.01 -1.86 27.22
N LEU G 147 -29.05 -1.75 26.32
CA LEU G 147 -29.29 -1.22 24.98
C LEU G 147 -28.87 -2.26 23.97
N GLY G 148 -29.00 -1.92 22.70
CA GLY G 148 -28.60 -2.81 21.63
C GLY G 148 -28.90 -2.20 20.29
N CYS G 149 -28.43 -2.86 19.23
CA CYS G 149 -28.79 -2.45 17.90
C CYS G 149 -29.00 -3.70 17.04
N LEU G 150 -30.10 -3.70 16.31
CA LEU G 150 -30.51 -4.83 15.48
C LEU G 150 -29.95 -4.65 14.07
N VAL G 151 -29.21 -5.66 13.60
CA VAL G 151 -28.63 -5.63 12.26
C VAL G 151 -29.38 -6.62 11.38
N LYS G 152 -30.04 -6.11 10.34
CA LYS G 152 -31.02 -6.90 9.62
C LYS G 152 -30.84 -6.93 8.09
N GLY G 153 -31.13 -8.10 7.52
CA GLY G 153 -31.21 -8.30 6.09
C GLY G 153 -29.89 -8.10 5.36
N TYR G 154 -28.83 -8.72 5.87
CA TYR G 154 -27.53 -8.60 5.22
C TYR G 154 -27.05 -9.95 4.69
N PHE G 155 -26.14 -9.90 3.72
CA PHE G 155 -25.55 -11.09 3.14
C PHE G 155 -24.31 -10.75 2.33
N PRO G 156 -23.26 -11.59 2.44
CA PRO G 156 -23.23 -12.77 3.30
C PRO G 156 -22.64 -12.42 4.66
N GLU G 157 -22.31 -13.44 5.45
CA GLU G 157 -21.55 -13.25 6.67
C GLU G 157 -20.11 -12.95 6.29
N PRO G 158 -19.35 -12.35 7.22
CA PRO G 158 -19.80 -11.96 8.55
C PRO G 158 -20.13 -10.48 8.61
N VAL G 159 -20.62 -10.05 9.77
CA VAL G 159 -20.75 -8.64 10.06
C VAL G 159 -20.11 -8.43 11.44
N THR G 160 -19.53 -7.26 11.66
CA THR G 160 -18.83 -6.98 12.91
C THR G 160 -19.53 -5.89 13.69
N VAL G 161 -19.69 -6.11 14.99
CA VAL G 161 -20.35 -5.13 15.84
C VAL G 161 -19.50 -4.76 17.05
N THR G 162 -19.34 -3.45 17.27
CA THR G 162 -18.63 -2.92 18.42
C THR G 162 -19.45 -1.81 19.04
N TRP G 163 -19.02 -1.34 20.20
CA TRP G 163 -19.72 -0.24 20.88
C TRP G 163 -18.79 0.92 21.23
N ASN G 164 -19.15 2.10 20.75
CA ASN G 164 -18.32 3.29 20.89
C ASN G 164 -16.89 3.02 20.44
N SER G 165 -16.77 2.36 19.29
CA SER G 165 -15.46 2.09 18.68
C SER G 165 -14.60 1.18 19.56
N GLY G 166 -15.23 0.37 20.39
CA GLY G 166 -14.52 -0.60 21.21
C GLY G 166 -14.29 -0.17 22.65
N SER G 167 -14.64 1.06 22.98
CA SER G 167 -14.42 1.58 24.33
C SER G 167 -15.26 0.83 25.37
N LEU G 168 -16.31 0.16 24.88
CA LEU G 168 -17.17 -0.68 25.72
C LEU G 168 -17.11 -2.14 25.27
N SER G 169 -16.20 -2.89 25.89
CA SER G 169 -16.04 -4.31 25.58
C SER G 169 -16.83 -5.21 26.54
N SER G 170 -17.27 -4.68 27.67
CA SER G 170 -17.93 -5.49 28.68
C SER G 170 -19.44 -5.52 28.46
N GLY G 171 -20.21 -5.89 29.48
CA GLY G 171 -21.66 -5.98 29.38
C GLY G 171 -22.25 -6.13 27.98
N VAL G 172 -21.47 -6.62 27.02
CA VAL G 172 -21.93 -6.75 25.65
C VAL G 172 -22.15 -8.22 25.27
N HIS G 173 -23.25 -8.48 24.59
CA HIS G 173 -23.53 -9.79 24.03
C HIS G 173 -23.92 -9.63 22.57
N THR G 174 -23.11 -10.18 21.67
CA THR G 174 -23.44 -10.15 20.25
C THR G 174 -23.81 -11.55 19.83
N PHE G 175 -25.01 -11.69 19.28
CA PHE G 175 -25.58 -13.00 19.02
C PHE G 175 -25.28 -13.51 17.62
N PRO G 176 -25.14 -14.84 17.49
CA PRO G 176 -24.96 -15.50 16.20
C PRO G 176 -26.10 -15.15 15.25
N ALA G 177 -25.78 -14.97 13.97
CA ALA G 177 -26.81 -14.63 13.00
C ALA G 177 -27.72 -15.82 12.74
N VAL G 178 -28.95 -15.52 12.36
CA VAL G 178 -29.93 -16.53 11.96
C VAL G 178 -30.40 -16.20 10.57
N LEU G 179 -30.83 -17.23 9.84
CA LEU G 179 -31.19 -17.07 8.44
C LEU G 179 -32.69 -16.86 8.25
N GLU G 180 -33.05 -15.74 7.62
CA GLU G 180 -34.45 -15.46 7.29
C GLU G 180 -34.59 -15.01 5.85
N SER G 181 -35.33 -15.80 5.06
CA SER G 181 -35.54 -15.48 3.66
C SER G 181 -34.22 -15.19 2.96
N ASP G 182 -33.24 -16.06 3.17
CA ASP G 182 -31.99 -15.98 2.44
C ASP G 182 -31.16 -14.76 2.85
N LEU G 183 -31.55 -14.13 3.95
CA LEU G 183 -30.84 -12.97 4.48
C LEU G 183 -30.49 -13.21 5.95
N TYR G 184 -29.32 -12.72 6.38
CA TYR G 184 -28.89 -12.92 7.77
C TYR G 184 -29.32 -11.79 8.67
N THR G 185 -29.49 -12.13 9.95
CA THR G 185 -29.91 -11.15 10.94
C THR G 185 -29.32 -11.47 12.30
N LEU G 186 -28.86 -10.44 12.99
CA LEU G 186 -28.40 -10.60 14.35
C LEU G 186 -28.64 -9.31 15.12
N SER G 187 -28.39 -9.37 16.42
CA SER G 187 -28.50 -8.20 17.28
C SER G 187 -27.37 -8.25 18.30
N SER G 188 -27.04 -7.10 18.87
CA SER G 188 -26.04 -7.05 19.93
C SER G 188 -26.56 -6.21 21.08
N SER G 189 -26.32 -6.67 22.30
CA SER G 189 -26.75 -5.97 23.49
C SER G 189 -25.54 -5.33 24.16
N VAL G 190 -25.79 -4.22 24.86
CA VAL G 190 -24.77 -3.57 25.67
C VAL G 190 -25.39 -3.01 26.94
N THR G 191 -24.78 -3.32 28.08
CA THR G 191 -25.30 -2.89 29.38
C THR G 191 -24.38 -1.90 30.08
N VAL G 192 -24.97 -0.82 30.57
CA VAL G 192 -24.25 0.22 31.28
C VAL G 192 -25.00 0.55 32.55
N PRO G 193 -24.32 1.17 33.53
CA PRO G 193 -25.11 1.68 34.64
C PRO G 193 -26.13 2.64 34.04
N SER G 194 -27.20 2.98 34.77
CA SER G 194 -28.22 3.84 34.20
C SER G 194 -27.87 5.29 34.49
N SER G 195 -26.78 5.49 35.24
CA SER G 195 -26.25 6.81 35.50
C SER G 195 -25.71 7.50 34.24
N PRO G 196 -24.85 6.78 33.48
CA PRO G 196 -24.16 7.38 32.35
C PRO G 196 -24.92 7.13 31.06
N ARG G 197 -26.19 7.47 30.94
CA ARG G 197 -26.85 7.15 29.68
C ARG G 197 -28.27 7.67 29.38
N PRO G 198 -28.44 8.99 29.37
CA PRO G 198 -28.63 9.48 28.02
C PRO G 198 -27.55 10.52 27.87
N SER G 199 -26.65 10.51 28.85
CA SER G 199 -25.90 11.69 29.28
C SER G 199 -24.61 11.75 28.49
N GLU G 200 -24.00 10.58 28.29
CA GLU G 200 -22.90 10.45 27.36
C GLU G 200 -23.26 9.36 26.35
N THR G 201 -22.66 9.47 25.18
CA THR G 201 -23.10 8.74 24.01
C THR G 201 -22.79 7.24 24.02
N VAL G 202 -23.76 6.46 23.56
CA VAL G 202 -23.58 5.04 23.32
C VAL G 202 -23.93 4.76 21.87
N THR G 203 -22.97 4.20 21.13
CA THR G 203 -23.13 3.98 19.69
C THR G 203 -22.73 2.57 19.30
N CYS G 204 -23.58 1.89 18.54
CA CYS G 204 -23.20 0.59 17.99
C CYS G 204 -22.60 0.82 16.61
N ASN G 205 -21.50 0.14 16.35
CA ASN G 205 -20.77 0.28 15.09
C ASN G 205 -20.83 -1.02 14.31
N VAL G 206 -21.48 -1.00 13.15
CA VAL G 206 -21.63 -2.20 12.34
C VAL G 206 -20.75 -2.14 11.11
N ALA G 207 -20.04 -3.24 10.83
CA ALA G 207 -19.23 -3.34 9.62
C ALA G 207 -19.62 -4.58 8.83
N HIS G 208 -19.80 -4.41 7.52
CA HIS G 208 -20.09 -5.52 6.60
C HIS G 208 -19.16 -5.38 5.40
N PRO G 209 -17.93 -5.91 5.53
CA PRO G 209 -16.86 -5.75 4.52
C PRO G 209 -17.27 -6.15 3.12
N ALA G 210 -18.10 -7.20 2.99
CA ALA G 210 -18.50 -7.71 1.69
C ALA G 210 -19.15 -6.63 0.83
N SER G 211 -19.93 -5.76 1.46
CA SER G 211 -20.57 -4.64 0.78
C SER G 211 -19.81 -3.32 1.02
N SER G 212 -18.69 -3.42 1.72
CA SER G 212 -17.82 -2.27 2.02
C SER G 212 -18.59 -1.12 2.67
N THR G 213 -19.36 -1.45 3.69
CA THR G 213 -20.16 -0.48 4.42
C THR G 213 -19.81 -0.46 5.91
N LYS G 214 -19.78 0.74 6.47
CA LYS G 214 -19.61 0.90 7.91
C LYS G 214 -20.70 1.86 8.36
N VAL G 215 -21.41 1.48 9.43
CA VAL G 215 -22.52 2.30 9.90
C VAL G 215 -22.44 2.49 11.41
N ASP G 216 -22.72 3.71 11.84
CA ASP G 216 -22.72 4.05 13.26
C ASP G 216 -24.07 4.61 13.69
N LYS G 217 -24.79 3.85 14.51
CA LYS G 217 -26.06 4.33 15.05
C LYS G 217 -25.95 4.65 16.52
N LYS G 218 -25.96 5.93 16.82
CA LYS G 218 -25.98 6.39 18.19
C LYS G 218 -27.35 6.09 18.79
N ILE G 219 -27.36 5.51 19.97
CA ILE G 219 -28.60 5.15 20.63
C ILE G 219 -29.08 6.35 21.44
N VAL G 220 -30.30 6.80 21.12
CA VAL G 220 -30.84 7.99 21.74
C VAL G 220 -32.21 7.65 22.30
N PRO G 221 -32.57 8.23 23.46
CA PRO G 221 -33.85 7.81 24.02
C PRO G 221 -35.00 8.27 23.16
N ARG G 222 -36.05 7.46 23.09
CA ARG G 222 -37.23 7.83 22.32
C ARG G 222 -38.16 8.55 23.29
N ASP G 223 -38.51 9.79 23.00
CA ASP G 223 -39.46 10.48 23.85
C ASP G 223 -40.74 10.55 23.03
N CYS G 224 -41.80 11.10 23.59
CA CYS G 224 -43.06 11.18 22.86
C CYS G 224 -43.46 12.59 22.49
N GLY G 225 -44.01 12.75 21.30
CA GLY G 225 -44.47 14.04 20.77
C GLY G 225 -43.93 14.31 19.39
N ASP H 1 -25.34 -49.95 8.24
CA ASP H 1 -24.10 -49.27 7.74
C ASP H 1 -23.24 -48.81 8.91
N ILE H 2 -23.39 -49.47 10.06
CA ILE H 2 -22.60 -49.13 11.24
C ILE H 2 -22.81 -47.67 11.58
N GLN H 3 -23.82 -47.40 12.41
CA GLN H 3 -24.14 -46.05 12.80
C GLN H 3 -23.68 -45.85 14.23
N MET H 4 -22.93 -44.79 14.45
CA MET H 4 -22.37 -44.50 15.77
C MET H 4 -23.20 -43.37 16.39
N THR H 5 -23.72 -43.62 17.58
CA THR H 5 -24.60 -42.67 18.24
C THR H 5 -24.03 -42.28 19.60
N GLN H 6 -24.19 -41.00 19.93
CA GLN H 6 -23.81 -40.49 21.23
C GLN H 6 -25.04 -39.90 21.90
N THR H 7 -25.67 -40.71 22.75
CA THR H 7 -26.97 -40.39 23.33
C THR H 7 -27.02 -38.99 23.93
N THR H 8 -25.94 -38.58 24.57
CA THR H 8 -25.86 -37.28 25.23
C THR H 8 -25.25 -36.21 24.34
N SER H 9 -26.05 -35.23 23.94
CA SER H 9 -25.59 -34.13 23.10
C SER H 9 -24.76 -33.13 23.90
N SER H 10 -25.18 -32.87 25.14
CA SER H 10 -24.48 -31.92 26.01
C SER H 10 -24.28 -32.48 27.41
N LEU H 11 -23.17 -32.09 28.03
CA LEU H 11 -22.76 -32.63 29.32
C LEU H 11 -22.19 -31.53 30.18
N SER H 12 -22.65 -31.43 31.43
CA SER H 12 -22.18 -30.38 32.33
C SER H 12 -21.33 -30.95 33.46
N ALA H 13 -20.21 -30.29 33.74
CA ALA H 13 -19.33 -30.72 34.82
C ALA H 13 -18.51 -29.54 35.34
N SER H 14 -17.84 -29.75 36.48
CA SER H 14 -16.98 -28.74 37.07
C SER H 14 -15.50 -29.08 36.87
N LEU H 15 -14.64 -28.07 37.07
CA LEU H 15 -13.20 -28.24 36.96
C LEU H 15 -12.65 -29.20 38.00
N GLY H 16 -11.81 -30.14 37.55
CA GLY H 16 -11.18 -31.09 38.44
C GLY H 16 -11.99 -32.36 38.55
N ASP H 17 -13.26 -32.30 38.13
CA ASP H 17 -14.14 -33.44 38.22
C ASP H 17 -13.81 -34.47 37.14
N ARG H 18 -14.21 -35.71 37.38
CA ARG H 18 -14.03 -36.77 36.39
C ARG H 18 -15.29 -36.88 35.55
N VAL H 19 -15.14 -36.75 34.23
CA VAL H 19 -16.26 -36.88 33.30
C VAL H 19 -16.05 -38.01 32.29
N THR H 20 -17.14 -38.66 31.91
CA THR H 20 -17.07 -39.80 30.98
C THR H 20 -18.07 -39.63 29.84
N ILE H 21 -17.60 -39.68 28.60
CA ILE H 21 -18.47 -39.57 27.43
C ILE H 21 -18.64 -40.94 26.79
N SER H 22 -19.86 -41.25 26.37
CA SER H 22 -20.19 -42.58 25.84
C SER H 22 -20.45 -42.57 24.34
N CYS H 23 -20.14 -43.70 23.72
CA CYS H 23 -20.38 -43.92 22.30
C CYS H 23 -20.90 -45.34 22.11
N ARG H 24 -21.85 -45.53 21.20
CA ARG H 24 -22.43 -46.84 20.96
C ARG H 24 -22.40 -47.13 19.45
N ALA H 25 -22.18 -48.38 19.07
CA ALA H 25 -22.19 -48.77 17.66
C ALA H 25 -23.40 -49.67 17.37
N SER H 26 -23.85 -49.68 16.11
CA SER H 26 -25.02 -50.48 15.75
C SER H 26 -24.67 -51.95 15.57
N GLN H 27 -23.38 -52.24 15.51
CA GLN H 27 -22.90 -53.61 15.48
C GLN H 27 -21.49 -53.67 16.06
N ASP H 28 -20.98 -54.87 16.31
CA ASP H 28 -19.66 -55.04 16.90
C ASP H 28 -18.58 -54.49 15.95
N ILE H 29 -17.82 -53.53 16.44
CA ILE H 29 -16.74 -52.91 15.68
C ILE H 29 -15.39 -53.43 16.18
N SER H 30 -15.44 -54.44 17.02
CA SER H 30 -14.24 -55.21 17.39
C SER H 30 -13.13 -54.33 17.96
N ASN H 31 -13.49 -53.44 18.88
CA ASN H 31 -12.52 -52.63 19.60
C ASN H 31 -11.77 -51.61 18.73
N TYR H 32 -12.16 -51.50 17.45
CA TYR H 32 -11.60 -50.46 16.58
C TYR H 32 -12.43 -49.19 16.74
N LEU H 33 -12.01 -48.34 17.65
CA LEU H 33 -12.77 -47.15 18.00
C LEU H 33 -11.78 -46.05 18.36
N THR H 34 -12.07 -44.84 17.91
CA THR H 34 -11.16 -43.71 18.10
C THR H 34 -11.91 -42.50 18.60
N TRP H 35 -11.27 -41.71 19.45
CA TRP H 35 -11.89 -40.52 20.03
C TRP H 35 -11.21 -39.23 19.55
N TYR H 36 -12.03 -38.20 19.33
CA TYR H 36 -11.51 -36.91 18.88
C TYR H 36 -11.98 -35.77 19.76
N GLN H 37 -11.20 -34.69 19.75
CA GLN H 37 -11.53 -33.47 20.48
C GLN H 37 -11.62 -32.30 19.51
N GLN H 38 -12.78 -31.65 19.48
CA GLN H 38 -13.00 -30.48 18.63
C GLN H 38 -13.28 -29.24 19.47
N LYS H 39 -12.32 -28.33 19.54
CA LYS H 39 -12.54 -27.08 20.27
C LYS H 39 -13.35 -26.10 19.44
N PRO H 40 -13.95 -25.10 20.09
CA PRO H 40 -14.78 -24.05 19.45
C PRO H 40 -14.15 -23.40 18.23
N ASP H 41 -12.87 -23.03 18.32
CA ASP H 41 -12.16 -22.48 17.17
C ASP H 41 -12.33 -23.37 15.94
N GLY H 42 -12.60 -24.66 16.17
CA GLY H 42 -12.86 -25.60 15.09
C GLY H 42 -11.77 -26.62 14.85
N THR H 43 -10.69 -26.55 15.63
CA THR H 43 -9.56 -27.46 15.41
C THR H 43 -9.88 -28.83 15.97
N VAL H 44 -9.32 -29.86 15.33
CA VAL H 44 -9.58 -31.23 15.73
C VAL H 44 -8.28 -31.90 16.13
N LYS H 45 -8.33 -32.67 17.20
CA LYS H 45 -7.15 -33.40 17.65
C LYS H 45 -7.55 -34.82 18.02
N LEU H 46 -6.73 -35.79 17.62
CA LEU H 46 -7.00 -37.18 17.95
C LEU H 46 -6.52 -37.45 19.37
N LEU H 47 -7.34 -38.15 20.15
CA LEU H 47 -7.02 -38.42 21.56
C LEU H 47 -6.63 -39.87 21.80
N ILE H 48 -7.54 -40.77 21.44
CA ILE H 48 -7.38 -42.19 21.73
C ILE H 48 -7.77 -43.05 20.54
N TYR H 49 -7.01 -44.11 20.32
CA TYR H 49 -7.29 -45.05 19.23
C TYR H 49 -7.35 -46.49 19.76
N TYR H 50 -7.96 -47.37 18.98
CA TYR H 50 -8.15 -48.75 19.41
C TYR H 50 -8.73 -48.81 20.82
N THR H 51 -9.61 -47.86 21.12
CA THR H 51 -10.45 -47.91 22.31
C THR H 51 -9.74 -47.49 23.60
N SER H 52 -8.46 -47.80 23.73
CA SER H 52 -7.73 -47.57 24.98
C SER H 52 -6.35 -46.98 24.73
N LYS H 53 -5.94 -46.88 23.47
CA LYS H 53 -4.58 -46.45 23.14
C LYS H 53 -4.47 -44.94 23.03
N LEU H 54 -3.63 -44.37 23.89
CA LEU H 54 -3.44 -42.94 23.94
C LEU H 54 -2.43 -42.51 22.88
N HIS H 55 -2.83 -41.50 22.10
CA HIS H 55 -1.99 -41.01 21.01
C HIS H 55 -0.86 -40.15 21.57
N SER H 56 0.26 -40.10 20.86
CA SER H 56 1.41 -39.33 21.31
C SER H 56 1.08 -37.84 21.47
N GLY H 57 1.53 -37.26 22.58
CA GLY H 57 1.33 -35.83 22.82
C GLY H 57 0.10 -35.51 23.65
N VAL H 58 -0.70 -36.52 23.95
CA VAL H 58 -1.93 -36.32 24.73
C VAL H 58 -1.69 -36.51 26.23
N PRO H 59 -2.26 -35.61 27.06
CA PRO H 59 -2.15 -35.72 28.51
C PRO H 59 -2.71 -37.04 29.05
N SER H 60 -2.14 -37.51 30.16
CA SER H 60 -2.47 -38.83 30.70
C SER H 60 -3.84 -38.83 31.39
N ARG H 61 -4.42 -37.66 31.61
CA ARG H 61 -5.73 -37.55 32.23
C ARG H 61 -6.82 -38.07 31.30
N PHE H 62 -6.48 -38.29 30.04
CA PHE H 62 -7.41 -38.88 29.09
C PHE H 62 -7.29 -40.40 29.09
N SER H 63 -8.43 -41.08 29.09
CA SER H 63 -8.46 -42.53 29.09
C SER H 63 -9.66 -43.02 28.27
N GLY H 64 -9.60 -44.27 27.83
CA GLY H 64 -10.67 -44.82 27.04
C GLY H 64 -10.92 -46.27 27.41
N SER H 65 -12.16 -46.73 27.23
CA SER H 65 -12.52 -48.10 27.56
C SER H 65 -13.69 -48.54 26.70
N GLY H 66 -14.07 -49.81 26.81
CA GLY H 66 -15.22 -50.33 26.11
C GLY H 66 -14.91 -51.57 25.28
N SER H 67 -15.97 -52.19 24.77
CA SER H 67 -15.83 -53.38 23.94
C SER H 67 -17.13 -53.61 23.18
N GLY H 68 -17.06 -54.44 22.14
CA GLY H 68 -18.23 -54.79 21.38
C GLY H 68 -18.91 -53.58 20.77
N THR H 69 -20.05 -53.20 21.36
CA THR H 69 -20.88 -52.15 20.81
C THR H 69 -20.76 -50.86 21.62
N ASP H 70 -20.31 -50.97 22.87
CA ASP H 70 -20.24 -49.83 23.78
C ASP H 70 -18.81 -49.38 24.10
N TYR H 71 -18.58 -48.07 24.03
CA TYR H 71 -17.27 -47.51 24.33
C TYR H 71 -17.38 -46.20 25.09
N SER H 72 -16.32 -45.82 25.80
CA SER H 72 -16.37 -44.66 26.67
C SER H 72 -15.04 -43.91 26.75
N LEU H 73 -15.13 -42.58 26.83
CA LEU H 73 -13.96 -41.73 26.98
C LEU H 73 -13.99 -41.08 28.35
N THR H 74 -12.83 -41.03 29.01
CA THR H 74 -12.76 -40.49 30.36
C THR H 74 -11.72 -39.39 30.52
N ILE H 75 -12.10 -38.32 31.21
CA ILE H 75 -11.17 -37.25 31.59
C ILE H 75 -11.14 -37.16 33.11
N SER H 76 -9.99 -37.50 33.69
CA SER H 76 -9.88 -37.63 35.15
C SER H 76 -9.95 -36.30 35.88
N ASN H 77 -9.13 -35.34 35.46
CA ASN H 77 -9.09 -34.03 36.09
C ASN H 77 -9.36 -32.96 35.06
N LEU H 78 -10.62 -32.53 35.00
CA LEU H 78 -11.05 -31.59 33.98
C LEU H 78 -10.36 -30.25 34.13
N GLU H 79 -9.81 -29.75 33.03
CA GLU H 79 -9.20 -28.43 32.99
C GLU H 79 -10.02 -27.56 32.05
N GLN H 80 -9.76 -26.26 32.05
CA GLN H 80 -10.59 -25.35 31.28
C GLN H 80 -10.48 -25.61 29.78
N GLU H 81 -9.28 -25.98 29.33
CA GLU H 81 -9.06 -26.23 27.90
C GLU H 81 -9.63 -27.57 27.48
N ASP H 82 -10.14 -28.34 28.43
CA ASP H 82 -10.76 -29.62 28.11
C ASP H 82 -12.22 -29.41 27.74
N VAL H 83 -12.65 -28.14 27.75
CA VAL H 83 -14.01 -27.79 27.34
C VAL H 83 -14.11 -27.81 25.83
N ALA H 84 -14.79 -28.81 25.29
CA ALA H 84 -14.86 -28.97 23.85
C ALA H 84 -15.96 -29.93 23.45
N ASN H 85 -16.02 -30.23 22.15
CA ASN H 85 -16.91 -31.24 21.64
C ASN H 85 -16.12 -32.53 21.42
N TYR H 86 -16.58 -33.63 21.99
CA TYR H 86 -15.90 -34.90 21.85
C TYR H 86 -16.74 -35.89 21.05
N PHE H 87 -16.15 -36.48 20.03
CA PHE H 87 -16.86 -37.45 19.19
C PHE H 87 -16.01 -38.65 18.84
N CYS H 88 -16.70 -39.75 18.54
CA CYS H 88 -16.05 -41.02 18.23
C CYS H 88 -16.24 -41.36 16.76
N GLN H 89 -15.39 -42.25 16.26
CA GLN H 89 -15.60 -42.87 14.95
C GLN H 89 -15.06 -44.29 14.97
N GLN H 90 -15.70 -45.15 14.19
CA GLN H 90 -15.30 -46.55 14.10
C GLN H 90 -14.37 -46.78 12.92
N GLY H 91 -13.34 -47.60 13.15
CA GLY H 91 -12.36 -47.90 12.14
C GLY H 91 -12.39 -49.39 11.80
N ASN H 92 -13.54 -50.01 12.00
CA ASN H 92 -13.69 -51.43 11.73
C ASN H 92 -14.07 -51.67 10.27
N SER H 93 -15.00 -50.86 9.76
CA SER H 93 -15.51 -51.06 8.41
C SER H 93 -15.81 -49.74 7.68
N LEU H 94 -16.08 -49.85 6.39
CA LEU H 94 -16.44 -48.71 5.56
C LEU H 94 -17.96 -48.63 5.35
N PRO H 95 -18.48 -47.40 5.21
CA PRO H 95 -17.70 -46.17 5.30
C PRO H 95 -17.35 -45.83 6.73
N PRO H 96 -16.32 -45.00 6.94
CA PRO H 96 -16.06 -44.53 8.30
C PRO H 96 -17.24 -43.72 8.80
N THR H 97 -17.65 -43.95 10.05
CA THR H 97 -18.81 -43.27 10.60
C THR H 97 -18.47 -42.67 11.95
N PHE H 98 -19.12 -41.55 12.26
CA PHE H 98 -18.81 -40.78 13.45
C PHE H 98 -20.05 -40.62 14.30
N GLY H 99 -19.84 -40.26 15.57
CA GLY H 99 -20.96 -39.95 16.44
C GLY H 99 -21.29 -38.48 16.28
N GLY H 100 -22.47 -38.08 16.72
CA GLY H 100 -22.92 -36.71 16.59
C GLY H 100 -22.09 -35.77 17.45
N GLY H 101 -21.39 -36.33 18.42
CA GLY H 101 -20.55 -35.55 19.30
C GLY H 101 -21.24 -35.27 20.62
N THR H 102 -20.43 -35.00 21.64
CA THR H 102 -20.92 -34.65 22.95
C THR H 102 -20.22 -33.36 23.36
N LYS H 103 -21.01 -32.30 23.56
CA LYS H 103 -20.47 -31.01 23.92
C LYS H 103 -20.25 -30.96 25.42
N LEU H 104 -19.05 -30.57 25.83
CA LEU H 104 -18.72 -30.50 27.24
C LEU H 104 -18.87 -29.05 27.71
N GLU H 105 -19.65 -28.82 28.76
CA GLU H 105 -19.84 -27.48 29.30
C GLU H 105 -19.55 -27.40 30.80
N ILE H 106 -19.33 -26.18 31.28
CA ILE H 106 -18.96 -25.96 32.67
C ILE H 106 -20.18 -25.75 33.57
N LYS H 107 -20.01 -26.09 34.85
CA LYS H 107 -21.08 -26.04 35.82
C LYS H 107 -20.93 -24.87 36.78
N ARG H 108 -22.03 -24.20 37.09
CA ARG H 108 -22.02 -23.03 37.97
C ARG H 108 -23.37 -22.83 38.65
N ALA H 109 -23.44 -21.86 39.57
CA ALA H 109 -24.68 -21.59 40.30
C ALA H 109 -25.78 -21.10 39.37
N ASP H 110 -26.99 -21.61 39.56
CA ASP H 110 -28.13 -21.19 38.76
C ASP H 110 -28.36 -19.68 38.88
N ALA H 111 -28.56 -19.03 37.74
CA ALA H 111 -28.77 -17.58 37.67
C ALA H 111 -29.96 -17.24 36.78
N ALA H 112 -30.80 -16.32 37.23
CA ALA H 112 -31.97 -15.93 36.47
C ALA H 112 -31.58 -14.97 35.34
N PRO H 113 -32.34 -14.99 34.24
CA PRO H 113 -32.05 -14.13 33.09
C PRO H 113 -32.42 -12.68 33.35
N THR H 114 -31.55 -11.77 32.92
CA THR H 114 -31.87 -10.34 32.98
C THR H 114 -32.59 -10.00 31.68
N VAL H 115 -33.89 -9.79 31.78
CA VAL H 115 -34.74 -9.62 30.60
C VAL H 115 -35.00 -8.16 30.26
N SER H 116 -34.91 -7.85 28.97
CA SER H 116 -35.18 -6.51 28.46
C SER H 116 -35.89 -6.62 27.12
N ILE H 117 -36.90 -5.79 26.93
CA ILE H 117 -37.68 -5.81 25.70
C ILE H 117 -37.57 -4.48 24.98
N PHE H 118 -37.59 -4.54 23.66
CA PHE H 118 -37.39 -3.34 22.84
C PHE H 118 -38.42 -3.28 21.72
N PRO H 119 -39.26 -2.23 21.73
CA PRO H 119 -40.17 -1.97 20.62
C PRO H 119 -39.41 -1.63 19.35
N PRO H 120 -40.04 -1.84 18.18
CA PRO H 120 -39.42 -1.50 16.89
C PRO H 120 -38.98 -0.05 16.83
N SER H 121 -37.86 0.18 16.16
CA SER H 121 -37.35 1.53 15.95
C SER H 121 -38.23 2.28 14.96
N SER H 122 -38.28 3.59 15.09
CA SER H 122 -38.99 4.43 14.15
C SER H 122 -38.35 4.31 12.77
N GLU H 123 -37.08 3.94 12.75
CA GLU H 123 -36.30 3.85 11.51
CA GLU H 123 -36.31 3.86 11.50
C GLU H 123 -36.69 2.62 10.70
N GLN H 124 -37.08 1.57 11.40
CA GLN H 124 -37.48 0.32 10.75
C GLN H 124 -38.91 0.40 10.22
N LEU H 125 -39.73 1.21 10.89
CA LEU H 125 -41.13 1.39 10.49
C LEU H 125 -41.24 2.13 9.16
N THR H 126 -40.24 2.96 8.85
CA THR H 126 -40.21 3.65 7.57
C THR H 126 -40.01 2.65 6.43
N SER H 127 -39.47 1.49 6.76
CA SER H 127 -39.23 0.43 5.78
C SER H 127 -40.45 -0.44 5.59
N GLY H 128 -41.36 -0.40 6.56
CA GLY H 128 -42.59 -1.16 6.46
C GLY H 128 -42.62 -2.35 7.41
N GLY H 129 -41.48 -2.64 8.05
CA GLY H 129 -41.40 -3.78 8.95
C GLY H 129 -41.38 -3.39 10.41
N ALA H 130 -41.54 -4.37 11.29
CA ALA H 130 -41.57 -4.14 12.73
C ALA H 130 -40.96 -5.32 13.48
N SER H 131 -39.81 -5.10 14.12
CA SER H 131 -39.16 -6.16 14.89
C SER H 131 -39.16 -5.84 16.38
N VAL H 132 -39.83 -6.69 17.16
CA VAL H 132 -39.80 -6.59 18.61
C VAL H 132 -38.73 -7.52 19.17
N VAL H 133 -37.73 -6.95 19.84
CA VAL H 133 -36.59 -7.73 20.31
C VAL H 133 -36.64 -7.92 21.83
N CYS H 134 -36.27 -9.13 22.26
CA CYS H 134 -36.23 -9.47 23.67
C CYS H 134 -34.88 -10.08 24.00
N PHE H 135 -34.15 -9.46 24.91
CA PHE H 135 -32.87 -10.00 25.36
C PHE H 135 -33.01 -10.74 26.70
N LEU H 136 -32.44 -11.94 26.76
CA LEU H 136 -32.36 -12.70 27.99
C LEU H 136 -30.90 -13.00 28.26
N ASN H 137 -30.29 -12.25 29.18
CA ASN H 137 -28.84 -12.29 29.33
C ASN H 137 -28.37 -12.89 30.66
N ASN H 138 -27.28 -13.66 30.56
CA ASN H 138 -26.55 -14.14 31.72
C ASN H 138 -27.38 -14.98 32.69
N PHE H 139 -27.84 -16.13 32.22
CA PHE H 139 -28.58 -17.09 33.03
C PHE H 139 -27.95 -18.47 32.95
N TYR H 140 -28.23 -19.31 33.94
CA TYR H 140 -27.82 -20.71 33.93
C TYR H 140 -28.84 -21.54 34.70
N PRO H 141 -29.14 -22.76 34.22
CA PRO H 141 -28.56 -23.41 33.04
C PRO H 141 -29.11 -22.89 31.72
N LYS H 142 -28.63 -23.49 30.63
CA LYS H 142 -28.91 -23.03 29.27
C LYS H 142 -30.32 -23.32 28.79
N ASP H 143 -30.95 -24.35 29.32
CA ASP H 143 -32.30 -24.71 28.90
C ASP H 143 -33.26 -23.59 29.32
N ILE H 144 -34.02 -23.09 28.35
CA ILE H 144 -34.95 -21.99 28.59
C ILE H 144 -35.98 -21.89 27.49
N ASN H 145 -37.15 -21.37 27.81
CA ASN H 145 -38.21 -21.18 26.83
C ASN H 145 -38.74 -19.76 26.85
N VAL H 146 -38.97 -19.21 25.66
CA VAL H 146 -39.49 -17.86 25.53
C VAL H 146 -40.85 -17.94 24.86
N LYS H 147 -41.76 -17.11 25.33
CA LYS H 147 -43.12 -17.12 24.83
C LYS H 147 -43.49 -15.73 24.34
N TRP H 148 -43.98 -15.65 23.11
CA TRP H 148 -44.44 -14.37 22.60
C TRP H 148 -45.94 -14.32 22.70
N LYS H 149 -46.45 -13.29 23.36
CA LYS H 149 -47.87 -13.12 23.52
C LYS H 149 -48.28 -11.76 23.01
N ILE H 150 -49.31 -11.74 22.16
CA ILE H 150 -49.85 -10.49 21.67
C ILE H 150 -51.26 -10.39 22.23
N ASP H 151 -51.51 -9.34 22.99
CA ASP H 151 -52.79 -9.20 23.67
C ASP H 151 -53.08 -10.47 24.46
N GLY H 152 -54.01 -11.29 23.98
CA GLY H 152 -54.34 -12.54 24.62
C GLY H 152 -53.79 -13.75 23.90
N SER H 153 -53.49 -13.60 22.61
CA SER H 153 -53.09 -14.75 21.81
C SER H 153 -51.59 -14.92 21.73
N GLU H 154 -51.15 -16.17 21.80
CA GLU H 154 -49.75 -16.54 21.67
C GLU H 154 -49.34 -16.43 20.20
N ARG H 155 -48.07 -16.14 19.95
CA ARG H 155 -47.58 -15.97 18.58
C ARG H 155 -46.31 -16.79 18.38
N GLN H 156 -46.32 -17.64 17.35
CA GLN H 156 -45.19 -18.52 17.10
C GLN H 156 -44.50 -18.22 15.76
N ASN H 157 -45.10 -17.35 14.96
CA ASN H 157 -44.54 -17.00 13.66
C ASN H 157 -43.81 -15.67 13.70
N GLY H 158 -42.61 -15.67 13.13
CA GLY H 158 -41.82 -14.45 13.03
C GLY H 158 -40.89 -14.37 14.22
N VAL H 159 -40.84 -15.43 15.02
CA VAL H 159 -39.97 -15.47 16.18
C VAL H 159 -38.70 -16.22 15.83
N LEU H 160 -37.58 -15.51 15.88
CA LEU H 160 -36.29 -16.11 15.65
C LEU H 160 -35.42 -15.96 16.88
N ASN H 161 -34.87 -17.07 17.34
CA ASN H 161 -34.02 -17.04 18.53
C ASN H 161 -32.57 -17.33 18.18
N SER H 162 -31.67 -16.84 19.03
CA SER H 162 -30.25 -17.08 18.86
C SER H 162 -29.61 -17.20 20.23
N TRP H 163 -28.80 -18.24 20.40
CA TRP H 163 -28.17 -18.50 21.67
C TRP H 163 -26.67 -18.28 21.54
N THR H 164 -26.05 -17.72 22.57
CA THR H 164 -24.61 -17.65 22.60
C THR H 164 -24.07 -18.98 23.10
N ASP H 165 -22.80 -19.25 22.81
CA ASP H 165 -22.13 -20.38 23.43
C ASP H 165 -21.86 -19.99 24.88
N GLN H 166 -21.52 -20.97 25.72
CA GLN H 166 -21.24 -20.69 27.11
C GLN H 166 -20.12 -19.68 27.22
N ASP H 167 -20.33 -18.65 28.02
CA ASP H 167 -19.31 -17.62 28.21
C ASP H 167 -18.13 -18.24 28.96
N SER H 168 -16.94 -18.08 28.41
CA SER H 168 -15.74 -18.71 28.99
C SER H 168 -15.25 -17.99 30.24
N LYS H 169 -15.96 -16.95 30.68
CA LYS H 169 -15.53 -16.14 31.82
C LYS H 169 -16.45 -16.29 33.04
N ASP H 170 -17.75 -16.13 32.84
CA ASP H 170 -18.70 -16.23 33.93
C ASP H 170 -19.58 -17.47 33.76
N SER H 171 -19.29 -18.25 32.72
CA SER H 171 -19.95 -19.53 32.49
C SER H 171 -21.47 -19.40 32.39
N THR H 172 -21.95 -18.28 31.85
CA THR H 172 -23.37 -18.07 31.68
C THR H 172 -23.77 -18.17 30.21
N TYR H 173 -25.07 -18.15 29.97
CA TYR H 173 -25.60 -18.14 28.62
C TYR H 173 -26.45 -16.91 28.42
N SER H 174 -26.59 -16.50 27.17
CA SER H 174 -27.46 -15.37 26.84
C SER H 174 -28.21 -15.71 25.57
N MET H 175 -29.36 -15.06 25.38
CA MET H 175 -30.24 -15.40 24.28
C MET H 175 -31.03 -14.17 23.81
N SER H 176 -31.24 -14.07 22.51
CA SER H 176 -32.08 -13.01 21.96
C SER H 176 -33.28 -13.62 21.25
N SER H 177 -34.49 -13.17 21.59
CA SER H 177 -35.68 -13.63 20.90
C SER H 177 -36.28 -12.42 20.18
N THR H 178 -36.46 -12.56 18.87
CA THR H 178 -36.90 -11.44 18.05
C THR H 178 -38.17 -11.78 17.26
N LEU H 179 -39.23 -11.03 17.55
CA LEU H 179 -40.50 -11.21 16.85
C LEU H 179 -40.59 -10.23 15.70
N THR H 180 -40.77 -10.75 14.49
CA THR H 180 -40.79 -9.93 13.29
C THR H 180 -42.17 -9.92 12.66
N LEU H 181 -42.65 -8.72 12.35
CA LEU H 181 -43.95 -8.53 11.73
C LEU H 181 -43.84 -7.46 10.68
N THR H 182 -44.95 -7.14 10.04
CA THR H 182 -45.01 -6.01 9.12
C THR H 182 -45.66 -4.86 9.88
N LYS H 183 -45.58 -3.66 9.33
CA LYS H 183 -46.10 -2.47 10.01
C LYS H 183 -47.59 -2.57 10.31
N ASP H 184 -48.39 -2.97 9.33
CA ASP H 184 -49.83 -3.09 9.51
C ASP H 184 -50.22 -4.05 10.63
N GLU H 185 -49.56 -5.19 10.69
CA GLU H 185 -49.88 -6.20 11.67
C GLU H 185 -49.49 -5.68 13.05
N TYR H 186 -48.38 -4.95 13.10
CA TYR H 186 -47.90 -4.36 14.35
C TYR H 186 -48.89 -3.29 14.84
N GLU H 187 -49.43 -2.50 13.92
CA GLU H 187 -50.31 -1.39 14.27
C GLU H 187 -51.76 -1.81 14.58
N ARG H 188 -52.08 -3.08 14.34
CA ARG H 188 -53.43 -3.57 14.60
C ARG H 188 -53.52 -4.31 15.93
N HIS H 189 -52.43 -4.29 16.70
CA HIS H 189 -52.45 -4.85 18.04
C HIS H 189 -51.75 -3.91 19.02
N ASN H 190 -52.00 -4.11 20.32
CA ASN H 190 -51.51 -3.20 21.34
C ASN H 190 -50.49 -3.83 22.28
N SER H 191 -50.88 -4.88 22.99
CA SER H 191 -50.02 -5.49 24.00
C SER H 191 -49.03 -6.48 23.40
N TYR H 192 -47.75 -6.24 23.63
CA TYR H 192 -46.69 -7.15 23.20
C TYR H 192 -45.89 -7.59 24.42
N THR H 193 -45.81 -8.89 24.63
CA THR H 193 -45.21 -9.44 25.84
C THR H 193 -44.18 -10.51 25.54
N CYS H 194 -43.10 -10.52 26.32
CA CYS H 194 -42.06 -11.52 26.20
C CYS H 194 -41.91 -12.25 27.54
N GLU H 195 -42.34 -13.51 27.59
CA GLU H 195 -42.28 -14.28 28.84
C GLU H 195 -41.15 -15.29 28.83
N ALA H 196 -40.35 -15.31 29.89
CA ALA H 196 -39.24 -16.24 30.03
C ALA H 196 -39.42 -17.07 31.29
N THR H 197 -39.33 -18.38 31.14
CA THR H 197 -39.42 -19.30 32.27
C THR H 197 -38.09 -20.01 32.45
N HIS H 198 -37.63 -20.09 33.69
CA HIS H 198 -36.31 -20.64 33.98
C HIS H 198 -36.30 -21.42 35.29
N LYS H 199 -35.38 -22.38 35.39
CA LYS H 199 -35.22 -23.19 36.59
C LYS H 199 -35.15 -22.36 37.86
N THR H 200 -34.62 -21.15 37.74
CA THR H 200 -34.31 -20.31 38.90
C THR H 200 -35.56 -19.77 39.60
N SER H 201 -36.68 -19.79 38.90
CA SER H 201 -37.93 -19.27 39.46
C SER H 201 -39.14 -19.99 38.88
N THR H 202 -40.12 -20.24 39.74
CA THR H 202 -41.37 -20.84 39.30
C THR H 202 -42.18 -19.86 38.46
N SER H 203 -42.08 -18.57 38.77
CA SER H 203 -42.82 -17.54 38.03
C SER H 203 -42.06 -17.06 36.79
N PRO H 204 -42.75 -16.96 35.65
CA PRO H 204 -42.18 -16.44 34.41
C PRO H 204 -41.77 -14.98 34.49
N ILE H 205 -40.65 -14.65 33.85
CA ILE H 205 -40.20 -13.27 33.73
C ILE H 205 -40.98 -12.55 32.62
N VAL H 206 -41.71 -11.51 32.98
CA VAL H 206 -42.57 -10.84 32.01
C VAL H 206 -42.10 -9.42 31.73
N LYS H 207 -41.84 -9.14 30.45
CA LYS H 207 -41.56 -7.78 30.01
C LYS H 207 -42.49 -7.42 28.84
N SER H 208 -43.19 -6.31 28.98
CA SER H 208 -44.15 -5.92 27.96
C SER H 208 -44.11 -4.42 27.68
N PHE H 209 -44.84 -4.02 26.66
CA PHE H 209 -45.03 -2.62 26.35
C PHE H 209 -46.26 -2.47 25.46
N ASN H 210 -46.83 -1.28 25.47
CA ASN H 210 -47.98 -0.97 24.62
C ASN H 210 -47.62 0.09 23.57
N ARG H 211 -48.02 -0.18 22.34
CA ARG H 211 -47.68 0.69 21.21
C ARG H 211 -48.38 2.04 21.30
N ASN H 212 -49.55 2.08 21.94
CA ASN H 212 -50.34 3.31 22.03
C ASN H 212 -49.64 4.22 23.02
N GLU H 213 -49.07 3.60 24.07
CA GLU H 213 -48.36 4.31 25.11
C GLU H 213 -47.14 5.03 24.52
N CYS H 214 -46.75 6.11 25.17
CA CYS H 214 -45.55 6.85 24.78
C CYS H 214 -44.29 6.02 25.05
S SO4 I . 5.75 -41.49 13.43
O1 SO4 I . 4.30 -41.49 13.29
O2 SO4 I . 6.32 -42.51 12.56
O3 SO4 I . 6.26 -40.18 13.05
O4 SO4 I . 6.11 -41.80 14.82
S SO4 J . 6.92 -39.49 6.25
O1 SO4 J . 5.72 -39.50 7.07
O2 SO4 J . 6.99 -40.71 5.47
O3 SO4 J . 6.90 -38.34 5.34
O4 SO4 J . 8.08 -39.39 7.12
#